data_6GEF
#
_entry.id   6GEF
#
_cell.length_a   83.040
_cell.length_b   93.560
_cell.length_c   109.920
_cell.angle_alpha   103.900
_cell.angle_beta   101.980
_cell.angle_gamma   99.940
#
_symmetry.space_group_name_H-M   'P 1'
#
_entity_poly.entity_id   1
_entity_poly.type   'polypeptide(L)'
_entity_poly.pdbx_seq_one_letter_code
;MASWSHPQFEKIEGREPLHLPILEFKTEYRYPSTFEHEAQFKDTVLEFLAHEASDIIIKQGVAISAKVKGTLCTLSTRTL
NFNEIERIALWASGSSSVLTELASKKLINTRYEVFHPTKLTTGGQKQRFGYRVNISPVYIQGKTTAEIVMRSIPLDPLPL
ADIGLSPELVNQMCPDNGIVMVAGKTSSGKSTTFSSIIRYIMENDTPIKGHLLTHEDPIEFVYDNIKSAHSIIAQSQIPE
QFSSFAIANQEALRRTPNLIMIGELRDKQSIESAFEAANTGHPVFATVHSQNCSAVMRRLISRFDESVRGAAIYDLVETT
RFIMAQTLVRKTDGNLVAAREYLNFTTDIREQLLSLSDMGKVASEVRRLVDEFGHPFSLEAERLHSDGIIDGHVAKRLSM
MS
;
_entity_poly.pdbx_strand_id   A,B,C,D,E,F
#
# COMPACT_ATOMS: atom_id res chain seq x y z
N ARG A 15 38.23 17.20 49.25
CA ARG A 15 39.66 16.78 49.40
C ARG A 15 40.32 16.68 48.03
N GLU A 16 40.66 15.45 47.61
CA GLU A 16 41.56 15.24 46.51
C GLU A 16 41.13 14.04 45.65
N PRO A 17 39.82 13.83 45.52
CA PRO A 17 39.30 12.65 44.84
C PRO A 17 38.08 13.05 44.01
N LEU A 18 37.59 12.11 43.22
CA LEU A 18 36.79 12.47 42.05
C LEU A 18 35.44 13.04 42.45
N HIS A 19 34.94 13.98 41.65
CA HIS A 19 33.56 14.43 41.76
C HIS A 19 32.62 13.22 41.73
N LEU A 20 31.56 13.28 42.54
CA LEU A 20 30.68 12.16 42.75
C LEU A 20 29.29 12.72 43.04
N PRO A 21 28.23 11.97 42.73
CA PRO A 21 26.89 12.36 43.19
C PRO A 21 26.83 12.52 44.69
N ILE A 22 25.85 13.28 45.17
CA ILE A 22 25.74 13.50 46.61
C ILE A 22 25.52 12.15 47.29
N LEU A 23 26.16 11.96 48.45
CA LEU A 23 25.96 10.79 49.28
C LEU A 23 24.89 11.05 50.33
N GLU A 24 24.27 9.98 50.79
CA GLU A 24 23.05 10.04 51.57
C GLU A 24 23.28 9.41 52.95
N PHE A 25 22.62 9.97 53.96
CA PHE A 25 22.53 9.35 55.26
C PHE A 25 21.68 8.08 55.19
N LYS A 26 21.91 7.19 56.14
CA LYS A 26 21.42 5.83 56.07
C LYS A 26 20.47 5.54 57.24
N THR A 27 19.72 4.45 57.10
CA THR A 27 18.98 3.84 58.22
C THR A 27 19.35 2.36 58.32
N GLU A 28 20.10 2.01 59.34
CA GLU A 28 20.57 0.63 59.53
C GLU A 28 20.89 -0.07 58.19
N TYR A 29 21.99 0.31 57.60
CA TYR A 29 22.35 -0.14 56.27
C TYR A 29 23.85 -0.01 56.07
N ARG A 30 24.44 -1.00 55.42
CA ARG A 30 25.81 -0.91 54.93
C ARG A 30 25.82 -1.16 53.43
N TYR A 31 26.46 -0.29 52.67
CA TYR A 31 26.59 -0.53 51.25
C TYR A 31 27.54 -1.70 51.02
N PRO A 32 27.13 -2.73 50.27
CA PRO A 32 28.01 -3.87 50.06
C PRO A 32 29.24 -3.54 49.24
N SER A 33 30.40 -3.93 49.69
CA SER A 33 31.59 -3.91 48.85
C SER A 33 31.33 -4.58 47.51
N THR A 34 30.61 -5.69 47.50
CA THR A 34 30.12 -6.30 46.28
C THR A 34 28.68 -6.78 46.48
N PHE A 35 27.93 -6.81 45.40
CA PHE A 35 26.56 -7.31 45.41
C PHE A 35 26.56 -8.75 44.92
N GLU A 36 26.48 -9.71 45.88
CA GLU A 36 26.38 -11.11 45.55
C GLU A 36 25.10 -11.77 46.03
N HIS A 37 24.27 -11.08 46.83
CA HIS A 37 23.03 -11.63 47.32
C HIS A 37 21.90 -10.66 47.05
N GLU A 38 20.81 -11.18 46.47
CA GLU A 38 19.61 -10.35 46.26
C GLU A 38 19.15 -9.67 47.54
N ALA A 39 19.56 -10.20 48.70
CA ALA A 39 19.09 -9.67 49.97
C ALA A 39 19.64 -8.25 50.21
N GLN A 40 20.91 -8.01 49.86
CA GLN A 40 21.50 -6.72 50.03
C GLN A 40 21.10 -5.73 48.95
N PHE A 41 20.72 -6.21 47.77
CA PHE A 41 20.01 -5.36 46.81
C PHE A 41 18.65 -4.94 47.33
N LYS A 42 17.87 -5.87 47.86
CA LYS A 42 16.59 -5.53 48.49
C LYS A 42 16.79 -4.53 49.63
N ASP A 43 17.86 -4.71 50.41
CA ASP A 43 18.18 -3.74 51.45
C ASP A 43 18.60 -2.42 50.89
N THR A 44 19.20 -2.40 49.70
CA THR A 44 19.54 -1.14 49.03
C THR A 44 18.27 -0.42 48.60
N VAL A 45 17.32 -1.13 48.01
CA VAL A 45 16.09 -0.49 47.57
C VAL A 45 15.27 -0.07 48.75
N LEU A 46 15.29 -0.81 49.85
CA LEU A 46 14.61 -0.39 51.08
C LEU A 46 15.32 0.82 51.71
N GLU A 47 16.63 0.87 51.66
CA GLU A 47 17.35 2.05 52.11
C GLU A 47 16.95 3.28 51.28
N PHE A 48 16.99 3.16 49.97
CA PHE A 48 16.48 4.23 49.12
C PHE A 48 15.04 4.55 49.43
N LEU A 49 14.23 3.55 49.79
CA LEU A 49 12.81 3.78 50.04
C LEU A 49 12.58 4.54 51.31
N ALA A 50 13.40 4.33 52.34
CA ALA A 50 13.44 5.22 53.49
C ALA A 50 13.56 6.69 53.06
N HIS A 51 14.32 6.94 52.02
CA HIS A 51 14.56 8.30 51.54
C HIS A 51 13.49 8.82 50.59
N GLU A 52 12.48 8.00 50.26
CA GLU A 52 11.40 8.40 49.39
C GLU A 52 11.94 8.71 47.99
N ALA A 53 12.88 7.91 47.51
CA ALA A 53 13.35 8.03 46.14
C ALA A 53 12.28 7.55 45.18
N SER A 54 12.03 8.33 44.13
CA SER A 54 11.08 7.94 43.10
C SER A 54 11.66 6.88 42.18
N ASP A 55 12.92 7.02 41.82
CA ASP A 55 13.56 6.16 40.82
C ASP A 55 14.95 5.77 41.31
N ILE A 56 15.34 4.54 41.00
CA ILE A 56 16.64 4.01 41.33
C ILE A 56 17.28 3.49 40.04
N ILE A 57 18.54 3.84 39.83
CA ILE A 57 19.27 3.53 38.63
C ILE A 57 20.46 2.68 39.00
N ILE A 58 20.55 1.51 38.39
CA ILE A 58 21.72 0.64 38.51
C ILE A 58 22.40 0.58 37.15
N LYS A 59 23.60 1.12 37.08
CA LYS A 59 24.42 1.02 35.86
C LYS A 59 25.85 0.72 36.26
N GLN A 60 26.53 -0.05 35.40
CA GLN A 60 27.96 -0.28 35.55
C GLN A 60 28.75 1.07 35.64
N GLY A 61 29.80 1.07 36.40
CA GLY A 61 30.68 2.21 36.46
C GLY A 61 30.22 3.34 37.34
N VAL A 62 28.99 3.29 37.86
CA VAL A 62 28.56 4.18 38.92
C VAL A 62 27.91 3.35 40.03
N ALA A 63 27.94 3.88 41.24
CA ALA A 63 27.21 3.27 42.35
C ALA A 63 25.70 3.34 42.10
N ILE A 64 24.98 2.42 42.71
CA ILE A 64 23.54 2.43 42.67
C ILE A 64 23.03 3.83 43.04
N SER A 65 22.28 4.45 42.14
CA SER A 65 21.82 5.82 42.30
C SER A 65 20.30 5.86 42.26
N ALA A 66 19.75 6.85 42.94
CA ALA A 66 18.30 7.03 43.00
C ALA A 66 17.99 8.52 42.88
N LYS A 67 16.85 8.83 42.28
CA LYS A 67 16.29 10.15 42.29
C LYS A 67 15.43 10.31 43.56
N VAL A 68 16.09 10.66 44.64
CA VAL A 68 15.42 11.11 45.86
C VAL A 68 15.01 12.59 45.64
N LYS A 69 13.71 12.84 45.81
CA LYS A 69 13.16 14.17 45.69
C LYS A 69 13.74 14.94 44.52
N GLY A 70 13.66 14.32 43.36
CA GLY A 70 14.05 14.96 42.10
C GLY A 70 15.54 15.18 41.88
N THR A 71 16.36 14.97 42.90
CA THR A 71 17.80 14.97 42.74
C THR A 71 18.31 13.54 42.87
N LEU A 72 19.23 13.17 41.96
CA LEU A 72 19.76 11.83 41.93
C LEU A 72 21.09 11.79 42.70
N CYS A 73 21.36 10.67 43.32
CA CYS A 73 22.20 10.61 44.51
C CYS A 73 22.46 9.17 44.88
N THR A 74 23.58 8.94 45.54
CA THR A 74 24.10 7.58 45.75
C THR A 74 24.39 7.35 47.21
N LEU A 75 24.36 6.09 47.62
CA LEU A 75 24.71 5.69 48.98
C LEU A 75 26.19 5.46 49.17
N SER A 76 26.97 5.38 48.10
CA SER A 76 28.40 5.12 48.20
C SER A 76 29.11 5.64 46.97
N THR A 77 30.39 5.87 47.08
CA THR A 77 31.26 6.18 45.95
C THR A 77 31.78 4.93 45.26
N ARG A 78 31.63 3.76 45.85
CA ARG A 78 31.97 2.51 45.18
C ARG A 78 31.04 2.29 44.00
N THR A 79 31.59 1.79 42.89
CA THR A 79 30.87 1.74 41.63
C THR A 79 30.66 0.28 41.23
N LEU A 80 29.47 -0.05 40.79
CA LEU A 80 29.19 -1.39 40.32
C LEU A 80 30.13 -1.81 39.22
N ASN A 81 30.61 -3.03 39.29
CA ASN A 81 31.24 -3.70 38.16
C ASN A 81 30.19 -4.58 37.45
N PHE A 82 30.62 -5.18 36.34
CA PHE A 82 29.69 -5.74 35.38
C PHE A 82 28.91 -6.92 35.97
N ASN A 83 29.57 -7.75 36.75
CA ASN A 83 28.91 -8.93 37.33
C ASN A 83 27.79 -8.53 38.28
N GLU A 84 28.08 -7.68 39.23
CA GLU A 84 27.05 -6.99 40.01
C GLU A 84 25.85 -6.61 39.16
N ILE A 85 26.10 -5.87 38.09
CA ILE A 85 25.02 -5.50 37.16
C ILE A 85 24.26 -6.73 36.64
N GLU A 86 24.99 -7.81 36.41
CA GLU A 86 24.40 -8.98 35.78
C GLU A 86 23.46 -9.68 36.76
N ARG A 87 23.92 -9.92 37.97
CA ARG A 87 23.06 -10.56 38.98
C ARG A 87 21.92 -9.65 39.41
N ILE A 88 22.14 -8.35 39.46
CA ILE A 88 21.07 -7.40 39.78
C ILE A 88 19.99 -7.48 38.72
N ALA A 89 20.39 -7.46 37.44
CA ALA A 89 19.46 -7.80 36.35
C ALA A 89 18.75 -9.09 36.61
N LEU A 90 19.50 -10.12 37.06
CA LEU A 90 18.88 -11.39 37.46
C LEU A 90 17.69 -11.15 38.42
N TRP A 91 17.93 -10.37 39.45
CA TRP A 91 16.95 -10.26 40.53
C TRP A 91 15.78 -9.41 40.11
N ALA A 92 16.05 -8.19 39.64
CA ALA A 92 14.97 -7.26 39.27
C ALA A 92 14.16 -7.79 38.10
N SER A 93 14.84 -8.33 37.09
CA SER A 93 14.13 -8.95 35.96
C SER A 93 13.27 -10.12 36.44
N GLY A 94 13.80 -10.91 37.37
CA GLY A 94 13.22 -12.21 37.66
C GLY A 94 13.48 -13.28 36.64
N SER A 95 14.37 -13.04 35.67
CA SER A 95 14.68 -14.00 34.64
C SER A 95 16.18 -14.22 34.57
N SER A 96 16.58 -15.48 34.37
CA SER A 96 17.96 -15.77 33.99
C SER A 96 18.28 -15.36 32.53
N SER A 97 17.23 -15.11 31.73
CA SER A 97 17.41 -15.01 30.29
C SER A 97 17.72 -13.58 29.82
N VAL A 98 18.06 -12.68 30.73
CA VAL A 98 17.97 -11.26 30.45
C VAL A 98 18.97 -10.85 29.35
N LEU A 99 20.17 -11.42 29.39
CA LEU A 99 21.15 -11.15 28.36
C LEU A 99 20.78 -11.83 27.04
N THR A 100 20.12 -12.99 27.10
CA THR A 100 19.55 -13.58 25.90
C THR A 100 18.57 -12.63 25.22
N GLU A 101 17.65 -12.08 25.99
CA GLU A 101 16.60 -11.24 25.38
C GLU A 101 17.16 -9.91 24.94
N LEU A 102 18.11 -9.35 25.70
CA LEU A 102 18.83 -8.17 25.24
C LEU A 102 19.55 -8.41 23.94
N ALA A 103 20.19 -9.58 23.80
CA ALA A 103 20.79 -9.95 22.52
C ALA A 103 19.74 -10.04 21.39
N SER A 104 18.62 -10.61 21.71
CA SER A 104 17.50 -10.75 20.75
C SER A 104 16.58 -9.55 20.78
N LYS A 105 16.88 -8.53 21.57
CA LYS A 105 16.20 -7.23 21.49
C LYS A 105 14.76 -7.31 21.91
N LYS A 106 14.36 -8.32 22.66
CA LYS A 106 13.16 -8.25 23.48
C LYS A 106 13.37 -7.18 24.58
N LEU A 107 12.38 -6.31 24.71
CA LEU A 107 12.40 -5.26 25.70
C LEU A 107 11.94 -5.77 27.04
N ILE A 108 12.60 -5.29 28.12
CA ILE A 108 12.52 -5.89 29.43
C ILE A 108 11.86 -4.86 30.36
N ASN A 109 10.55 -4.97 30.51
CA ASN A 109 9.80 -4.27 31.54
C ASN A 109 9.10 -5.30 32.42
N THR A 110 9.35 -5.22 33.71
CA THR A 110 8.70 -6.08 34.69
C THR A 110 8.36 -5.26 35.92
N ARG A 111 7.87 -5.93 36.96
CA ARG A 111 7.67 -5.37 38.27
C ARG A 111 8.53 -6.10 39.29
N TYR A 112 9.02 -5.37 40.28
CA TYR A 112 9.90 -5.89 41.31
C TYR A 112 9.42 -5.39 42.66
N GLU A 113 9.09 -6.32 43.56
CA GLU A 113 8.45 -5.97 44.83
C GLU A 113 9.40 -6.23 45.97
N VAL A 114 9.42 -5.31 46.93
CA VAL A 114 10.26 -5.43 48.13
C VAL A 114 9.39 -5.10 49.34
N PHE A 115 9.62 -5.82 50.42
CA PHE A 115 8.69 -5.82 51.57
C PHE A 115 9.37 -5.16 52.74
N HIS A 116 8.71 -4.17 53.34
CA HIS A 116 9.27 -3.47 54.49
C HIS A 116 9.46 -4.45 55.65
N PRO A 117 10.67 -4.53 56.23
CA PRO A 117 10.94 -5.59 57.20
C PRO A 117 10.13 -5.39 58.49
N THR A 118 10.16 -4.18 59.04
CA THR A 118 9.43 -3.88 60.26
C THR A 118 8.64 -2.59 60.06
N LYS A 119 7.71 -2.34 60.99
CA LYS A 119 7.11 -1.03 61.15
C LYS A 119 6.39 -0.51 59.90
N LEU A 120 6.08 -1.41 58.98
CA LEU A 120 5.13 -1.15 57.90
C LEU A 120 4.20 -2.34 57.77
N THR A 121 2.95 -2.16 58.21
CA THR A 121 1.91 -3.14 57.94
C THR A 121 0.63 -2.43 57.52
N THR A 122 -0.19 -3.13 56.76
CA THR A 122 -1.56 -2.68 56.50
C THR A 122 -2.59 -3.37 57.38
N GLY A 123 -2.23 -4.46 58.05
CA GLY A 123 -3.18 -5.43 58.54
C GLY A 123 -3.27 -6.68 57.69
N GLY A 124 -3.09 -6.53 56.37
CA GLY A 124 -3.20 -7.64 55.45
C GLY A 124 -1.98 -8.54 55.47
N GLN A 125 -0.82 -7.95 55.32
CA GLN A 125 0.45 -8.67 55.44
C GLN A 125 1.55 -7.67 55.73
N LYS A 126 2.80 -8.08 55.58
CA LYS A 126 3.92 -7.16 55.46
C LYS A 126 3.64 -6.17 54.32
N GLN A 127 3.81 -4.87 54.61
CA GLN A 127 3.60 -3.86 53.62
C GLN A 127 4.56 -4.02 52.45
N ARG A 128 4.05 -3.79 51.24
CA ARG A 128 4.75 -4.18 50.01
C ARG A 128 4.94 -2.97 49.12
N PHE A 129 6.12 -2.86 48.52
CA PHE A 129 6.49 -1.74 47.65
C PHE A 129 6.83 -2.27 46.27
N GLY A 130 6.12 -1.76 45.27
CA GLY A 130 6.36 -2.14 43.88
C GLY A 130 7.30 -1.19 43.19
N TYR A 131 8.01 -1.72 42.21
CA TYR A 131 8.84 -0.94 41.29
C TYR A 131 8.60 -1.41 39.87
N ARG A 132 8.59 -0.48 38.94
CA ARG A 132 8.61 -0.77 37.51
C ARG A 132 10.06 -0.86 37.06
N VAL A 133 10.49 -2.02 36.58
CA VAL A 133 11.86 -2.30 36.22
C VAL A 133 11.96 -2.34 34.70
N ASN A 134 12.65 -1.35 34.15
CA ASN A 134 13.13 -1.39 32.78
C ASN A 134 14.60 -1.74 32.75
N ILE A 135 14.95 -2.73 31.93
CA ILE A 135 16.33 -3.12 31.69
C ILE A 135 16.65 -2.88 30.22
N SER A 136 17.59 -2.00 29.96
CA SER A 136 17.84 -1.46 28.62
C SER A 136 19.30 -1.61 28.27
N PRO A 137 19.62 -2.05 27.05
CA PRO A 137 21.01 -2.10 26.63
C PRO A 137 21.70 -0.74 26.77
N VAL A 138 22.88 -0.73 27.36
CA VAL A 138 23.80 0.39 27.26
C VAL A 138 25.18 -0.13 26.83
N TYR A 139 26.06 0.78 26.50
CA TYR A 139 27.41 0.46 26.04
C TYR A 139 28.40 1.21 26.89
N ILE A 140 29.24 0.48 27.63
CA ILE A 140 30.19 1.09 28.56
C ILE A 140 31.53 0.39 28.40
N GLN A 141 32.60 1.17 28.46
CA GLN A 141 33.97 0.63 28.42
C GLN A 141 34.12 -0.43 27.33
N GLY A 142 33.54 -0.16 26.17
CA GLY A 142 33.74 -0.98 25.00
C GLY A 142 32.90 -2.23 24.91
N LYS A 143 31.93 -2.39 25.80
CA LYS A 143 31.15 -3.64 25.86
C LYS A 143 29.70 -3.32 26.18
N THR A 144 28.82 -4.19 25.76
CA THR A 144 27.40 -4.03 26.01
C THR A 144 27.05 -4.52 27.41
N THR A 145 26.45 -3.64 28.20
CA THR A 145 25.93 -3.98 29.50
C THR A 145 24.44 -3.65 29.57
N ALA A 146 23.84 -3.94 30.71
CA ALA A 146 22.50 -3.48 31.05
C ALA A 146 22.54 -2.19 31.85
N GLU A 147 21.50 -1.41 31.68
CA GLU A 147 21.11 -0.38 32.68
C GLU A 147 19.73 -0.74 33.20
N ILE A 148 19.58 -0.69 34.51
CA ILE A 148 18.31 -0.97 35.18
C ILE A 148 17.77 0.33 35.75
N VAL A 149 16.49 0.60 35.50
CA VAL A 149 15.77 1.70 36.11
C VAL A 149 14.51 1.16 36.77
N MET A 150 14.36 1.46 38.05
CA MET A 150 13.20 1.04 38.84
C MET A 150 12.45 2.28 39.29
N ARG A 151 11.13 2.29 39.03
CA ARG A 151 10.29 3.43 39.34
C ARG A 151 9.27 3.00 40.38
N SER A 152 9.37 3.55 41.57
CA SER A 152 8.40 3.24 42.62
C SER A 152 6.97 3.37 42.12
N ILE A 153 6.14 2.39 42.43
CA ILE A 153 4.71 2.42 42.12
C ILE A 153 3.95 2.84 43.40
N PRO A 154 3.18 3.93 43.36
CA PRO A 154 2.31 4.24 44.48
C PRO A 154 1.18 3.21 44.60
N LEU A 155 0.80 2.91 45.83
CA LEU A 155 -0.36 2.05 46.05
C LEU A 155 -1.68 2.87 46.08
N ASP A 156 -1.78 3.76 47.07
CA ASP A 156 -3.05 4.34 47.46
C ASP A 156 -3.04 5.84 47.19
N PRO A 157 -4.08 6.37 46.54
CA PRO A 157 -4.16 7.82 46.37
C PRO A 157 -3.96 8.56 47.68
N LEU A 158 -3.29 9.70 47.61
CA LEU A 158 -3.02 10.48 48.81
C LEU A 158 -4.20 11.39 49.11
N PRO A 159 -4.50 11.59 50.40
CA PRO A 159 -5.47 12.64 50.78
C PRO A 159 -5.14 13.99 50.17
N LEU A 160 -6.12 14.85 50.08
CA LEU A 160 -5.93 16.16 49.44
C LEU A 160 -4.93 17.00 50.23
N ALA A 161 -5.02 16.95 51.56
CA ALA A 161 -4.07 17.71 52.39
C ALA A 161 -2.63 17.32 52.08
N ASP A 162 -2.38 16.05 51.81
CA ASP A 162 -1.02 15.57 51.61
C ASP A 162 -0.41 16.13 50.33
N ILE A 163 -1.24 16.27 49.29
CA ILE A 163 -0.73 16.83 48.02
C ILE A 163 -1.10 18.31 47.87
N GLY A 164 -1.75 18.90 48.83
CA GLY A 164 -1.87 20.35 48.89
C GLY A 164 -3.09 20.95 48.22
N LEU A 165 -4.15 20.18 48.08
CA LEU A 165 -5.41 20.67 47.50
C LEU A 165 -6.47 20.67 48.56
N SER A 166 -7.19 21.77 48.69
CA SER A 166 -8.25 21.91 49.68
C SER A 166 -9.55 21.28 49.17
N PRO A 167 -10.36 20.71 50.05
CA PRO A 167 -11.70 20.29 49.64
C PRO A 167 -12.48 21.34 48.85
N GLU A 168 -12.43 22.61 49.30
CA GLU A 168 -13.11 23.66 48.57
C GLU A 168 -12.72 23.68 47.08
N LEU A 169 -11.44 23.51 46.80
CA LEU A 169 -10.99 23.58 45.42
C LEU A 169 -11.41 22.37 44.61
N VAL A 170 -11.28 21.18 45.18
CA VAL A 170 -11.60 19.96 44.43
C VAL A 170 -13.10 19.82 44.21
N ASN A 171 -13.91 20.39 45.11
CA ASN A 171 -15.33 20.55 44.83
C ASN A 171 -15.56 21.29 43.52
N GLN A 172 -14.78 22.33 43.26
CA GLN A 172 -14.80 22.98 41.96
C GLN A 172 -14.43 22.01 40.84
N MET A 173 -13.52 21.08 41.15
CA MET A 173 -13.00 20.16 40.15
C MET A 173 -13.86 18.88 39.97
N CYS A 174 -15.02 18.85 40.65
CA CYS A 174 -15.95 17.74 40.53
C CYS A 174 -17.30 18.20 40.01
N PRO A 175 -17.33 18.69 38.78
CA PRO A 175 -18.64 18.88 38.11
C PRO A 175 -19.23 17.53 37.74
N ASP A 176 -20.55 17.43 37.77
CA ASP A 176 -21.26 16.31 37.20
C ASP A 176 -21.28 16.35 35.68
N ASN A 177 -20.57 17.24 35.03
CA ASN A 177 -20.63 17.40 33.58
C ASN A 177 -19.35 18.06 33.09
N GLY A 178 -19.03 17.83 31.83
CA GLY A 178 -17.93 18.51 31.19
C GLY A 178 -16.58 17.90 31.50
N ILE A 179 -15.54 18.65 31.17
CA ILE A 179 -14.17 18.16 31.16
C ILE A 179 -13.39 18.95 32.22
N VAL A 180 -12.82 18.22 33.17
CA VAL A 180 -11.81 18.76 34.07
C VAL A 180 -10.44 18.32 33.55
N MET A 181 -9.55 19.30 33.36
CA MET A 181 -8.23 19.05 32.80
C MET A 181 -7.20 19.55 33.83
N VAL A 182 -6.20 18.71 34.12
CA VAL A 182 -5.01 19.11 34.82
C VAL A 182 -3.86 19.02 33.82
N ALA A 183 -3.12 20.12 33.66
CA ALA A 183 -2.04 20.24 32.72
C ALA A 183 -0.69 20.21 33.44
N GLY A 184 0.37 20.03 32.65
CA GLY A 184 1.70 20.04 33.15
C GLY A 184 2.66 19.33 32.24
N LYS A 185 3.94 19.66 32.39
CA LYS A 185 5.01 18.90 31.73
C LYS A 185 5.28 17.58 32.39
N THR A 186 5.34 17.54 33.72
CA THR A 186 5.63 16.28 34.42
C THR A 186 4.53 15.26 34.11
N SER A 187 4.94 14.04 33.81
CA SER A 187 3.97 12.94 33.70
C SER A 187 3.39 12.59 35.10
N SER A 188 4.25 12.57 36.12
CA SER A 188 3.83 12.03 37.41
C SER A 188 2.66 12.85 37.98
N GLY A 189 2.79 14.18 37.97
CA GLY A 189 2.00 15.00 38.85
C GLY A 189 0.49 14.89 38.60
N LYS A 190 0.10 14.78 37.34
CA LYS A 190 -1.29 14.61 36.99
C LYS A 190 -1.88 13.34 37.63
N SER A 191 -1.16 12.24 37.53
CA SER A 191 -1.65 10.99 38.09
C SER A 191 -2.04 11.17 39.57
N THR A 192 -1.20 11.85 40.34
CA THR A 192 -1.44 11.95 41.77
C THR A 192 -2.59 12.91 42.05
N THR A 193 -2.61 14.06 41.38
CA THR A 193 -3.72 14.99 41.53
C THR A 193 -5.06 14.30 41.25
N PHE A 194 -5.16 13.65 40.09
CA PHE A 194 -6.43 13.05 39.70
C PHE A 194 -6.80 11.86 40.55
N SER A 195 -5.81 11.08 40.97
CA SER A 195 -6.06 9.97 41.89
C SER A 195 -6.59 10.48 43.20
N SER A 196 -5.94 11.47 43.79
CA SER A 196 -6.44 12.08 45.02
C SER A 196 -7.87 12.58 44.84
N ILE A 197 -8.11 13.30 43.75
CA ILE A 197 -9.46 13.82 43.49
C ILE A 197 -10.48 12.67 43.40
N ILE A 198 -10.07 11.54 42.85
CA ILE A 198 -10.98 10.42 42.68
C ILE A 198 -11.25 9.72 44.03
N ARG A 199 -10.24 9.58 44.87
CA ARG A 199 -10.43 9.04 46.19
C ARG A 199 -11.35 9.94 47.00
N TYR A 200 -11.10 11.25 46.98
CA TYR A 200 -12.05 12.20 47.55
C TYR A 200 -13.46 11.98 47.04
N ILE A 201 -13.60 11.83 45.72
CA ILE A 201 -14.92 11.64 45.13
C ILE A 201 -15.61 10.41 45.71
N MET A 202 -14.91 9.29 45.72
CA MET A 202 -15.48 8.05 46.25
C MET A 202 -15.83 8.17 47.74
N GLU A 203 -14.99 8.85 48.49
CA GLU A 203 -15.12 8.83 49.94
C GLU A 203 -16.14 9.85 50.46
N ASN A 204 -16.32 10.95 49.74
CA ASN A 204 -17.18 12.05 50.18
C ASN A 204 -18.41 12.15 49.30
N ASP A 205 -19.35 12.97 49.73
CA ASP A 205 -20.56 13.25 48.96
C ASP A 205 -20.22 14.39 48.00
N THR A 206 -20.15 14.05 46.71
CA THR A 206 -19.76 14.98 45.66
C THR A 206 -20.81 14.92 44.54
N PRO A 207 -20.88 15.97 43.73
CA PRO A 207 -21.69 15.89 42.51
C PRO A 207 -21.44 14.62 41.66
N ILE A 208 -20.23 14.07 41.72
CA ILE A 208 -19.85 12.95 40.89
C ILE A 208 -20.03 11.68 41.72
N LYS A 209 -20.93 10.82 41.29
CA LYS A 209 -21.16 9.53 41.95
C LYS A 209 -21.53 8.51 40.90
N GLY A 210 -21.19 7.26 41.17
CA GLY A 210 -21.67 6.13 40.38
C GLY A 210 -20.53 5.26 39.86
N HIS A 211 -20.53 5.00 38.55
CA HIS A 211 -19.49 4.25 37.90
C HIS A 211 -18.38 5.17 37.46
N LEU A 212 -17.15 4.86 37.87
CA LEU A 212 -15.97 5.63 37.51
C LEU A 212 -15.00 4.73 36.77
N LEU A 213 -14.68 5.10 35.53
CA LEU A 213 -13.74 4.38 34.71
C LEU A 213 -12.44 5.19 34.61
N THR A 214 -11.33 4.49 34.71
CA THR A 214 -10.01 5.05 34.48
C THR A 214 -9.33 4.30 33.34
N HIS A 215 -8.88 5.01 32.34
CA HIS A 215 -8.00 4.48 31.31
C HIS A 215 -6.59 4.99 31.52
N GLU A 216 -5.62 4.08 31.53
CA GLU A 216 -4.22 4.41 31.89
C GLU A 216 -3.30 3.47 31.15
N ASP A 217 -2.43 4.01 30.31
CA ASP A 217 -1.23 3.31 29.86
C ASP A 217 -0.58 2.56 31.02
N PRO A 218 0.31 3.24 31.77
CA PRO A 218 0.60 2.74 33.15
C PRO A 218 -0.62 3.07 34.05
N ILE A 219 -1.17 2.04 34.66
CA ILE A 219 -1.97 2.20 35.87
C ILE A 219 -1.01 2.45 37.04
N GLU A 220 -1.15 3.62 37.67
CA GLU A 220 -0.32 4.00 38.78
C GLU A 220 -0.96 3.68 40.13
N PHE A 221 -1.87 4.52 40.55
CA PHE A 221 -2.61 4.35 41.78
C PHE A 221 -3.74 3.34 41.57
N VAL A 222 -4.07 2.62 42.67
CA VAL A 222 -5.21 1.72 42.67
C VAL A 222 -6.15 2.13 43.80
N TYR A 223 -7.41 1.75 43.67
CA TYR A 223 -8.46 2.14 44.61
C TYR A 223 -9.09 0.92 45.27
N ASP A 224 -8.30 -0.14 45.46
CA ASP A 224 -8.75 -1.36 46.11
C ASP A 224 -9.07 -1.10 47.57
N ASN A 225 -8.32 -0.21 48.22
CA ASN A 225 -8.48 0.02 49.65
C ASN A 225 -9.36 1.23 49.98
N ILE A 226 -10.00 1.82 48.97
CA ILE A 226 -10.84 2.99 49.17
C ILE A 226 -12.28 2.50 49.31
N LYS A 227 -12.87 2.73 50.49
CA LYS A 227 -14.27 2.48 50.72
C LYS A 227 -15.10 3.67 50.23
N SER A 228 -16.12 3.39 49.44
CA SER A 228 -17.07 4.37 48.99
C SER A 228 -18.48 3.93 49.33
N ALA A 229 -19.36 4.91 49.54
CA ALA A 229 -20.75 4.63 49.85
C ALA A 229 -21.63 4.49 48.63
N HIS A 230 -21.18 4.90 47.47
CA HIS A 230 -22.06 5.21 46.35
C HIS A 230 -21.42 4.90 45.00
N SER A 231 -20.11 4.62 45.00
CA SER A 231 -19.28 4.72 43.84
C SER A 231 -18.52 3.41 43.62
N ILE A 232 -18.39 3.03 42.35
CA ILE A 232 -17.54 1.91 41.95
C ILE A 232 -16.52 2.43 40.93
N ILE A 233 -15.29 1.88 41.05
CA ILE A 233 -14.19 2.34 40.20
C ILE A 233 -13.66 1.16 39.41
N ALA A 234 -13.44 1.33 38.13
CA ALA A 234 -12.91 0.28 37.25
C ALA A 234 -11.72 0.85 36.50
N GLN A 235 -10.54 0.24 36.71
CA GLN A 235 -9.32 0.70 36.04
C GLN A 235 -8.96 -0.27 34.92
N SER A 236 -8.55 0.29 33.80
CA SER A 236 -8.05 -0.46 32.65
C SER A 236 -6.75 0.14 32.18
N GLN A 237 -5.86 -0.72 31.72
CA GLN A 237 -4.54 -0.32 31.19
C GLN A 237 -4.57 -0.39 29.70
N ILE A 238 -4.14 0.71 29.07
CA ILE A 238 -4.54 1.02 27.68
C ILE A 238 -3.63 0.31 26.70
N PRO A 239 -2.29 0.37 26.96
CA PRO A 239 -1.39 -0.53 26.19
C PRO A 239 -1.84 -2.00 26.25
N GLU A 240 -2.08 -2.53 27.44
CA GLU A 240 -2.04 -3.95 27.66
C GLU A 240 -3.41 -4.60 27.82
N GLN A 241 -4.38 -3.90 28.34
CA GLN A 241 -5.76 -4.41 28.46
C GLN A 241 -6.67 -3.97 27.34
N PHE A 242 -6.60 -2.68 26.95
CA PHE A 242 -7.47 -2.12 25.95
C PHE A 242 -6.83 -1.90 24.58
N SER A 243 -5.54 -1.71 24.54
CA SER A 243 -4.83 -1.78 23.25
C SER A 243 -4.76 -0.41 22.61
N SER A 244 -5.73 0.44 22.87
CA SER A 244 -5.70 1.84 22.41
C SER A 244 -6.60 2.65 23.31
N PHE A 245 -6.21 3.89 23.56
CA PHE A 245 -7.07 4.84 24.24
C PHE A 245 -8.37 5.10 23.46
N ALA A 246 -8.29 5.11 22.15
CA ALA A 246 -9.50 5.27 21.34
C ALA A 246 -10.44 4.11 21.58
N ILE A 247 -9.93 2.88 21.66
CA ILE A 247 -10.78 1.72 21.85
C ILE A 247 -11.41 1.77 23.23
N ALA A 248 -10.56 1.86 24.28
CA ALA A 248 -11.04 2.15 25.62
C ALA A 248 -12.18 3.18 25.61
N ASN A 249 -12.03 4.21 24.80
CA ASN A 249 -13.02 5.29 24.81
C ASN A 249 -14.33 4.87 24.10
N GLN A 250 -14.22 4.10 23.02
CA GLN A 250 -15.38 3.54 22.40
C GLN A 250 -16.14 2.67 23.38
N GLU A 251 -15.42 1.85 24.16
CA GLU A 251 -16.05 0.92 25.09
C GLU A 251 -16.71 1.69 26.27
N ALA A 252 -16.06 2.77 26.71
CA ALA A 252 -16.62 3.59 27.77
C ALA A 252 -18.07 4.00 27.50
N LEU A 253 -18.34 4.44 26.25
CA LEU A 253 -19.70 4.77 25.85
C LEU A 253 -20.71 3.66 26.23
N ARG A 254 -20.31 2.45 26.00
CA ARG A 254 -21.17 1.29 26.32
C ARG A 254 -20.90 0.74 27.70
N ARG A 255 -20.12 1.43 28.52
CA ARG A 255 -19.89 1.03 29.91
C ARG A 255 -20.49 2.01 30.91
N THR A 256 -21.47 2.81 30.49
CA THR A 256 -22.26 3.61 31.41
C THR A 256 -21.42 4.31 32.46
N PRO A 257 -20.39 5.06 32.05
CA PRO A 257 -19.67 5.90 32.98
C PRO A 257 -20.58 6.86 33.78
N ASN A 258 -20.22 7.07 35.03
CA ASN A 258 -20.49 8.37 35.66
C ASN A 258 -19.29 9.30 35.68
N LEU A 259 -18.08 8.74 35.55
CA LEU A 259 -16.89 9.51 35.29
C LEU A 259 -15.94 8.72 34.41
N ILE A 260 -15.22 9.41 33.55
CA ILE A 260 -14.19 8.85 32.70
C ILE A 260 -12.92 9.68 32.88
N MET A 261 -11.90 9.09 33.49
CA MET A 261 -10.53 9.58 33.38
C MET A 261 -9.90 9.00 32.13
N ILE A 262 -9.63 9.85 31.15
CA ILE A 262 -9.22 9.38 29.82
C ILE A 262 -7.74 9.53 29.56
N GLY A 263 -6.98 10.10 30.49
CA GLY A 263 -5.62 10.50 30.23
C GLY A 263 -5.54 11.73 29.34
N GLU A 264 -4.45 11.83 28.59
CA GLU A 264 -4.07 13.10 27.99
C GLU A 264 -4.85 13.33 26.70
N LEU A 265 -5.32 14.55 26.52
CA LEU A 265 -5.89 15.00 25.24
C LEU A 265 -4.73 15.51 24.37
N ARG A 266 -4.38 14.75 23.35
CA ARG A 266 -3.17 15.00 22.57
C ARG A 266 -3.49 15.29 21.10
N ASP A 267 -4.07 14.31 20.37
CA ASP A 267 -4.43 14.53 19.00
C ASP A 267 -5.91 14.94 18.88
N LYS A 268 -6.31 15.24 17.67
CA LYS A 268 -7.67 15.73 17.42
C LYS A 268 -8.69 14.68 17.85
N GLN A 269 -8.42 13.42 17.60
CA GLN A 269 -9.39 12.36 17.89
C GLN A 269 -9.57 12.22 19.41
N SER A 270 -8.51 12.33 20.19
CA SER A 270 -8.64 12.30 21.64
C SER A 270 -9.52 13.44 22.15
N ILE A 271 -9.26 14.65 21.67
CA ILE A 271 -10.05 15.80 22.10
C ILE A 271 -11.51 15.62 21.70
N GLU A 272 -11.75 15.16 20.46
CA GLU A 272 -13.13 14.97 20.01
C GLU A 272 -13.85 13.88 20.81
N SER A 273 -13.13 12.82 21.15
CA SER A 273 -13.73 11.76 21.97
C SER A 273 -14.02 12.24 23.36
N ALA A 274 -13.14 13.05 23.94
CA ALA A 274 -13.47 13.75 25.19
C ALA A 274 -14.75 14.56 25.03
N PHE A 275 -14.88 15.29 23.92
CA PHE A 275 -16.11 16.04 23.69
C PHE A 275 -17.33 15.14 23.69
N GLU A 276 -17.27 14.03 22.97
CA GLU A 276 -18.40 13.09 22.90
C GLU A 276 -18.73 12.54 24.29
N ALA A 277 -17.72 12.07 25.01
CA ALA A 277 -17.94 11.55 26.35
C ALA A 277 -18.60 12.61 27.25
N ALA A 278 -18.05 13.80 27.27
CA ALA A 278 -18.64 14.88 28.06
C ALA A 278 -20.08 15.16 27.67
N ASN A 279 -20.36 15.12 26.37
CA ASN A 279 -21.67 15.50 25.84
C ASN A 279 -22.70 14.41 25.94
N THR A 280 -22.29 13.18 26.18
CA THR A 280 -23.21 12.13 26.68
C THR A 280 -23.56 12.30 28.16
N GLY A 281 -22.76 13.06 28.90
CA GLY A 281 -23.25 13.78 30.04
C GLY A 281 -22.69 13.31 31.36
N HIS A 282 -21.40 13.01 31.38
CA HIS A 282 -20.74 12.45 32.56
C HIS A 282 -19.34 13.01 32.62
N PRO A 283 -18.83 13.33 33.80
CA PRO A 283 -17.54 14.00 33.90
C PRO A 283 -16.45 13.27 33.10
N VAL A 284 -15.63 14.05 32.43
CA VAL A 284 -14.37 13.59 31.87
C VAL A 284 -13.23 14.33 32.59
N PHE A 285 -12.35 13.58 33.22
CA PHE A 285 -11.02 14.05 33.61
C PHE A 285 -10.02 13.72 32.50
N ALA A 286 -9.31 14.74 32.04
CA ALA A 286 -8.24 14.57 31.08
C ALA A 286 -7.01 15.32 31.54
N THR A 287 -5.84 14.82 31.11
CA THR A 287 -4.59 15.55 31.25
C THR A 287 -4.12 16.13 29.97
N VAL A 288 -3.28 17.12 30.05
CA VAL A 288 -2.77 17.89 28.88
C VAL A 288 -1.32 18.24 29.20
N HIS A 289 -0.45 18.05 28.20
CA HIS A 289 0.94 18.44 28.28
C HIS A 289 1.07 19.93 27.86
N SER A 290 0.79 20.80 28.84
CA SER A 290 0.99 22.21 28.66
C SER A 290 1.42 22.87 29.95
N GLN A 291 2.01 24.05 29.83
CA GLN A 291 2.57 24.73 31.00
C GLN A 291 1.53 25.42 31.84
N ASN A 292 0.50 25.99 31.22
CA ASN A 292 -0.49 26.81 31.93
C ASN A 292 -1.74 26.85 31.09
N CYS A 293 -2.82 27.36 31.70
CA CYS A 293 -4.17 27.19 31.14
C CYS A 293 -4.29 27.76 29.71
N SER A 294 -3.84 29.01 29.56
CA SER A 294 -3.69 29.60 28.24
C SER A 294 -3.02 28.62 27.26
N ALA A 295 -1.90 28.05 27.69
CA ALA A 295 -1.16 27.16 26.80
C ALA A 295 -1.96 25.92 26.47
N VAL A 296 -2.79 25.45 27.42
CA VAL A 296 -3.61 24.27 27.17
C VAL A 296 -4.67 24.60 26.14
N MET A 297 -5.37 25.71 26.32
CA MET A 297 -6.31 26.18 25.30
C MET A 297 -5.65 26.24 23.93
N ARG A 298 -4.58 27.01 23.82
CA ARG A 298 -3.82 27.07 22.57
C ARG A 298 -3.54 25.65 22.00
N ARG A 299 -3.10 24.73 22.85
CA ARG A 299 -2.63 23.47 22.38
C ARG A 299 -3.79 22.63 21.84
N LEU A 300 -4.86 22.54 22.61
CA LEU A 300 -6.04 21.81 22.14
C LEU A 300 -6.59 22.43 20.88
N ILE A 301 -6.66 23.77 20.81
CA ILE A 301 -7.19 24.42 19.62
C ILE A 301 -6.34 24.13 18.39
N SER A 302 -5.01 24.03 18.58
CA SER A 302 -4.11 23.87 17.45
C SER A 302 -4.44 22.58 16.65
N ARG A 303 -4.97 21.57 17.34
CA ARG A 303 -5.15 20.28 16.71
C ARG A 303 -6.21 20.29 15.63
N PHE A 304 -7.03 21.31 15.58
CA PHE A 304 -8.12 21.41 14.60
C PHE A 304 -7.71 22.36 13.48
N ASP A 305 -8.05 22.00 12.27
CA ASP A 305 -7.89 22.89 11.12
C ASP A 305 -8.82 24.10 11.24
N GLU A 306 -8.48 25.16 10.53
CA GLU A 306 -9.24 26.41 10.60
C GLU A 306 -10.71 26.20 10.25
N SER A 307 -10.98 25.40 9.22
CA SER A 307 -12.37 25.11 8.83
C SER A 307 -13.18 24.58 10.03
N VAL A 308 -12.62 23.62 10.75
CA VAL A 308 -13.32 23.03 11.89
C VAL A 308 -13.08 23.82 13.18
N ARG A 309 -12.21 24.82 13.15
CA ARG A 309 -11.64 25.35 14.39
C ARG A 309 -12.62 26.21 15.17
N GLY A 310 -13.59 26.83 14.49
CA GLY A 310 -14.69 27.50 15.17
C GLY A 310 -15.55 26.56 15.98
N ALA A 311 -16.09 25.55 15.32
CA ALA A 311 -16.84 24.50 16.01
C ALA A 311 -16.01 23.93 17.16
N ALA A 312 -14.73 23.65 16.91
CA ALA A 312 -13.90 23.07 17.94
C ALA A 312 -13.73 24.01 19.11
N ILE A 313 -13.60 25.31 18.86
CA ILE A 313 -13.50 26.27 19.94
C ILE A 313 -14.78 26.34 20.73
N TYR A 314 -15.91 26.37 20.05
CA TYR A 314 -17.21 26.42 20.75
C TYR A 314 -17.38 25.17 21.64
N ASP A 315 -17.24 23.99 21.06
CA ASP A 315 -17.30 22.77 21.86
C ASP A 315 -16.32 22.82 23.03
N LEU A 316 -15.10 23.26 22.77
CA LEU A 316 -14.06 23.25 23.83
C LEU A 316 -14.41 24.18 24.97
N VAL A 317 -14.94 25.35 24.67
CA VAL A 317 -15.33 26.29 25.72
C VAL A 317 -16.55 25.75 26.48
N GLU A 318 -17.54 25.23 25.74
CA GLU A 318 -18.77 24.79 26.38
C GLU A 318 -18.61 23.51 27.21
N THR A 319 -17.61 22.70 26.89
CA THR A 319 -17.41 21.43 27.56
C THR A 319 -16.38 21.49 28.67
N THR A 320 -15.42 22.43 28.60
CA THR A 320 -14.45 22.60 29.66
C THR A 320 -15.14 23.15 30.91
N ARG A 321 -14.87 22.55 32.07
CA ARG A 321 -15.38 23.03 33.33
C ARG A 321 -14.32 23.60 34.27
N PHE A 322 -13.05 23.33 34.00
CA PHE A 322 -12.00 23.61 34.97
C PHE A 322 -10.64 23.17 34.41
N ILE A 323 -9.63 24.04 34.54
CA ILE A 323 -8.32 23.80 33.98
C ILE A 323 -7.29 24.04 35.06
N MET A 324 -6.54 22.99 35.42
CA MET A 324 -5.39 23.10 36.31
C MET A 324 -4.13 22.78 35.53
N ALA A 325 -3.22 23.75 35.47
CA ALA A 325 -1.79 23.45 35.28
C ALA A 325 -1.09 23.38 36.63
N GLN A 326 -0.18 22.43 36.74
CA GLN A 326 0.66 22.28 37.94
C GLN A 326 2.07 21.98 37.56
N THR A 327 3.02 22.57 38.29
CA THR A 327 4.45 22.30 38.11
C THR A 327 5.08 22.08 39.47
N LEU A 328 6.22 21.42 39.45
CA LEU A 328 6.97 21.10 40.67
C LEU A 328 8.10 22.10 40.87
N VAL A 329 8.13 22.72 42.04
CA VAL A 329 9.15 23.70 42.40
C VAL A 329 9.85 23.24 43.67
N ARG A 330 10.95 23.89 43.98
CA ARG A 330 11.87 23.47 45.03
C ARG A 330 11.58 24.28 46.29
N LYS A 331 11.22 23.59 47.37
CA LYS A 331 11.09 24.23 48.67
C LYS A 331 12.46 24.62 49.20
N THR A 332 12.51 25.72 49.93
CA THR A 332 13.60 25.96 50.87
C THR A 332 13.87 24.73 51.72
N ASP A 333 12.78 24.06 52.17
CA ASP A 333 12.92 22.80 52.89
C ASP A 333 13.76 21.77 52.13
N GLY A 334 13.86 21.93 50.80
CA GLY A 334 14.62 21.02 49.96
C GLY A 334 13.73 20.13 49.10
N ASN A 335 12.53 19.80 49.60
CA ASN A 335 11.65 18.93 48.87
C ASN A 335 10.98 19.64 47.71
N LEU A 336 10.30 18.86 46.87
CA LEU A 336 9.49 19.40 45.79
C LEU A 336 8.05 19.64 46.29
N VAL A 337 7.47 20.74 45.83
CA VAL A 337 6.08 21.04 46.10
C VAL A 337 5.38 21.34 44.75
N ALA A 338 4.08 21.01 44.70
CA ALA A 338 3.28 21.25 43.53
C ALA A 338 2.67 22.65 43.61
N ALA A 339 3.18 23.57 42.80
CA ALA A 339 2.51 24.85 42.56
C ALA A 339 1.45 24.67 41.46
N ARG A 340 0.26 25.21 41.70
CA ARG A 340 -0.89 24.96 40.85
C ARG A 340 -1.53 26.28 40.49
N GLU A 341 -1.69 26.50 39.18
CA GLU A 341 -2.61 27.52 38.67
C GLU A 341 -3.83 26.86 38.06
N TYR A 342 -4.99 27.44 38.31
CA TYR A 342 -6.27 26.86 37.90
C TYR A 342 -7.25 27.97 37.56
N LEU A 343 -8.15 27.68 36.64
CA LEU A 343 -9.34 28.50 36.40
C LEU A 343 -10.56 27.61 36.34
N ASN A 344 -11.63 28.03 37.03
CA ASN A 344 -12.90 27.31 37.02
C ASN A 344 -13.81 27.92 35.95
N PHE A 345 -14.26 27.08 35.03
CA PHE A 345 -15.07 27.55 33.91
C PHE A 345 -16.54 27.63 34.33
N THR A 346 -16.85 28.74 34.99
CA THR A 346 -18.24 29.08 35.28
C THR A 346 -18.94 29.58 34.02
N THR A 347 -20.27 29.56 34.08
CA THR A 347 -21.08 30.01 32.95
C THR A 347 -20.66 31.42 32.45
N ASP A 348 -20.35 32.30 33.43
CA ASP A 348 -19.87 33.62 33.06
C ASP A 348 -18.58 33.56 32.23
N ILE A 349 -17.63 32.77 32.68
CA ILE A 349 -16.36 32.65 31.95
C ILE A 349 -16.62 32.12 30.55
N ARG A 350 -17.43 31.07 30.43
CA ARG A 350 -17.77 30.54 29.12
C ARG A 350 -18.35 31.62 28.18
N GLU A 351 -19.36 32.34 28.68
CA GLU A 351 -19.95 33.40 27.89
C GLU A 351 -18.91 34.45 27.46
N GLN A 352 -18.01 34.79 28.38
CA GLN A 352 -16.96 35.73 28.05
C GLN A 352 -16.05 35.22 26.94
N LEU A 353 -15.74 33.92 26.98
CA LEU A 353 -14.83 33.37 25.98
C LEU A 353 -15.50 33.27 24.63
N LEU A 354 -16.76 32.84 24.60
CA LEU A 354 -17.51 32.82 23.34
C LEU A 354 -17.70 34.24 22.74
N SER A 355 -17.83 35.23 23.62
CA SER A 355 -18.48 36.48 23.22
C SER A 355 -17.59 37.42 22.42
N LEU A 356 -16.33 37.52 22.84
CA LEU A 356 -15.31 38.22 22.04
C LEU A 356 -15.28 37.72 20.62
N SER A 357 -14.42 38.27 19.80
CA SER A 357 -14.19 37.74 18.45
C SER A 357 -13.85 36.23 18.50
N ASP A 358 -12.92 35.87 19.40
CA ASP A 358 -12.60 34.50 19.69
C ASP A 358 -12.03 33.70 18.50
N MET A 359 -11.74 34.38 17.41
CA MET A 359 -10.90 33.84 16.35
C MET A 359 -9.41 34.04 16.75
N GLY A 360 -8.90 33.09 17.51
CA GLY A 360 -7.51 33.07 17.89
C GLY A 360 -7.19 33.80 19.18
N LYS A 361 -8.15 34.51 19.79
CA LYS A 361 -7.93 35.22 21.01
C LYS A 361 -8.30 34.47 22.28
N VAL A 362 -8.78 33.26 22.14
CA VAL A 362 -9.22 32.45 23.28
C VAL A 362 -8.08 32.29 24.29
N ALA A 363 -6.86 32.03 23.80
CA ALA A 363 -5.74 31.81 24.68
C ALA A 363 -5.47 33.03 25.56
N SER A 364 -5.09 34.14 24.91
CA SER A 364 -4.95 35.40 25.62
C SER A 364 -6.12 35.63 26.61
N GLU A 365 -7.34 35.64 26.09
CA GLU A 365 -8.48 35.95 26.92
C GLU A 365 -8.57 35.04 28.13
N VAL A 366 -8.17 33.76 28.00
CA VAL A 366 -8.18 32.87 29.12
C VAL A 366 -7.03 33.11 30.09
N ARG A 367 -5.91 33.60 29.61
CA ARG A 367 -4.86 34.12 30.48
C ARG A 367 -5.39 35.26 31.32
N ARG A 368 -5.78 36.35 30.67
CA ARG A 368 -6.55 37.41 31.36
C ARG A 368 -7.53 36.81 32.39
N LEU A 369 -8.34 35.85 31.95
CA LEU A 369 -9.43 35.38 32.81
C LEU A 369 -8.90 34.61 34.02
N VAL A 370 -7.79 33.92 33.88
CA VAL A 370 -7.15 33.30 35.04
C VAL A 370 -6.59 34.38 35.95
N ASP A 371 -5.98 35.42 35.39
CA ASP A 371 -5.58 36.58 36.18
C ASP A 371 -6.74 37.15 37.03
N GLU A 372 -7.90 37.27 36.42
CA GLU A 372 -9.01 37.98 37.07
C GLU A 372 -9.75 37.10 38.06
N PHE A 373 -10.08 35.88 37.63
CA PHE A 373 -10.94 34.98 38.41
C PHE A 373 -10.30 33.70 38.86
N GLY A 374 -9.24 33.26 38.21
CA GLY A 374 -8.56 32.00 38.56
C GLY A 374 -7.43 32.22 39.54
N HIS A 375 -6.56 31.22 39.64
CA HIS A 375 -5.37 31.27 40.47
C HIS A 375 -4.13 31.29 39.54
N PRO A 376 -3.65 32.47 39.20
CA PRO A 376 -2.51 32.54 38.28
C PRO A 376 -1.22 32.05 38.93
N PHE A 377 -0.23 31.77 38.10
CA PHE A 377 1.06 31.31 38.59
C PHE A 377 1.77 32.39 39.37
N SER A 378 1.61 33.65 39.00
CA SER A 378 2.16 34.75 39.79
C SER A 378 1.58 34.75 41.23
N LEU A 379 0.28 34.53 41.34
CA LEU A 379 -0.34 34.52 42.64
C LEU A 379 0.10 33.31 43.45
N GLU A 380 0.29 32.16 42.82
CA GLU A 380 0.78 30.99 43.52
C GLU A 380 2.20 31.18 44.00
N ALA A 381 3.07 31.74 43.16
CA ALA A 381 4.44 32.03 43.58
C ALA A 381 4.47 33.06 44.71
N GLU A 382 3.63 34.07 44.64
CA GLU A 382 3.54 35.06 45.72
C GLU A 382 3.06 34.42 47.00
N ARG A 383 2.06 33.56 46.93
CA ARG A 383 1.53 32.91 48.13
C ARG A 383 2.55 31.96 48.78
N LEU A 384 3.18 31.14 47.95
CA LEU A 384 4.22 30.25 48.46
C LEU A 384 5.39 31.05 49.05
N HIS A 385 5.77 32.14 48.39
CA HIS A 385 6.93 32.90 48.84
C HIS A 385 6.64 33.65 50.12
N SER A 386 5.44 34.18 50.27
CA SER A 386 5.06 34.84 51.53
C SER A 386 5.10 33.87 52.70
N ASP A 387 4.59 32.65 52.49
CA ASP A 387 4.71 31.59 53.48
C ASP A 387 6.09 31.01 53.63
N GLY A 388 7.11 31.66 53.05
CA GLY A 388 8.47 31.18 53.17
C GLY A 388 8.74 29.80 52.61
N ILE A 389 7.81 29.30 51.78
CA ILE A 389 7.92 27.95 51.25
C ILE A 389 8.94 27.89 50.11
N ILE A 390 9.06 28.93 49.30
CA ILE A 390 9.96 28.96 48.17
C ILE A 390 10.84 30.20 48.24
N ASP A 391 11.98 30.14 47.61
CA ASP A 391 12.88 31.28 47.52
C ASP A 391 12.32 32.32 46.55
N GLY A 392 12.84 33.53 46.65
CA GLY A 392 12.43 34.59 45.75
C GLY A 392 12.75 34.31 44.28
N HIS A 393 13.84 33.62 44.03
CA HIS A 393 14.21 33.23 42.68
C HIS A 393 13.22 32.23 42.11
N VAL A 394 13.05 31.11 42.79
CA VAL A 394 12.08 30.11 42.35
C VAL A 394 10.68 30.70 42.26
N ALA A 395 10.36 31.66 43.12
CA ALA A 395 9.08 32.35 43.03
C ALA A 395 8.98 33.15 41.74
N LYS A 396 10.04 33.89 41.40
CA LYS A 396 10.07 34.63 40.14
C LYS A 396 9.87 33.69 38.94
N ARG A 397 10.67 32.63 38.89
CA ARG A 397 10.54 31.67 37.79
C ARG A 397 9.15 31.08 37.75
N LEU A 398 8.52 30.84 38.89
CA LEU A 398 7.16 30.32 38.91
C LEU A 398 6.15 31.33 38.34
N SER A 399 6.31 32.60 38.70
CA SER A 399 5.49 33.64 38.09
C SER A 399 5.71 33.73 36.57
N MET A 400 6.93 33.45 36.12
CA MET A 400 7.19 33.41 34.68
C MET A 400 6.42 32.31 33.97
N MET A 401 6.08 31.24 34.69
CA MET A 401 5.54 30.03 34.06
C MET A 401 4.32 30.37 33.20
N SER A 402 3.53 31.36 33.60
CA SER A 402 2.30 31.68 32.90
C SER A 402 2.48 32.95 32.06
N HIS B 19 50.37 13.32 -12.55
CA HIS B 19 49.81 13.87 -11.29
C HIS B 19 49.75 12.79 -10.20
N LEU B 20 49.60 13.22 -8.96
CA LEU B 20 49.73 12.36 -7.79
C LEU B 20 49.15 13.09 -6.60
N PRO B 21 48.75 12.35 -5.57
CA PRO B 21 48.13 13.01 -4.40
C PRO B 21 49.15 13.80 -3.62
N ILE B 22 48.67 14.77 -2.86
CA ILE B 22 49.52 15.55 -1.97
C ILE B 22 50.26 14.60 -1.02
N LEU B 23 51.48 14.99 -0.64
CA LEU B 23 52.39 14.12 0.08
C LEU B 23 52.76 14.75 1.42
N GLU B 24 52.76 13.91 2.47
CA GLU B 24 52.94 14.40 3.82
C GLU B 24 54.39 14.40 4.24
N PHE B 25 54.67 15.08 5.35
CA PHE B 25 55.98 15.01 6.02
C PHE B 25 55.86 14.13 7.25
N LYS B 26 56.82 13.23 7.42
CA LYS B 26 56.71 12.13 8.37
C LYS B 26 57.15 12.56 9.76
N THR B 27 56.93 11.69 10.75
CA THR B 27 57.42 11.85 12.11
C THR B 27 58.22 10.60 12.51
N GLU B 28 59.49 10.59 12.10
CA GLU B 28 60.41 9.50 12.44
C GLU B 28 59.80 8.13 12.12
N TYR B 29 59.38 8.01 10.87
CA TYR B 29 58.68 6.80 10.42
C TYR B 29 59.11 6.51 8.98
N ARG B 30 59.41 5.24 8.72
CA ARG B 30 60.00 4.84 7.44
C ARG B 30 58.93 4.09 6.65
N TYR B 31 58.41 4.75 5.63
CA TYR B 31 57.52 4.12 4.67
C TYR B 31 58.17 2.84 4.10
N PRO B 32 57.52 1.68 4.23
CA PRO B 32 58.14 0.46 3.71
C PRO B 32 58.18 0.46 2.19
N SER B 33 59.21 -0.13 1.63
CA SER B 33 59.14 -0.69 0.29
C SER B 33 57.86 -1.51 0.13
N THR B 34 57.55 -2.36 1.12
CA THR B 34 56.44 -3.29 1.01
C THR B 34 55.76 -3.45 2.36
N PHE B 35 54.56 -4.00 2.35
CA PHE B 35 53.75 -4.23 3.53
C PHE B 35 53.69 -5.72 3.81
N GLU B 36 54.60 -6.19 4.65
CA GLU B 36 54.62 -7.59 5.09
C GLU B 36 54.30 -7.76 6.56
N HIS B 37 54.44 -6.72 7.37
CA HIS B 37 54.41 -6.85 8.84
C HIS B 37 53.37 -5.90 9.38
N GLU B 38 52.40 -6.46 10.12
CA GLU B 38 51.29 -5.65 10.63
C GLU B 38 51.77 -4.39 11.35
N ALA B 39 52.57 -4.59 12.39
CA ALA B 39 53.33 -3.47 12.98
C ALA B 39 53.73 -2.45 11.93
N GLN B 40 54.24 -2.94 10.80
CA GLN B 40 54.43 -2.10 9.62
C GLN B 40 53.18 -1.20 9.36
N PHE B 41 52.01 -1.79 9.52
CA PHE B 41 50.78 -1.08 9.21
C PHE B 41 50.33 -0.18 10.35
N LYS B 42 50.30 -0.71 11.57
CA LYS B 42 50.10 0.10 12.76
C LYS B 42 50.94 1.39 12.74
N ASP B 43 52.14 1.29 12.13
CA ASP B 43 53.04 2.43 12.15
C ASP B 43 52.59 3.52 11.23
N THR B 44 52.34 3.18 9.95
CA THR B 44 51.62 4.06 9.04
C THR B 44 50.37 4.69 9.70
N VAL B 45 49.50 3.85 10.24
CA VAL B 45 48.34 4.36 10.95
C VAL B 45 48.74 5.43 11.98
N LEU B 46 49.92 5.24 12.59
CA LEU B 46 50.33 6.12 13.67
C LEU B 46 50.83 7.43 13.15
N GLU B 47 51.58 7.41 12.04
CA GLU B 47 51.92 8.66 11.33
C GLU B 47 50.64 9.41 10.97
N PHE B 48 49.72 8.72 10.27
CA PHE B 48 48.48 9.36 9.87
C PHE B 48 47.75 9.99 11.07
N LEU B 49 47.79 9.32 12.23
CA LEU B 49 47.33 9.94 13.46
C LEU B 49 48.11 11.22 13.80
N ALA B 50 49.42 11.15 13.72
CA ALA B 50 50.24 12.34 14.03
C ALA B 50 49.86 13.52 13.13
N HIS B 51 49.43 13.23 11.91
CA HIS B 51 48.66 14.21 11.14
C HIS B 51 47.17 14.18 11.47
N GLU B 52 46.71 13.29 12.33
CA GLU B 52 45.33 13.24 12.78
C GLU B 52 44.34 13.10 11.62
N ALA B 53 44.78 12.51 10.52
CA ALA B 53 43.91 12.05 9.46
C ALA B 53 42.69 11.38 10.05
N SER B 54 41.50 11.86 9.63
CA SER B 54 40.26 11.30 10.17
C SER B 54 39.98 9.93 9.58
N ASP B 55 40.22 9.76 8.28
CA ASP B 55 39.88 8.56 7.54
C ASP B 55 41.06 8.12 6.69
N ILE B 56 41.04 6.83 6.31
CA ILE B 56 42.19 6.19 5.68
C ILE B 56 41.63 5.22 4.66
N ILE B 57 41.87 5.49 3.37
CA ILE B 57 41.51 4.61 2.28
C ILE B 57 42.77 3.83 1.87
N ILE B 58 42.70 2.51 1.96
CA ILE B 58 43.65 1.63 1.32
C ILE B 58 42.92 0.90 0.19
N LYS B 59 43.42 1.05 -1.03
CA LYS B 59 42.98 0.25 -2.15
C LYS B 59 44.14 0.02 -3.11
N GLN B 60 43.95 -0.87 -4.05
CA GLN B 60 44.99 -1.28 -4.97
C GLN B 60 45.32 -0.15 -5.90
N GLY B 61 46.54 -0.21 -6.49
CA GLY B 61 46.96 0.77 -7.47
C GLY B 61 47.09 2.18 -6.95
N VAL B 62 46.81 2.42 -5.67
CA VAL B 62 46.99 3.71 -5.04
C VAL B 62 47.79 3.53 -3.75
N ALA B 63 48.56 4.56 -3.39
CA ALA B 63 49.21 4.60 -2.10
C ALA B 63 48.16 4.73 -0.99
N ILE B 64 48.49 4.21 0.19
CA ILE B 64 47.61 4.34 1.34
C ILE B 64 47.36 5.83 1.55
N SER B 65 46.08 6.21 1.62
CA SER B 65 45.67 7.59 1.70
C SER B 65 44.91 7.84 3.00
N ALA B 66 44.92 9.09 3.45
CA ALA B 66 44.09 9.55 4.52
C ALA B 66 43.56 10.94 4.23
N LYS B 67 42.48 11.32 4.90
CA LYS B 67 41.89 12.65 4.80
C LYS B 67 42.41 13.47 5.96
N VAL B 68 43.36 14.34 5.69
CA VAL B 68 43.88 15.27 6.68
C VAL B 68 43.30 16.64 6.42
N LYS B 69 42.76 17.27 7.46
CA LYS B 69 42.02 18.52 7.31
C LYS B 69 41.10 18.47 6.08
N GLY B 70 40.49 17.31 5.85
CA GLY B 70 39.48 17.19 4.82
C GLY B 70 39.97 16.97 3.41
N THR B 71 41.28 16.98 3.20
CA THR B 71 41.87 16.75 1.89
C THR B 71 42.59 15.42 1.85
N LEU B 72 42.65 14.82 0.67
CA LEU B 72 43.30 13.53 0.50
C LEU B 72 44.82 13.68 0.47
N CYS B 73 45.49 12.75 1.12
CA CYS B 73 46.93 12.88 1.35
C CYS B 73 47.54 11.49 1.46
N THR B 74 48.80 11.39 1.08
CA THR B 74 49.52 10.12 1.08
C THR B 74 50.89 10.31 1.70
N LEU B 75 51.43 9.21 2.21
CA LEU B 75 52.78 9.20 2.74
C LEU B 75 53.84 8.73 1.76
N SER B 76 53.43 8.08 0.67
CA SER B 76 54.36 7.56 -0.33
C SER B 76 53.75 7.72 -1.72
N THR B 77 54.51 7.41 -2.76
CA THR B 77 54.00 7.21 -4.09
C THR B 77 53.96 5.76 -4.54
N ARG B 78 54.70 4.87 -3.89
CA ARG B 78 54.45 3.43 -3.99
C ARG B 78 52.95 3.15 -4.02
N THR B 79 52.56 2.06 -4.67
CA THR B 79 51.18 1.63 -4.75
C THR B 79 51.06 0.22 -4.16
N LEU B 80 50.04 0.00 -3.36
CA LEU B 80 49.77 -1.32 -2.83
C LEU B 80 49.62 -2.31 -3.98
N ASN B 81 50.42 -3.35 -3.98
CA ASN B 81 50.13 -4.56 -4.75
C ASN B 81 48.95 -5.30 -4.14
N PHE B 82 48.48 -6.30 -4.86
CA PHE B 82 47.34 -7.09 -4.39
C PHE B 82 47.67 -7.82 -3.10
N ASN B 83 48.92 -8.25 -2.93
CA ASN B 83 49.30 -8.97 -1.73
C ASN B 83 49.21 -8.06 -0.51
N GLU B 84 50.01 -6.98 -0.50
CA GLU B 84 49.91 -5.97 0.54
C GLU B 84 48.45 -5.75 1.01
N ILE B 85 47.58 -5.40 0.06
CA ILE B 85 46.18 -5.21 0.41
C ILE B 85 45.55 -6.48 0.98
N GLU B 86 45.97 -7.63 0.48
CA GLU B 86 45.40 -8.90 0.95
C GLU B 86 45.70 -9.12 2.44
N ARG B 87 46.92 -8.83 2.84
CA ARG B 87 47.30 -9.01 4.25
C ARG B 87 46.75 -7.89 5.13
N ILE B 88 46.79 -6.66 4.66
CA ILE B 88 46.17 -5.55 5.38
C ILE B 88 44.72 -5.87 5.71
N ALA B 89 43.95 -6.32 4.70
CA ALA B 89 42.60 -6.77 4.92
C ALA B 89 42.50 -7.73 6.13
N LEU B 90 43.51 -8.58 6.30
CA LEU B 90 43.57 -9.43 7.44
C LEU B 90 43.80 -8.63 8.71
N TRP B 91 44.83 -7.79 8.72
CA TRP B 91 45.17 -7.03 9.93
C TRP B 91 44.04 -6.09 10.36
N ALA B 92 43.53 -5.30 9.43
CA ALA B 92 42.24 -4.66 9.59
C ALA B 92 41.16 -5.73 9.83
N SER B 93 40.31 -5.46 10.80
CA SER B 93 39.81 -6.54 11.66
C SER B 93 39.07 -7.61 10.88
N GLY B 94 39.27 -8.85 11.27
CA GLY B 94 38.70 -9.98 10.55
C GLY B 94 39.68 -11.13 10.38
N SER B 95 39.46 -11.94 9.36
CA SER B 95 40.25 -13.15 9.13
C SER B 95 40.94 -13.10 7.80
N SER B 96 41.67 -14.17 7.50
CA SER B 96 42.07 -14.47 6.11
C SER B 96 40.91 -14.98 5.28
N SER B 97 39.72 -15.18 5.85
CA SER B 97 38.54 -15.49 5.08
C SER B 97 37.95 -14.28 4.37
N VAL B 98 38.58 -13.11 4.42
CA VAL B 98 37.92 -11.89 4.07
C VAL B 98 37.68 -11.80 2.56
N LEU B 99 38.53 -12.47 1.75
CA LEU B 99 38.28 -12.50 0.32
C LEU B 99 37.07 -13.38 0.01
N THR B 100 36.98 -14.54 0.65
CA THR B 100 35.79 -15.38 0.50
C THR B 100 34.58 -14.65 1.08
N GLU B 101 34.72 -14.04 2.25
CA GLU B 101 33.59 -13.37 2.89
C GLU B 101 33.06 -12.20 2.04
N LEU B 102 33.95 -11.45 1.42
CA LEU B 102 33.54 -10.47 0.43
C LEU B 102 32.88 -11.14 -0.76
N ALA B 103 33.46 -12.23 -1.23
CA ALA B 103 32.83 -13.02 -2.30
C ALA B 103 31.54 -13.72 -1.84
N SER B 104 31.35 -13.87 -0.53
CA SER B 104 30.12 -14.39 0.00
C SER B 104 29.07 -13.33 0.23
N LYS B 105 29.25 -12.14 -0.33
CA LYS B 105 28.33 -11.02 -0.12
C LYS B 105 28.05 -10.78 1.35
N LYS B 106 29.10 -10.88 2.15
CA LYS B 106 29.03 -10.55 3.58
C LYS B 106 29.73 -9.24 3.81
N LEU B 107 29.08 -8.35 4.57
CA LEU B 107 29.56 -6.96 4.70
C LEU B 107 30.52 -6.92 5.88
N ILE B 108 31.72 -6.42 5.65
CA ILE B 108 32.81 -6.50 6.61
C ILE B 108 32.98 -5.14 7.25
N ASN B 109 32.24 -4.94 8.37
CA ASN B 109 32.38 -3.71 9.16
C ASN B 109 32.83 -4.09 10.56
N THR B 110 34.01 -3.65 10.95
CA THR B 110 34.62 -4.07 12.21
C THR B 110 35.35 -2.87 12.81
N ARG B 111 36.04 -3.12 13.91
CA ARG B 111 36.84 -2.13 14.60
C ARG B 111 38.29 -2.58 14.64
N TYR B 112 39.19 -1.60 14.58
CA TYR B 112 40.61 -1.85 14.65
C TYR B 112 41.26 -0.81 15.53
N GLU B 113 41.97 -1.25 16.58
CA GLU B 113 42.61 -0.39 17.54
C GLU B 113 44.13 -0.43 17.33
N VAL B 114 44.76 0.70 17.63
CA VAL B 114 46.21 0.84 17.53
C VAL B 114 46.72 1.58 18.75
N PHE B 115 47.89 1.18 19.25
CA PHE B 115 48.50 1.73 20.44
C PHE B 115 49.54 2.79 20.09
N HIS B 116 49.51 3.88 20.81
CA HIS B 116 50.54 4.92 20.66
C HIS B 116 51.79 4.53 21.46
N PRO B 117 52.98 4.72 20.90
CA PRO B 117 54.12 3.95 21.38
C PRO B 117 54.56 4.33 22.79
N THR B 118 54.67 5.61 23.05
CA THR B 118 55.11 6.10 24.36
C THR B 118 54.20 7.10 25.03
N LYS B 119 53.12 7.52 24.38
CA LYS B 119 52.17 8.46 24.97
C LYS B 119 51.06 7.71 25.68
N LEU B 120 50.63 8.25 26.81
CA LEU B 120 49.95 7.47 27.84
C LEU B 120 48.66 8.18 28.25
N THR B 121 47.71 7.38 28.74
CA THR B 121 46.43 7.91 29.16
C THR B 121 46.55 8.66 30.49
N THR B 122 45.61 9.55 30.75
CA THR B 122 45.55 10.18 32.07
C THR B 122 45.58 9.18 33.23
N GLY B 123 45.10 7.95 32.95
CA GLY B 123 45.11 6.91 33.95
C GLY B 123 46.30 5.99 33.86
N GLY B 124 47.42 6.51 33.35
CA GLY B 124 48.59 5.67 33.10
C GLY B 124 48.39 4.51 32.16
N GLN B 125 47.51 4.69 31.17
CA GLN B 125 47.20 3.65 30.20
C GLN B 125 47.76 4.04 28.84
N LYS B 126 48.29 3.05 28.12
CA LYS B 126 48.69 3.28 26.72
C LYS B 126 47.44 3.64 25.92
N GLN B 127 47.44 4.83 25.31
CA GLN B 127 46.26 5.33 24.62
C GLN B 127 45.81 4.36 23.53
N ARG B 128 44.53 4.02 23.55
CA ARG B 128 43.90 3.27 22.45
C ARG B 128 43.43 4.20 21.35
N PHE B 129 43.59 3.73 20.12
CA PHE B 129 43.07 4.46 18.94
C PHE B 129 42.10 3.55 18.21
N GLY B 130 40.86 3.98 18.11
CA GLY B 130 39.82 3.24 17.41
C GLY B 130 39.69 3.66 15.97
N TYR B 131 39.37 2.68 15.13
CA TYR B 131 38.91 2.93 13.76
C TYR B 131 37.77 2.00 13.44
N ARG B 132 36.77 2.53 12.74
CA ARG B 132 35.75 1.71 12.10
C ARG B 132 36.24 1.37 10.70
N VAL B 133 36.54 0.09 10.46
CA VAL B 133 37.03 -0.39 9.21
C VAL B 133 35.85 -1.03 8.44
N ASN B 134 35.55 -0.50 7.26
CA ASN B 134 34.75 -1.17 6.28
C ASN B 134 35.62 -1.72 5.17
N ILE B 135 35.30 -2.94 4.74
CA ILE B 135 36.02 -3.61 3.67
C ILE B 135 35.02 -3.93 2.58
N SER B 136 35.14 -3.27 1.42
CA SER B 136 34.12 -3.31 0.40
C SER B 136 34.72 -3.83 -0.90
N PRO B 137 34.03 -4.73 -1.60
CA PRO B 137 34.43 -5.07 -2.96
C PRO B 137 34.57 -3.84 -3.85
N VAL B 138 35.69 -3.73 -4.55
CA VAL B 138 35.86 -2.81 -5.64
C VAL B 138 36.44 -3.54 -6.85
N TYR B 139 36.43 -2.88 -8.00
CA TYR B 139 36.80 -3.48 -9.27
C TYR B 139 37.88 -2.59 -9.92
N ILE B 140 39.06 -3.15 -10.15
CA ILE B 140 40.20 -2.40 -10.59
C ILE B 140 41.14 -3.31 -11.34
N GLN B 141 41.81 -2.74 -12.37
CA GLN B 141 42.68 -3.51 -13.26
C GLN B 141 42.01 -4.84 -13.64
N GLY B 142 40.71 -4.81 -13.88
CA GLY B 142 40.02 -5.95 -14.42
C GLY B 142 39.63 -7.02 -13.43
N LYS B 143 39.83 -6.79 -12.14
CA LYS B 143 39.65 -7.81 -11.13
C LYS B 143 38.86 -7.23 -9.95
N THR B 144 38.19 -8.10 -9.23
CA THR B 144 37.48 -7.74 -8.02
C THR B 144 38.43 -7.91 -6.84
N THR B 145 38.76 -6.80 -6.17
CA THR B 145 39.57 -6.82 -4.97
C THR B 145 38.80 -6.20 -3.82
N ALA B 146 39.42 -6.16 -2.65
CA ALA B 146 38.94 -5.42 -1.50
C ALA B 146 39.50 -4.02 -1.47
N GLU B 147 38.70 -3.09 -0.97
CA GLU B 147 39.15 -1.75 -0.65
C GLU B 147 38.62 -1.37 0.72
N ILE B 148 39.48 -0.83 1.57
CA ILE B 148 39.25 -0.76 3.00
C ILE B 148 39.33 0.70 3.42
N VAL B 149 38.30 1.17 4.12
CA VAL B 149 38.24 2.52 4.63
C VAL B 149 38.11 2.47 6.15
N MET B 150 39.04 3.12 6.84
CA MET B 150 39.08 3.16 8.28
C MET B 150 38.80 4.57 8.76
N ARG B 151 37.75 4.73 9.57
CA ARG B 151 37.32 6.01 10.08
C ARG B 151 37.73 6.14 11.55
N SER B 152 38.56 7.11 11.85
CA SER B 152 39.05 7.32 13.20
C SER B 152 37.87 7.55 14.15
N ILE B 153 37.95 6.95 15.32
CA ILE B 153 36.88 7.02 16.32
C ILE B 153 37.39 7.93 17.46
N PRO B 154 36.71 9.05 17.70
CA PRO B 154 37.04 9.86 18.87
C PRO B 154 36.64 9.13 20.16
N LEU B 155 37.45 9.31 21.20
CA LEU B 155 37.05 8.89 22.54
C LEU B 155 36.38 10.03 23.31
N ASP B 156 37.18 11.05 23.68
CA ASP B 156 36.74 12.02 24.68
C ASP B 156 36.13 13.25 24.00
N PRO B 157 34.94 13.66 24.39
CA PRO B 157 34.39 14.92 23.86
C PRO B 157 35.38 16.05 23.99
N LEU B 158 35.39 16.94 23.04
CA LEU B 158 36.25 18.13 23.09
C LEU B 158 35.58 19.23 23.92
N PRO B 159 36.36 19.92 24.75
CA PRO B 159 35.78 21.04 25.51
C PRO B 159 35.35 22.17 24.57
N LEU B 160 34.51 23.06 25.10
CA LEU B 160 33.83 24.03 24.24
C LEU B 160 34.84 24.93 23.51
N ALA B 161 35.84 25.42 24.25
CA ALA B 161 36.81 26.33 23.67
C ALA B 161 37.49 25.70 22.45
N ASP B 162 37.73 24.39 22.50
CA ASP B 162 38.46 23.73 21.42
C ASP B 162 37.62 23.68 20.15
N ILE B 163 36.33 23.49 20.29
CA ILE B 163 35.44 23.46 19.12
C ILE B 163 34.73 24.81 18.88
N GLY B 164 35.00 25.79 19.69
CA GLY B 164 34.60 27.15 19.38
C GLY B 164 33.27 27.60 19.90
N LEU B 165 32.76 27.00 20.95
CA LEU B 165 31.48 27.39 21.55
C LEU B 165 31.73 27.94 22.93
N SER B 166 31.07 29.05 23.24
CA SER B 166 31.27 29.73 24.51
C SER B 166 30.29 29.16 25.56
N PRO B 167 30.71 29.12 26.81
CA PRO B 167 29.75 28.84 27.89
C PRO B 167 28.48 29.69 27.82
N GLU B 168 28.60 30.96 27.54
CA GLU B 168 27.43 31.82 27.44
C GLU B 168 26.50 31.30 26.35
N LEU B 169 27.06 31.01 25.17
CA LEU B 169 26.24 30.46 24.08
C LEU B 169 25.63 29.09 24.42
N VAL B 170 26.39 28.26 25.10
CA VAL B 170 25.96 26.88 25.32
C VAL B 170 24.88 26.81 26.40
N ASN B 171 24.94 27.71 27.38
CA ASN B 171 23.89 27.75 28.40
C ASN B 171 22.50 27.93 27.77
N GLN B 172 22.42 28.72 26.70
CA GLN B 172 21.18 28.86 25.98
C GLN B 172 20.73 27.52 25.38
N MET B 173 21.65 26.60 25.11
CA MET B 173 21.31 25.30 24.54
C MET B 173 21.02 24.24 25.60
N CYS B 174 20.90 24.64 26.86
CA CYS B 174 20.63 23.72 27.97
C CYS B 174 19.34 24.12 28.67
N PRO B 175 18.20 24.10 27.95
CA PRO B 175 16.93 24.35 28.60
C PRO B 175 16.53 23.19 29.54
N ASP B 176 15.68 23.51 30.50
CA ASP B 176 15.13 22.49 31.38
C ASP B 176 14.11 21.61 30.69
N ASN B 177 13.52 22.07 29.59
CA ASN B 177 12.64 21.24 28.79
C ASN B 177 12.73 21.68 27.32
N GLY B 178 12.00 20.99 26.45
CA GLY B 178 11.92 21.36 25.07
C GLY B 178 13.06 20.72 24.25
N ILE B 179 13.16 21.15 23.00
CA ILE B 179 13.99 20.54 22.01
C ILE B 179 15.04 21.55 21.57
N VAL B 180 16.32 21.21 21.78
CA VAL B 180 17.44 21.87 21.15
C VAL B 180 17.89 21.05 19.97
N MET B 181 17.92 21.67 18.79
CA MET B 181 18.29 21.02 17.55
C MET B 181 19.62 21.60 17.05
N VAL B 182 20.52 20.70 16.69
CA VAL B 182 21.71 21.05 15.91
C VAL B 182 21.50 20.53 14.49
N ALA B 183 21.63 21.43 13.52
CA ALA B 183 21.36 21.10 12.10
C ALA B 183 22.67 21.14 11.33
N GLY B 184 22.70 20.38 10.25
CA GLY B 184 23.98 20.13 9.58
C GLY B 184 23.81 19.05 8.53
N LYS B 185 24.84 18.93 7.71
CA LYS B 185 24.83 18.02 6.57
C LYS B 185 25.83 16.87 6.67
N THR B 186 26.46 16.66 7.80
CA THR B 186 27.32 15.53 8.02
C THR B 186 27.23 15.12 9.49
N SER B 187 27.41 13.83 9.76
CA SER B 187 27.39 13.31 11.11
C SER B 187 28.43 14.01 12.03
N SER B 188 29.62 14.24 11.49
CA SER B 188 30.75 14.53 12.39
C SER B 188 30.51 15.80 13.18
N GLY B 189 30.19 16.88 12.46
CA GLY B 189 29.93 18.16 13.13
C GLY B 189 28.89 18.08 14.25
N LYS B 190 27.72 17.53 13.92
CA LYS B 190 26.66 17.43 14.90
C LYS B 190 27.09 16.58 16.11
N SER B 191 27.54 15.35 15.84
CA SER B 191 28.03 14.50 16.89
C SER B 191 29.00 15.26 17.83
N THR B 192 29.95 15.97 17.25
CA THR B 192 30.97 16.61 18.07
C THR B 192 30.38 17.74 18.90
N THR B 193 29.61 18.63 18.26
CA THR B 193 28.96 19.71 18.99
C THR B 193 28.16 19.17 20.17
N PHE B 194 27.30 18.19 19.92
CA PHE B 194 26.41 17.71 20.97
C PHE B 194 27.14 16.96 22.07
N SER B 195 28.16 16.20 21.70
CA SER B 195 29.02 15.56 22.69
C SER B 195 29.68 16.61 23.59
N SER B 196 30.28 17.62 22.98
CA SER B 196 30.87 18.70 23.76
C SER B 196 29.85 19.34 24.72
N ILE B 197 28.68 19.65 24.20
CA ILE B 197 27.67 20.30 25.01
C ILE B 197 27.22 19.41 26.16
N ILE B 198 27.20 18.10 25.94
CA ILE B 198 26.83 17.17 27.00
C ILE B 198 27.91 17.10 28.09
N ARG B 199 29.15 16.87 27.65
CA ARG B 199 30.26 16.87 28.60
C ARG B 199 30.27 18.14 29.45
N TYR B 200 30.15 19.29 28.80
CA TYR B 200 29.96 20.53 29.54
C TYR B 200 28.76 20.46 30.49
N ILE B 201 27.68 19.83 30.03
CA ILE B 201 26.46 19.78 30.83
C ILE B 201 26.75 19.07 32.15
N MET B 202 27.37 17.90 32.08
CA MET B 202 27.64 17.11 33.27
C MET B 202 28.83 17.62 34.08
N GLU B 203 29.68 18.44 33.48
CA GLU B 203 30.84 19.00 34.19
C GLU B 203 30.52 20.31 34.90
N ASN B 204 29.44 20.97 34.56
CA ASN B 204 29.11 22.29 35.06
C ASN B 204 27.70 22.31 35.63
N ASP B 205 27.38 23.40 36.31
CA ASP B 205 26.05 23.58 36.90
C ASP B 205 25.12 24.15 35.86
N THR B 206 24.24 23.32 35.32
CA THR B 206 23.36 23.66 34.22
C THR B 206 21.92 23.38 34.62
N PRO B 207 20.97 24.04 33.93
CA PRO B 207 19.57 23.64 34.08
C PRO B 207 19.34 22.13 33.93
N ILE B 208 20.16 21.45 33.14
CA ILE B 208 19.98 20.03 32.87
C ILE B 208 20.92 19.25 33.79
N LYS B 209 20.32 18.45 34.65
CA LYS B 209 21.08 17.56 35.54
C LYS B 209 20.34 16.24 35.69
N GLY B 210 21.08 15.16 35.76
CA GLY B 210 20.53 13.88 36.21
C GLY B 210 20.85 12.73 35.27
N HIS B 211 19.80 12.08 34.77
CA HIS B 211 19.96 10.92 33.90
C HIS B 211 19.99 11.38 32.44
N LEU B 212 21.07 11.04 31.75
CA LEU B 212 21.28 11.47 30.36
C LEU B 212 21.39 10.25 29.48
N LEU B 213 20.38 10.01 28.66
CA LEU B 213 20.43 9.00 27.61
C LEU B 213 20.88 9.64 26.30
N THR B 214 21.75 8.94 25.57
CA THR B 214 22.02 9.23 24.18
C THR B 214 21.78 7.99 23.34
N HIS B 215 21.13 8.17 22.20
CA HIS B 215 20.90 7.11 21.22
C HIS B 215 21.69 7.45 19.98
N GLU B 216 22.60 6.58 19.58
CA GLU B 216 23.61 6.87 18.57
C GLU B 216 23.65 5.70 17.59
N ASP B 217 23.58 6.02 16.30
CA ASP B 217 23.65 5.03 15.24
C ASP B 217 24.98 4.27 15.39
N PRO B 218 26.06 4.80 14.78
CA PRO B 218 27.38 4.65 15.42
C PRO B 218 27.44 5.53 16.70
N ILE B 219 27.70 4.91 17.82
CA ILE B 219 28.21 5.60 18.98
C ILE B 219 29.65 6.05 18.74
N GLU B 220 29.93 7.31 19.03
CA GLU B 220 31.24 7.88 18.74
C GLU B 220 31.95 8.30 20.02
N PHE B 221 31.63 9.44 20.56
CA PHE B 221 32.19 9.91 21.81
C PHE B 221 31.66 9.08 22.97
N VAL B 222 32.51 8.86 23.96
CA VAL B 222 32.15 8.19 25.20
C VAL B 222 32.43 9.14 26.35
N TYR B 223 31.71 8.93 27.45
CA TYR B 223 31.84 9.76 28.65
C TYR B 223 32.32 8.96 29.84
N ASP B 224 33.20 8.00 29.60
CA ASP B 224 33.78 7.21 30.70
C ASP B 224 34.71 8.09 31.54
N ASN B 225 35.41 9.03 30.90
CA ASN B 225 36.40 9.85 31.61
C ASN B 225 35.84 11.22 31.99
N ILE B 226 34.55 11.44 31.82
CA ILE B 226 33.91 12.70 32.21
C ILE B 226 33.31 12.52 33.60
N LYS B 227 33.87 13.21 34.58
CA LYS B 227 33.42 13.10 35.95
C LYS B 227 32.41 14.17 36.26
N SER B 228 31.24 13.78 36.74
CA SER B 228 30.14 14.68 37.01
C SER B 228 29.77 14.65 38.47
N ALA B 229 29.46 15.83 39.02
CA ALA B 229 28.97 15.89 40.42
C ALA B 229 27.50 15.43 40.51
N HIS B 230 26.77 15.44 39.39
CA HIS B 230 25.32 15.61 39.45
C HIS B 230 24.55 14.85 38.39
N SER B 231 25.22 14.14 37.51
CA SER B 231 24.59 13.54 36.34
C SER B 231 25.22 12.21 36.04
N ILE B 232 24.44 11.28 35.49
CA ILE B 232 24.91 10.04 34.91
C ILE B 232 24.43 9.96 33.45
N ILE B 233 25.24 9.35 32.61
CA ILE B 233 25.00 9.27 31.18
C ILE B 233 25.00 7.80 30.77
N ALA B 234 24.02 7.43 29.95
CA ALA B 234 23.89 6.11 29.37
C ALA B 234 23.78 6.23 27.86
N GLN B 235 24.66 5.55 27.13
CA GLN B 235 24.68 5.54 25.69
C GLN B 235 24.19 4.20 25.15
N SER B 236 23.35 4.25 24.13
CA SER B 236 22.85 3.06 23.45
C SER B 236 23.12 3.21 21.96
N GLN B 237 23.82 2.25 21.38
CA GLN B 237 23.94 2.11 19.94
C GLN B 237 22.71 1.43 19.38
N ILE B 238 22.17 2.03 18.31
CA ILE B 238 20.74 1.93 18.02
C ILE B 238 20.43 0.70 17.20
N PRO B 239 21.18 0.49 16.09
CA PRO B 239 20.95 -0.74 15.30
C PRO B 239 21.32 -2.01 16.09
N GLU B 240 22.41 -1.99 16.87
CA GLU B 240 22.86 -3.17 17.54
C GLU B 240 22.09 -3.49 18.83
N GLN B 241 21.79 -2.44 19.60
CA GLN B 241 21.11 -2.60 20.88
C GLN B 241 19.63 -2.30 20.81
N PHE B 242 19.19 -1.40 19.93
CA PHE B 242 17.83 -0.90 19.89
C PHE B 242 17.33 -0.90 18.47
N SER B 243 16.98 -2.06 17.96
CA SER B 243 16.57 -2.23 16.57
C SER B 243 16.42 -0.88 15.84
N SER B 244 15.63 0.01 16.44
CA SER B 244 15.28 1.28 15.82
C SER B 244 15.34 2.41 16.84
N PHE B 245 15.44 3.61 16.34
CA PHE B 245 15.43 4.80 17.18
C PHE B 245 14.07 4.99 17.82
N ALA B 246 12.99 4.72 17.08
CA ALA B 246 11.65 4.82 17.64
C ALA B 246 11.52 3.93 18.89
N ILE B 247 12.03 2.69 18.81
CA ILE B 247 11.98 1.82 19.96
C ILE B 247 12.79 2.42 21.13
N ALA B 248 13.99 2.91 20.83
CA ALA B 248 14.83 3.50 21.86
C ALA B 248 14.10 4.66 22.59
N ASN B 249 13.43 5.51 21.82
CA ASN B 249 12.78 6.67 22.42
C ASN B 249 11.50 6.28 23.19
N GLN B 250 10.75 5.33 22.67
CA GLN B 250 9.67 4.74 23.42
C GLN B 250 10.17 4.22 24.78
N GLU B 251 11.32 3.53 24.77
CA GLU B 251 11.84 2.96 25.99
C GLU B 251 12.35 4.03 26.96
N ALA B 252 12.90 5.13 26.41
CA ALA B 252 13.53 6.13 27.27
C ALA B 252 12.56 6.68 28.33
N LEU B 253 11.30 6.84 27.97
CA LEU B 253 10.31 7.33 28.93
C LEU B 253 10.12 6.40 30.12
N ARG B 254 10.37 5.11 29.94
CA ARG B 254 10.46 4.18 31.08
C ARG B 254 11.80 4.29 31.85
N ARG B 255 12.69 5.20 31.45
CA ARG B 255 14.03 5.26 31.96
C ARG B 255 14.34 6.54 32.71
N THR B 256 13.31 7.27 33.10
CA THR B 256 13.49 8.51 33.89
C THR B 256 14.66 9.36 33.43
N PRO B 257 14.71 9.66 32.14
CA PRO B 257 15.77 10.57 31.63
C PRO B 257 15.55 11.99 32.12
N ASN B 258 16.66 12.67 32.38
CA ASN B 258 16.68 14.13 32.36
C ASN B 258 17.21 14.74 31.08
N LEU B 259 17.73 13.90 30.18
CA LEU B 259 18.15 14.35 28.86
C LEU B 259 18.07 13.21 27.88
N ILE B 260 17.60 13.49 26.67
CA ILE B 260 17.45 12.49 25.62
C ILE B 260 18.12 13.06 24.37
N MET B 261 19.30 12.57 24.04
CA MET B 261 19.88 12.70 22.72
C MET B 261 19.21 11.73 21.77
N ILE B 262 18.36 12.25 20.88
CA ILE B 262 17.34 11.43 20.24
C ILE B 262 17.88 10.72 19.00
N GLY B 263 18.63 11.45 18.19
CA GLY B 263 18.97 10.99 16.85
C GLY B 263 18.68 12.07 15.80
N GLU B 264 18.13 11.64 14.65
CA GLU B 264 18.26 12.36 13.43
C GLU B 264 17.01 13.07 12.99
N LEU B 265 15.86 12.79 13.59
CA LEU B 265 14.68 13.64 13.45
C LEU B 265 14.30 13.94 11.96
N ARG B 266 14.13 12.85 11.24
CA ARG B 266 13.83 12.89 9.82
C ARG B 266 12.52 12.28 9.42
N ASP B 267 12.08 11.23 10.10
CA ASP B 267 10.73 10.71 9.91
C ASP B 267 9.72 11.63 10.60
N LYS B 268 8.47 11.53 10.16
CA LYS B 268 7.36 12.05 10.96
C LYS B 268 7.33 11.42 12.32
N GLN B 269 7.47 10.08 12.39
CA GLN B 269 7.46 9.38 13.68
C GLN B 269 8.56 9.91 14.63
N SER B 270 9.75 10.17 14.07
CA SER B 270 10.81 10.75 14.85
C SER B 270 10.45 12.10 15.42
N ILE B 271 9.91 12.97 14.56
CA ILE B 271 9.59 14.33 15.00
C ILE B 271 8.50 14.29 16.09
N GLU B 272 7.50 13.45 15.91
CA GLU B 272 6.43 13.37 16.89
C GLU B 272 6.93 12.78 18.20
N SER B 273 7.83 11.80 18.14
CA SER B 273 8.44 11.27 19.34
C SER B 273 9.22 12.36 20.09
N ALA B 274 10.00 13.15 19.36
CA ALA B 274 10.66 14.30 19.97
C ALA B 274 9.65 15.23 20.63
N PHE B 275 8.55 15.52 19.94
CA PHE B 275 7.48 16.32 20.53
C PHE B 275 7.01 15.73 21.86
N GLU B 276 6.73 14.44 21.88
CA GLU B 276 6.21 13.81 23.09
C GLU B 276 7.23 13.86 24.23
N ALA B 277 8.48 13.56 23.93
CA ALA B 277 9.53 13.59 24.95
C ALA B 277 9.66 15.00 25.51
N ALA B 278 9.75 16.01 24.64
CA ALA B 278 9.84 17.38 25.10
C ALA B 278 8.66 17.78 25.95
N ASN B 279 7.46 17.31 25.58
CA ASN B 279 6.24 17.67 26.30
C ASN B 279 6.04 16.87 27.59
N THR B 280 6.78 15.77 27.77
CA THR B 280 6.93 15.14 29.06
C THR B 280 7.99 15.80 29.93
N GLY B 281 8.71 16.80 29.42
CA GLY B 281 9.29 17.81 30.28
C GLY B 281 10.75 17.57 30.62
N HIS B 282 11.51 17.06 29.67
CA HIS B 282 12.92 16.82 29.83
C HIS B 282 13.62 17.15 28.51
N PRO B 283 14.86 17.70 28.58
CA PRO B 283 15.53 18.12 27.36
C PRO B 283 15.55 16.99 26.30
N VAL B 284 15.20 17.34 25.09
CA VAL B 284 15.52 16.54 23.92
C VAL B 284 16.54 17.32 23.07
N PHE B 285 17.71 16.72 22.87
CA PHE B 285 18.67 17.19 21.89
C PHE B 285 18.53 16.35 20.63
N ALA B 286 18.27 17.03 19.50
CA ALA B 286 18.01 16.37 18.24
C ALA B 286 18.96 16.93 17.19
N THR B 287 19.32 16.07 16.25
CA THR B 287 20.09 16.44 15.08
C THR B 287 19.17 16.49 13.85
N VAL B 288 19.44 17.44 12.96
CA VAL B 288 18.62 17.61 11.77
C VAL B 288 19.55 17.74 10.56
N HIS B 289 19.25 17.00 9.50
CA HIS B 289 19.96 17.15 8.24
C HIS B 289 19.30 18.29 7.42
N SER B 290 19.59 19.50 7.86
CA SER B 290 19.27 20.71 7.12
C SER B 290 20.42 21.70 7.21
N GLN B 291 20.40 22.67 6.30
CA GLN B 291 21.53 23.54 6.08
C GLN B 291 21.48 24.85 6.87
N ASN B 292 20.28 25.31 7.21
CA ASN B 292 20.12 26.44 8.11
C ASN B 292 18.81 26.32 8.87
N CYS B 293 18.53 27.30 9.69
CA CYS B 293 17.49 27.16 10.73
C CYS B 293 16.11 27.16 10.09
N SER B 294 15.82 28.14 9.24
CA SER B 294 14.55 28.12 8.51
C SER B 294 14.40 26.81 7.77
N ALA B 295 15.48 26.36 7.09
CA ALA B 295 15.45 25.07 6.40
C ALA B 295 15.10 23.93 7.39
N VAL B 296 15.60 24.00 8.59
CA VAL B 296 15.16 23.08 9.65
C VAL B 296 13.64 23.15 9.85
N MET B 297 13.14 24.37 10.06
CA MET B 297 11.72 24.54 10.33
C MET B 297 10.87 23.93 9.21
N ARG B 298 11.18 24.24 7.96
CA ARG B 298 10.37 23.84 6.85
C ARG B 298 10.54 22.38 6.48
N ARG B 299 11.74 21.84 6.66
CA ARG B 299 11.92 20.39 6.60
C ARG B 299 11.02 19.67 7.63
N LEU B 300 11.09 20.10 8.88
CA LEU B 300 10.27 19.46 9.91
C LEU B 300 8.79 19.58 9.61
N ILE B 301 8.35 20.75 9.14
CA ILE B 301 6.95 20.94 8.80
C ILE B 301 6.58 20.07 7.61
N SER B 302 7.48 19.87 6.67
CA SER B 302 7.18 19.09 5.47
C SER B 302 6.72 17.68 5.79
N ARG B 303 7.18 17.14 6.92
CA ARG B 303 6.87 15.75 7.27
C ARG B 303 5.37 15.50 7.48
N PHE B 304 4.61 16.56 7.74
CA PHE B 304 3.26 16.43 8.25
C PHE B 304 2.27 16.76 7.16
N ASP B 305 1.21 15.96 7.04
CA ASP B 305 0.13 16.26 6.13
C ASP B 305 -0.57 17.58 6.55
N GLU B 306 -1.24 18.19 5.58
CA GLU B 306 -1.89 19.46 5.79
C GLU B 306 -2.95 19.36 6.89
N SER B 307 -3.67 18.23 6.96
CA SER B 307 -4.67 18.04 7.99
C SER B 307 -4.06 18.23 9.39
N VAL B 308 -2.90 17.63 9.65
CA VAL B 308 -2.27 17.72 10.95
C VAL B 308 -1.27 18.86 11.04
N ARG B 309 -1.09 19.60 9.97
CA ARG B 309 0.11 20.46 9.85
C ARG B 309 0.09 21.67 10.80
N GLY B 310 -1.10 22.14 11.13
CA GLY B 310 -1.25 23.18 12.14
C GLY B 310 -0.83 22.75 13.52
N ALA B 311 -1.42 21.66 13.99
CA ALA B 311 -0.98 21.05 15.26
C ALA B 311 0.52 20.82 15.25
N ALA B 312 1.03 20.25 14.17
CA ALA B 312 2.47 19.96 14.09
C ALA B 312 3.30 21.24 14.21
N ILE B 313 2.84 22.32 13.56
CA ILE B 313 3.57 23.57 13.62
C ILE B 313 3.54 24.15 15.03
N TYR B 314 2.38 24.10 15.68
CA TYR B 314 2.27 24.59 17.04
C TYR B 314 3.21 23.82 17.97
N ASP B 315 3.13 22.49 17.94
CA ASP B 315 4.05 21.68 18.72
C ASP B 315 5.51 22.06 18.44
N LEU B 316 5.85 22.22 17.16
CA LEU B 316 7.24 22.48 16.81
C LEU B 316 7.72 23.81 17.36
N VAL B 317 6.92 24.86 17.18
CA VAL B 317 7.29 26.17 17.69
C VAL B 317 7.35 26.17 19.22
N GLU B 318 6.43 25.46 19.85
CA GLU B 318 6.30 25.55 21.30
C GLU B 318 7.33 24.72 22.03
N THR B 319 7.79 23.64 21.42
CA THR B 319 8.76 22.74 22.05
C THR B 319 10.22 23.08 21.71
N THR B 320 10.44 23.79 20.61
CA THR B 320 11.81 24.10 20.20
C THR B 320 12.33 25.26 21.04
N ARG B 321 13.53 25.08 21.59
CA ARG B 321 14.17 26.11 22.39
C ARG B 321 15.37 26.77 21.71
N PHE B 322 15.95 26.15 20.69
CA PHE B 322 17.22 26.57 20.16
C PHE B 322 17.59 25.76 18.93
N ILE B 323 18.00 26.43 17.87
CA ILE B 323 18.33 25.80 16.59
C ILE B 323 19.74 26.26 16.19
N MET B 324 20.67 25.31 16.09
CA MET B 324 21.99 25.56 15.56
C MET B 324 22.18 24.76 14.29
N ALA B 325 22.38 25.45 13.18
CA ALA B 325 23.04 24.91 12.00
C ALA B 325 24.54 25.27 12.06
N GLN B 326 25.37 24.38 11.54
CA GLN B 326 26.78 24.62 11.39
C GLN B 326 27.26 24.05 10.06
N THR B 327 28.32 24.64 9.55
CA THR B 327 29.10 24.07 8.46
C THR B 327 30.58 24.19 8.77
N LEU B 328 31.39 23.49 7.98
CA LEU B 328 32.84 23.50 8.12
C LEU B 328 33.44 24.29 6.95
N VAL B 329 34.22 25.31 7.29
CA VAL B 329 34.88 26.16 6.33
C VAL B 329 36.36 26.16 6.60
N ARG B 330 37.16 26.17 5.54
CA ARG B 330 38.63 26.22 5.69
C ARG B 330 39.03 27.61 6.16
N LYS B 331 39.72 27.66 7.29
CA LYS B 331 40.34 28.90 7.74
C LYS B 331 41.50 29.30 6.82
N THR B 332 42.00 30.50 7.03
CA THR B 332 43.24 30.93 6.37
C THR B 332 44.33 29.84 6.38
N ASP B 333 44.69 29.37 7.59
CA ASP B 333 45.39 28.12 7.73
C ASP B 333 44.64 26.98 7.06
N GLY B 334 45.37 26.05 6.49
CA GLY B 334 44.76 24.91 5.79
C GLY B 334 43.60 24.27 6.55
N ASN B 335 43.64 24.35 7.85
CA ASN B 335 42.70 23.61 8.69
C ASN B 335 41.32 24.25 8.67
N LEU B 336 40.34 23.49 9.14
CA LEU B 336 38.94 23.86 9.02
C LEU B 336 38.43 24.47 10.33
N VAL B 337 37.19 24.89 10.32
CA VAL B 337 36.53 25.44 11.50
C VAL B 337 35.03 25.33 11.30
N ALA B 338 34.28 25.36 12.37
CA ALA B 338 32.82 25.26 12.36
C ALA B 338 32.27 26.68 12.45
N ALA B 339 31.70 27.16 11.35
CA ALA B 339 30.83 28.33 11.38
C ALA B 339 29.40 27.92 11.76
N ARG B 340 28.79 28.70 12.63
CA ARG B 340 27.53 28.35 13.28
C ARG B 340 26.55 29.49 13.12
N GLU B 341 25.37 29.20 12.58
CA GLU B 341 24.18 29.99 12.79
C GLU B 341 23.29 29.36 13.84
N TYR B 342 22.70 30.19 14.69
CA TYR B 342 21.81 29.74 15.73
C TYR B 342 20.72 30.77 15.97
N LEU B 343 19.53 30.30 16.34
CA LEU B 343 18.51 31.13 16.95
C LEU B 343 18.14 30.50 18.29
N ASN B 344 18.06 31.32 19.33
CA ASN B 344 17.54 30.91 20.62
C ASN B 344 16.06 31.25 20.68
N PHE B 345 15.21 30.25 20.88
CA PHE B 345 13.76 30.43 20.89
C PHE B 345 13.34 30.85 22.28
N THR B 346 13.54 32.15 22.58
CA THR B 346 13.02 32.75 23.77
C THR B 346 11.50 32.64 23.84
N THR B 347 10.95 32.77 25.04
CA THR B 347 9.50 32.87 25.20
C THR B 347 8.92 33.96 24.31
N ASP B 348 9.63 35.09 24.23
CA ASP B 348 9.30 36.12 23.24
C ASP B 348 9.22 35.53 21.81
N ILE B 349 10.27 34.89 21.36
CA ILE B 349 10.29 34.37 19.99
C ILE B 349 9.08 33.45 19.74
N ARG B 350 8.85 32.52 20.66
CA ARG B 350 7.76 31.57 20.46
C ARG B 350 6.43 32.27 20.47
N GLU B 351 6.23 33.21 21.39
CA GLU B 351 4.99 33.98 21.42
C GLU B 351 4.74 34.68 20.10
N GLN B 352 5.80 35.29 19.54
CA GLN B 352 5.69 35.87 18.19
C GLN B 352 5.26 34.83 17.15
N LEU B 353 5.97 33.71 17.11
CA LEU B 353 5.75 32.74 16.03
C LEU B 353 4.33 32.12 16.09
N LEU B 354 3.82 31.98 17.32
CA LEU B 354 2.46 31.44 17.47
C LEU B 354 1.41 32.39 17.01
N SER B 355 1.68 33.71 17.08
CA SER B 355 0.75 34.72 16.58
C SER B 355 1.09 35.06 15.13
N LEU B 356 0.87 34.09 14.27
CA LEU B 356 0.95 34.27 12.81
C LEU B 356 -0.40 33.83 12.24
N SER B 357 -1.12 34.78 11.64
CA SER B 357 -2.33 34.45 10.91
C SER B 357 -2.11 33.31 9.89
N ASP B 358 -0.94 33.32 9.25
CA ASP B 358 -0.56 32.29 8.30
C ASP B 358 0.62 31.50 8.84
N MET B 359 0.45 30.19 8.96
CA MET B 359 1.49 29.31 9.46
C MET B 359 2.40 28.78 8.38
N GLY B 360 2.00 28.88 7.11
CA GLY B 360 2.96 28.75 6.00
C GLY B 360 4.17 29.64 6.16
N LYS B 361 4.03 30.73 6.87
CA LYS B 361 5.11 31.74 6.97
C LYS B 361 6.14 31.42 8.02
N VAL B 362 5.87 30.45 8.89
CA VAL B 362 6.74 30.24 10.07
C VAL B 362 8.20 30.13 9.65
N ALA B 363 8.48 29.19 8.74
CA ALA B 363 9.79 29.15 8.09
C ALA B 363 10.34 30.56 7.79
N SER B 364 9.75 31.24 6.82
CA SER B 364 10.13 32.60 6.51
C SER B 364 10.32 33.44 7.79
N GLU B 365 9.29 33.47 8.64
CA GLU B 365 9.36 34.25 9.86
C GLU B 365 10.64 33.95 10.64
N VAL B 366 10.90 32.69 10.87
CA VAL B 366 12.09 32.29 11.63
C VAL B 366 13.34 32.84 10.97
N ARG B 367 13.43 32.76 9.66
CA ARG B 367 14.54 33.34 8.94
C ARG B 367 14.68 34.84 9.27
N ARG B 368 13.58 35.58 9.20
CA ARG B 368 13.55 36.92 9.73
C ARG B 368 14.14 36.96 11.12
N LEU B 369 13.57 36.19 12.04
CA LEU B 369 13.87 36.35 13.46
C LEU B 369 15.32 36.01 13.77
N VAL B 370 15.88 35.01 13.12
CA VAL B 370 17.31 34.72 13.24
C VAL B 370 18.15 35.93 12.83
N ASP B 371 17.72 36.63 11.79
CA ASP B 371 18.38 37.87 11.39
C ASP B 371 18.19 38.93 12.43
N GLU B 372 17.03 38.97 13.10
CA GLU B 372 16.73 40.00 14.09
C GLU B 372 17.42 39.73 15.41
N PHE B 373 17.19 38.55 15.97
CA PHE B 373 17.65 38.19 17.32
C PHE B 373 18.63 37.04 17.34
N GLY B 374 18.98 36.47 16.19
CA GLY B 374 19.85 35.32 16.10
C GLY B 374 21.19 35.63 15.54
N HIS B 375 21.92 34.56 15.20
CA HIS B 375 23.31 34.64 14.70
C HIS B 375 23.36 34.04 13.32
N PRO B 376 22.96 34.80 12.30
CA PRO B 376 22.86 34.21 10.93
C PRO B 376 24.21 33.91 10.36
N PHE B 377 24.22 33.11 9.31
CA PHE B 377 25.46 32.74 8.63
C PHE B 377 26.15 33.94 8.03
N SER B 378 25.37 34.94 7.58
CA SER B 378 25.97 36.19 7.10
C SER B 378 26.76 36.89 8.20
N LEU B 379 26.19 36.97 9.40
CA LEU B 379 26.88 37.61 10.50
C LEU B 379 28.13 36.82 10.89
N GLU B 380 28.03 35.49 10.92
CA GLU B 380 29.17 34.67 11.28
C GLU B 380 30.31 34.82 10.28
N ALA B 381 29.99 34.71 9.00
CA ALA B 381 30.98 35.06 7.95
C ALA B 381 31.59 36.43 8.17
N GLU B 382 30.75 37.40 8.52
CA GLU B 382 31.23 38.77 8.71
C GLU B 382 32.26 38.83 9.84
N ARG B 383 31.94 38.18 10.95
CA ARG B 383 32.76 38.36 12.15
C ARG B 383 34.00 37.50 12.10
N LEU B 384 33.92 36.30 11.51
CA LEU B 384 35.15 35.55 11.21
C LEU B 384 36.02 36.30 10.27
N HIS B 385 35.44 36.95 9.26
CA HIS B 385 36.24 37.71 8.29
C HIS B 385 36.89 38.95 8.91
N SER B 386 36.20 39.60 9.86
CA SER B 386 36.80 40.69 10.61
C SER B 386 38.11 40.25 11.32
N ASP B 387 38.11 39.04 11.87
CA ASP B 387 39.36 38.38 12.21
C ASP B 387 40.07 37.84 10.96
N GLY B 388 41.30 37.44 11.14
CA GLY B 388 42.05 36.88 9.99
C GLY B 388 41.62 35.49 9.59
N ILE B 389 40.46 35.02 10.05
CA ILE B 389 40.21 33.60 10.16
C ILE B 389 39.79 33.00 8.85
N ILE B 390 38.93 33.69 8.10
CA ILE B 390 38.41 33.18 6.82
C ILE B 390 38.63 34.25 5.78
N ASP B 391 39.08 33.84 4.58
CA ASP B 391 39.25 34.78 3.49
C ASP B 391 37.87 35.24 2.96
N GLY B 392 37.88 36.23 2.09
CA GLY B 392 36.64 36.84 1.66
C GLY B 392 35.74 35.91 0.85
N HIS B 393 36.35 35.03 0.06
CA HIS B 393 35.57 34.07 -0.71
C HIS B 393 34.81 33.10 0.20
N VAL B 394 35.51 32.49 1.14
CA VAL B 394 34.84 31.62 2.11
C VAL B 394 33.75 32.40 2.88
N ALA B 395 34.00 33.68 3.14
CA ALA B 395 33.02 34.47 3.87
C ALA B 395 31.76 34.67 3.05
N LYS B 396 31.92 34.95 1.75
CA LYS B 396 30.76 35.16 0.89
C LYS B 396 30.01 33.87 0.73
N ARG B 397 30.71 32.77 0.38
CA ARG B 397 30.09 31.45 0.39
C ARG B 397 29.26 31.22 1.67
N LEU B 398 29.86 31.46 2.81
CA LEU B 398 29.18 31.15 4.07
C LEU B 398 27.98 32.05 4.30
N SER B 399 28.08 33.31 3.95
CA SER B 399 26.94 34.23 4.08
C SER B 399 25.75 33.77 3.25
N MET B 400 26.03 33.17 2.08
CA MET B 400 24.95 32.68 1.22
C MET B 400 24.43 31.33 1.62
N MET B 401 25.14 30.62 2.48
CA MET B 401 24.53 29.53 3.29
C MET B 401 23.26 30.07 3.95
N SER B 402 23.37 31.19 4.64
CA SER B 402 22.19 31.84 5.21
C SER B 402 21.26 30.84 5.90
N LEU C 18 25.77 -28.29 -46.63
CA LEU C 18 26.88 -27.50 -46.06
C LEU C 18 26.70 -26.02 -46.33
N HIS C 19 25.91 -25.36 -45.52
CA HIS C 19 25.77 -23.90 -45.57
C HIS C 19 26.27 -23.32 -44.25
N LEU C 20 27.04 -22.25 -44.29
CA LEU C 20 27.86 -21.82 -43.17
C LEU C 20 27.94 -20.29 -43.22
N PRO C 21 27.97 -19.66 -42.05
CA PRO C 21 28.38 -18.24 -42.02
C PRO C 21 29.87 -18.12 -42.32
N ILE C 22 30.28 -16.92 -42.66
CA ILE C 22 31.67 -16.65 -43.00
C ILE C 22 32.55 -17.03 -41.81
N LEU C 23 33.72 -17.58 -42.10
CA LEU C 23 34.70 -17.92 -41.08
C LEU C 23 36.02 -17.22 -41.39
N GLU C 24 36.72 -16.81 -40.35
CA GLU C 24 37.89 -15.97 -40.50
C GLU C 24 39.11 -16.81 -40.87
N PHE C 25 40.09 -16.17 -41.47
CA PHE C 25 41.47 -16.66 -41.46
C PHE C 25 42.08 -16.36 -40.08
N LYS C 26 42.76 -17.36 -39.51
CA LYS C 26 43.11 -17.32 -38.11
C LYS C 26 44.43 -16.58 -37.90
N THR C 27 44.55 -15.88 -36.79
CA THR C 27 45.81 -15.32 -36.29
C THR C 27 46.06 -15.87 -34.89
N GLU C 28 46.74 -17.01 -34.81
CA GLU C 28 47.63 -17.27 -33.69
C GLU C 28 47.38 -18.64 -33.07
N TYR C 29 46.23 -19.25 -33.38
CA TYR C 29 45.70 -20.32 -32.59
C TYR C 29 44.80 -21.21 -33.44
N ARG C 30 44.61 -22.44 -33.00
CA ARG C 30 43.77 -23.42 -33.67
C ARG C 30 42.50 -23.64 -32.85
N TYR C 31 41.37 -23.71 -33.55
CA TYR C 31 40.09 -23.79 -32.89
C TYR C 31 40.03 -25.07 -32.02
N PRO C 32 39.49 -24.96 -30.80
CA PRO C 32 39.42 -26.13 -29.94
C PRO C 32 38.45 -27.19 -30.48
N SER C 33 38.79 -28.44 -30.26
CA SER C 33 37.88 -29.54 -30.53
C SER C 33 36.53 -29.28 -29.80
N THR C 34 36.61 -29.02 -28.51
CA THR C 34 35.45 -28.62 -27.75
C THR C 34 35.89 -27.66 -26.64
N PHE C 35 35.19 -26.56 -26.47
CA PHE C 35 35.50 -25.60 -25.43
C PHE C 35 35.43 -26.25 -24.06
N GLU C 36 36.54 -26.24 -23.33
CA GLU C 36 36.56 -26.70 -21.95
C GLU C 36 37.19 -25.66 -21.05
N HIS C 37 38.43 -25.33 -21.30
CA HIS C 37 39.19 -24.37 -20.48
C HIS C 37 38.81 -22.96 -20.83
N GLU C 38 38.74 -22.10 -19.82
CA GLU C 38 38.52 -20.66 -20.06
C GLU C 38 39.54 -20.07 -21.04
N ALA C 39 40.78 -20.57 -20.98
CA ALA C 39 41.85 -20.02 -21.79
C ALA C 39 41.60 -20.22 -23.30
N GLN C 40 40.93 -21.30 -23.67
CA GLN C 40 40.49 -21.47 -25.03
C GLN C 40 39.50 -20.37 -25.40
N PHE C 41 38.57 -20.04 -24.51
CA PHE C 41 37.56 -19.03 -24.81
C PHE C 41 38.18 -17.63 -24.95
N LYS C 42 39.00 -17.25 -23.96
CA LYS C 42 39.75 -16.00 -24.06
C LYS C 42 40.59 -15.95 -25.34
N ASP C 43 41.23 -17.06 -25.67
CA ASP C 43 41.97 -17.13 -26.94
C ASP C 43 41.09 -16.89 -28.16
N THR C 44 39.89 -17.44 -28.13
CA THR C 44 38.94 -17.21 -29.22
C THR C 44 38.57 -15.72 -29.31
N VAL C 45 38.24 -15.13 -28.19
CA VAL C 45 37.95 -13.68 -28.14
C VAL C 45 39.12 -12.89 -28.72
N LEU C 46 40.36 -13.31 -28.41
CA LEU C 46 41.53 -12.63 -28.93
C LEU C 46 41.67 -12.78 -30.46
N GLU C 47 41.33 -13.96 -30.95
CA GLU C 47 41.27 -14.17 -32.39
C GLU C 47 40.26 -13.24 -33.04
N PHE C 48 39.07 -13.15 -32.47
CA PHE C 48 38.06 -12.21 -32.96
C PHE C 48 38.61 -10.78 -32.94
N LEU C 49 39.39 -10.44 -31.92
CA LEU C 49 39.88 -9.07 -31.79
C LEU C 49 40.95 -8.76 -32.79
N ALA C 50 41.80 -9.73 -33.13
CA ALA C 50 42.70 -9.60 -34.27
C ALA C 50 41.95 -9.10 -35.53
N HIS C 51 40.71 -9.55 -35.68
CA HIS C 51 39.86 -9.11 -36.78
C HIS C 51 39.03 -7.90 -36.44
N GLU C 52 39.30 -7.23 -35.33
CA GLU C 52 38.56 -6.03 -34.92
C GLU C 52 37.07 -6.34 -34.74
N ALA C 53 36.77 -7.51 -34.21
CA ALA C 53 35.40 -7.91 -33.96
C ALA C 53 34.81 -7.10 -32.81
N SER C 54 33.60 -6.59 -33.00
CA SER C 54 33.00 -5.68 -32.03
C SER C 54 32.15 -6.44 -31.00
N ASP C 55 31.32 -7.37 -31.47
CA ASP C 55 30.40 -8.10 -30.63
C ASP C 55 30.57 -9.61 -30.88
N ILE C 56 30.22 -10.39 -29.87
CA ILE C 56 30.34 -11.83 -29.92
C ILE C 56 29.00 -12.42 -29.45
N ILE C 57 28.40 -13.27 -30.30
CA ILE C 57 27.27 -14.08 -29.92
C ILE C 57 27.76 -15.54 -29.79
N ILE C 58 27.54 -16.12 -28.63
CA ILE C 58 27.55 -17.55 -28.43
C ILE C 58 26.11 -18.01 -28.24
N LYS C 59 25.65 -18.91 -29.11
CA LYS C 59 24.39 -19.57 -28.95
C LYS C 59 24.52 -21.03 -29.37
N GLN C 60 23.56 -21.84 -28.99
CA GLN C 60 23.70 -23.29 -29.00
C GLN C 60 23.76 -23.81 -30.42
N GLY C 61 22.86 -23.38 -31.29
CA GLY C 61 22.69 -24.05 -32.58
C GLY C 61 23.91 -23.93 -33.53
N VAL C 62 24.72 -22.91 -33.30
CA VAL C 62 25.67 -22.44 -34.28
C VAL C 62 27.02 -22.22 -33.61
N ALA C 63 28.06 -22.13 -34.44
CA ALA C 63 29.38 -21.76 -33.97
C ALA C 63 29.37 -20.41 -33.27
N ILE C 64 30.22 -20.25 -32.29
CA ILE C 64 30.56 -18.94 -31.75
C ILE C 64 30.79 -17.98 -32.92
N SER C 65 30.07 -16.87 -32.92
CA SER C 65 30.17 -15.86 -33.95
C SER C 65 30.53 -14.52 -33.34
N ALA C 66 31.04 -13.62 -34.16
CA ALA C 66 31.19 -12.23 -33.83
C ALA C 66 30.91 -11.37 -35.05
N LYS C 67 30.55 -10.13 -34.79
CA LYS C 67 30.22 -9.15 -35.84
C LYS C 67 31.49 -8.38 -36.16
N VAL C 68 32.12 -8.73 -37.29
CA VAL C 68 33.16 -7.90 -37.85
C VAL C 68 32.58 -6.94 -38.89
N LYS C 69 32.81 -5.65 -38.69
CA LYS C 69 32.21 -4.61 -39.52
C LYS C 69 30.72 -4.88 -39.78
N GLY C 70 30.04 -5.24 -38.71
CA GLY C 70 28.59 -5.43 -38.74
C GLY C 70 28.12 -6.80 -39.17
N THR C 71 28.96 -7.56 -39.84
CA THR C 71 28.56 -8.83 -40.44
C THR C 71 28.96 -9.99 -39.51
N LEU C 72 28.09 -10.98 -39.41
CA LEU C 72 28.39 -12.16 -38.62
C LEU C 72 29.50 -12.99 -39.21
N CYS C 73 30.30 -13.60 -38.34
CA CYS C 73 31.38 -14.46 -38.75
C CYS C 73 31.71 -15.44 -37.63
N THR C 74 32.55 -16.40 -37.94
CA THR C 74 32.93 -17.44 -37.00
C THR C 74 34.36 -17.90 -37.31
N LEU C 75 34.93 -18.64 -36.36
CA LEU C 75 36.24 -19.23 -36.50
C LEU C 75 36.21 -20.65 -37.05
N SER C 76 35.06 -21.29 -37.08
CA SER C 76 34.95 -22.68 -37.52
C SER C 76 33.54 -22.97 -37.95
N THR C 77 33.39 -24.04 -38.73
CA THR C 77 32.07 -24.57 -39.05
C THR C 77 31.37 -25.19 -37.83
N ARG C 78 32.13 -25.62 -36.81
CA ARG C 78 31.57 -26.50 -35.79
C ARG C 78 30.60 -25.71 -34.91
N THR C 79 29.48 -26.34 -34.58
CA THR C 79 28.53 -25.81 -33.62
C THR C 79 28.90 -26.20 -32.20
N LEU C 80 28.20 -25.62 -31.25
CA LEU C 80 28.47 -25.80 -29.84
C LEU C 80 27.36 -26.63 -29.20
N ASN C 81 27.74 -27.55 -28.31
CA ASN C 81 26.76 -28.21 -27.45
C ASN C 81 26.29 -27.28 -26.36
N PHE C 82 25.07 -27.51 -25.90
CA PHE C 82 24.55 -26.81 -24.72
C PHE C 82 25.51 -26.91 -23.51
N ASN C 83 26.37 -27.92 -23.50
CA ASN C 83 27.36 -28.02 -22.44
C ASN C 83 28.35 -26.88 -22.49
N GLU C 84 28.95 -26.66 -23.65
CA GLU C 84 29.95 -25.59 -23.80
C GLU C 84 29.31 -24.23 -23.72
N ILE C 85 28.04 -24.09 -24.03
CA ILE C 85 27.32 -22.85 -23.73
C ILE C 85 27.15 -22.68 -22.23
N GLU C 86 26.93 -23.78 -21.50
CA GLU C 86 26.99 -23.76 -20.05
C GLU C 86 28.33 -23.23 -19.54
N ARG C 87 29.41 -23.91 -19.88
CA ARG C 87 30.75 -23.45 -19.55
C ARG C 87 30.93 -21.95 -19.87
N ILE C 88 30.77 -21.59 -21.14
CA ILE C 88 31.02 -20.22 -21.53
C ILE C 88 30.19 -19.24 -20.69
N ALA C 89 28.93 -19.59 -20.43
CA ALA C 89 28.11 -18.76 -19.57
C ALA C 89 28.74 -18.60 -18.20
N LEU C 90 29.23 -19.72 -17.63
CA LEU C 90 29.96 -19.64 -16.37
C LEU C 90 31.14 -18.66 -16.45
N TRP C 91 31.89 -18.73 -17.54
CA TRP C 91 33.09 -17.91 -17.66
C TRP C 91 32.76 -16.43 -17.79
N ALA C 92 31.86 -16.08 -18.69
CA ALA C 92 31.57 -14.67 -18.94
C ALA C 92 30.82 -14.04 -17.78
N SER C 93 29.93 -14.78 -17.15
CA SER C 93 29.10 -14.23 -16.08
C SER C 93 29.85 -14.22 -14.76
N GLY C 94 29.52 -13.25 -13.91
CA GLY C 94 30.06 -13.23 -12.55
C GLY C 94 29.72 -14.51 -11.76
N SER C 95 28.47 -14.95 -11.88
CA SER C 95 27.92 -15.93 -10.97
C SER C 95 28.20 -17.36 -11.43
N SER C 96 27.98 -18.30 -10.53
CA SER C 96 28.08 -19.72 -10.80
C SER C 96 26.70 -20.29 -11.08
N SER C 97 26.65 -21.37 -11.87
CA SER C 97 25.40 -22.06 -12.17
C SER C 97 24.30 -21.07 -12.62
N VAL C 98 24.61 -20.32 -13.63
CA VAL C 98 23.82 -19.14 -13.98
C VAL C 98 22.42 -19.50 -14.48
N LEU C 99 22.21 -20.74 -14.92
CA LEU C 99 20.97 -21.13 -15.50
C LEU C 99 19.80 -21.10 -14.49
N THR C 100 20.07 -21.44 -13.24
CA THR C 100 19.06 -21.30 -12.21
C THR C 100 18.68 -19.83 -12.01
N GLU C 101 19.66 -18.92 -12.09
CA GLU C 101 19.37 -17.50 -12.09
C GLU C 101 18.56 -17.10 -13.35
N LEU C 102 18.79 -17.77 -14.46
CA LEU C 102 18.00 -17.51 -15.65
C LEU C 102 16.55 -17.89 -15.44
N ALA C 103 16.32 -19.10 -14.91
CA ALA C 103 14.96 -19.55 -14.60
C ALA C 103 14.32 -18.77 -13.45
N SER C 104 15.11 -18.02 -12.68
CA SER C 104 14.57 -17.10 -11.69
C SER C 104 14.14 -15.78 -12.26
N LYS C 105 14.07 -15.65 -13.60
CA LYS C 105 13.78 -14.39 -14.27
C LYS C 105 14.62 -13.26 -13.72
N LYS C 106 15.90 -13.57 -13.51
CA LYS C 106 16.91 -12.54 -13.21
C LYS C 106 17.58 -12.12 -14.51
N LEU C 107 17.71 -10.81 -14.70
CA LEU C 107 18.37 -10.26 -15.88
C LEU C 107 19.88 -10.22 -15.60
N ILE C 108 20.63 -10.87 -16.51
CA ILE C 108 22.05 -11.09 -16.26
C ILE C 108 22.85 -10.28 -17.27
N ASN C 109 23.19 -9.06 -16.92
CA ASN C 109 24.19 -8.26 -17.60
C ASN C 109 25.35 -7.99 -16.68
N THR C 110 26.55 -8.35 -17.13
CA THR C 110 27.77 -8.11 -16.39
C THR C 110 28.85 -7.61 -17.34
N ARG C 111 30.11 -7.67 -16.92
CA ARG C 111 31.25 -7.21 -17.70
C ARG C 111 32.32 -8.28 -17.69
N TYR C 112 33.10 -8.32 -18.74
CA TYR C 112 34.09 -9.36 -18.99
C TYR C 112 35.29 -8.78 -19.70
N GLU C 113 36.47 -9.16 -19.24
CA GLU C 113 37.74 -8.56 -19.63
C GLU C 113 38.66 -9.58 -20.21
N VAL C 114 39.41 -9.18 -21.23
CA VAL C 114 40.39 -10.05 -21.89
C VAL C 114 41.64 -9.21 -22.15
N PHE C 115 42.73 -9.56 -21.53
CA PHE C 115 44.03 -8.94 -21.72
C PHE C 115 44.77 -9.59 -22.87
N HIS C 116 45.48 -8.79 -23.65
CA HIS C 116 46.09 -9.26 -24.88
C HIS C 116 47.27 -10.17 -24.56
N PRO C 117 47.37 -11.33 -25.19
CA PRO C 117 48.40 -12.30 -24.76
C PRO C 117 49.80 -11.82 -25.09
N THR C 118 50.03 -11.41 -26.33
CA THR C 118 51.38 -11.25 -26.87
C THR C 118 51.92 -9.87 -26.60
N LYS C 119 51.86 -9.46 -25.33
CA LYS C 119 52.61 -8.31 -24.82
C LYS C 119 52.39 -7.04 -25.69
N LEU C 120 51.26 -7.02 -26.38
CA LEU C 120 50.55 -5.75 -26.60
C LEU C 120 50.36 -5.06 -25.25
N THR C 121 51.15 -4.02 -25.01
CA THR C 121 51.05 -3.21 -23.80
C THR C 121 50.54 -1.82 -24.15
N THR C 122 50.11 -1.10 -23.13
CA THR C 122 49.58 0.24 -23.28
C THR C 122 50.70 1.27 -23.25
N GLY C 123 50.31 2.53 -23.41
CA GLY C 123 51.19 3.65 -23.04
C GLY C 123 51.88 3.41 -21.70
N GLY C 124 51.15 2.87 -20.74
CA GLY C 124 51.77 2.30 -19.55
C GLY C 124 52.34 0.91 -19.77
N GLN C 125 51.69 -0.06 -19.20
CA GLN C 125 52.27 -1.38 -18.94
C GLN C 125 51.51 -2.58 -19.49
N LYS C 126 50.28 -2.44 -19.97
CA LYS C 126 49.49 -3.57 -20.41
C LYS C 126 48.29 -3.05 -21.21
N GLN C 127 47.52 -3.96 -21.77
CA GLN C 127 46.45 -3.63 -22.69
C GLN C 127 45.29 -4.58 -22.50
N ARG C 128 44.11 -4.05 -22.21
CA ARG C 128 42.96 -4.81 -21.80
C ARG C 128 41.77 -4.48 -22.66
N PHE C 129 40.88 -5.45 -22.87
CA PHE C 129 39.69 -5.31 -23.71
C PHE C 129 38.46 -5.63 -22.88
N GLY C 130 37.45 -4.79 -23.01
CA GLY C 130 36.34 -4.73 -22.07
C GLY C 130 35.01 -4.95 -22.73
N TYR C 131 34.16 -5.75 -22.11
CA TYR C 131 33.03 -6.39 -22.75
C TYR C 131 31.79 -6.26 -21.86
N ARG C 132 30.68 -5.89 -22.44
CA ARG C 132 29.39 -5.91 -21.77
C ARG C 132 28.70 -7.19 -22.16
N VAL C 133 28.39 -8.04 -21.19
CA VAL C 133 27.92 -9.39 -21.41
C VAL C 133 26.45 -9.42 -20.98
N ASN C 134 25.56 -9.50 -21.95
CA ASN C 134 24.20 -9.99 -21.74
C ASN C 134 24.20 -11.51 -21.82
N ILE C 135 23.55 -12.15 -20.85
CA ILE C 135 23.09 -13.53 -21.00
C ILE C 135 21.57 -13.52 -20.93
N SER C 136 20.95 -14.10 -21.97
CA SER C 136 19.52 -14.03 -22.15
C SER C 136 18.97 -15.45 -22.31
N PRO C 137 17.81 -15.74 -21.69
CA PRO C 137 17.14 -16.99 -21.95
C PRO C 137 16.65 -17.07 -23.39
N VAL C 138 16.91 -18.19 -24.05
CA VAL C 138 16.38 -18.52 -25.34
C VAL C 138 15.73 -19.88 -25.33
N TYR C 139 15.06 -20.25 -26.42
CA TYR C 139 14.46 -21.55 -26.60
C TYR C 139 15.00 -22.21 -27.85
N ILE C 140 15.64 -23.35 -27.69
CA ILE C 140 16.19 -24.11 -28.82
C ILE C 140 15.72 -25.56 -28.68
N GLN C 141 15.04 -26.06 -29.72
CA GLN C 141 14.73 -27.48 -29.82
C GLN C 141 14.06 -27.96 -28.55
N GLY C 142 13.08 -27.20 -28.06
CA GLY C 142 12.30 -27.64 -26.92
C GLY C 142 12.91 -27.37 -25.56
N LYS C 143 14.09 -26.76 -25.50
CA LYS C 143 14.83 -26.63 -24.25
C LYS C 143 15.20 -25.16 -24.05
N THR C 144 15.11 -24.70 -22.82
CA THR C 144 15.59 -23.37 -22.45
C THR C 144 17.12 -23.34 -22.40
N THR C 145 17.70 -22.33 -22.99
CA THR C 145 19.15 -22.15 -23.05
C THR C 145 19.51 -20.73 -22.68
N ALA C 146 20.80 -20.46 -22.62
CA ALA C 146 21.32 -19.09 -22.62
C ALA C 146 21.94 -18.79 -23.99
N GLU C 147 21.65 -17.61 -24.50
CA GLU C 147 22.48 -16.91 -25.47
C GLU C 147 23.34 -15.88 -24.76
N ILE C 148 24.62 -15.80 -25.16
CA ILE C 148 25.56 -14.86 -24.61
C ILE C 148 25.93 -13.85 -25.72
N VAL C 149 25.94 -12.58 -25.36
CA VAL C 149 26.39 -11.53 -26.24
C VAL C 149 27.33 -10.62 -25.46
N MET C 150 28.55 -10.45 -25.98
CA MET C 150 29.51 -9.52 -25.41
C MET C 150 29.79 -8.42 -26.41
N ARG C 151 29.51 -7.18 -26.02
CA ARG C 151 29.85 -6.00 -26.80
C ARG C 151 31.06 -5.35 -26.20
N SER C 152 32.17 -5.38 -26.92
CA SER C 152 33.29 -4.46 -26.67
C SER C 152 32.76 -3.03 -26.40
N ILE C 153 33.20 -2.47 -25.30
CA ILE C 153 32.75 -1.17 -24.84
C ILE C 153 33.98 -0.34 -24.51
N PRO C 154 33.94 1.00 -24.74
CA PRO C 154 35.07 1.85 -24.40
C PRO C 154 35.54 1.62 -22.94
N LEU C 155 36.84 1.54 -22.77
CA LEU C 155 37.42 1.29 -21.47
C LEU C 155 37.62 2.54 -20.63
N ASP C 156 38.08 3.61 -21.24
CA ASP C 156 38.42 4.85 -20.56
C ASP C 156 37.34 5.90 -20.85
N PRO C 157 36.94 6.68 -19.82
CA PRO C 157 35.98 7.74 -20.07
C PRO C 157 36.43 8.66 -21.21
N LEU C 158 35.45 9.27 -21.85
CA LEU C 158 35.72 10.14 -23.00
C LEU C 158 35.85 11.57 -22.54
N PRO C 159 36.80 12.32 -23.14
CA PRO C 159 36.87 13.77 -22.88
C PRO C 159 35.56 14.48 -23.12
N LEU C 160 35.38 15.63 -22.50
CA LEU C 160 34.15 16.42 -22.69
C LEU C 160 33.93 16.78 -24.14
N ALA C 161 34.99 17.21 -24.83
CA ALA C 161 34.86 17.65 -26.21
C ALA C 161 34.24 16.55 -27.08
N ASP C 162 34.61 15.30 -26.82
CA ASP C 162 34.12 14.21 -27.66
C ASP C 162 32.65 13.98 -27.47
N ILE C 163 32.15 14.15 -26.24
CA ILE C 163 30.71 14.02 -25.97
C ILE C 163 29.99 15.37 -26.00
N GLY C 164 30.69 16.45 -26.32
CA GLY C 164 30.02 17.71 -26.55
C GLY C 164 29.50 18.39 -25.31
N LEU C 165 30.26 18.32 -24.23
CA LEU C 165 29.92 19.05 -23.00
C LEU C 165 30.91 20.17 -22.79
N SER C 166 30.40 21.31 -22.35
CA SER C 166 31.28 22.46 -22.03
C SER C 166 31.77 22.35 -20.62
N PRO C 167 33.08 22.51 -20.37
CA PRO C 167 33.56 22.52 -18.97
C PRO C 167 32.76 23.44 -18.06
N GLU C 168 32.42 24.63 -18.52
CA GLU C 168 31.61 25.54 -17.73
C GLU C 168 30.32 24.90 -17.26
N LEU C 169 29.64 24.19 -18.16
CA LEU C 169 28.36 23.58 -17.80
C LEU C 169 28.53 22.48 -16.75
N VAL C 170 29.57 21.66 -16.90
CA VAL C 170 29.74 20.51 -16.01
C VAL C 170 30.23 20.94 -14.64
N ASN C 171 31.11 21.95 -14.61
CA ASN C 171 31.34 22.70 -13.37
C ASN C 171 30.03 23.19 -12.79
N GLN C 172 29.10 23.64 -13.65
CA GLN C 172 27.76 23.96 -13.18
C GLN C 172 27.10 22.80 -12.40
N MET C 173 27.45 21.57 -12.76
CA MET C 173 26.67 20.42 -12.38
C MET C 173 27.35 19.60 -11.27
N CYS C 174 28.42 20.08 -10.70
CA CYS C 174 29.20 19.39 -9.67
C CYS C 174 29.19 20.21 -8.39
N PRO C 175 28.07 20.22 -7.68
CA PRO C 175 28.00 20.89 -6.38
C PRO C 175 28.85 20.26 -5.30
N ASP C 176 28.96 20.90 -4.15
CA ASP C 176 29.48 20.21 -2.96
C ASP C 176 28.52 19.11 -2.47
N ASN C 177 27.22 19.36 -2.61
CA ASN C 177 26.23 18.44 -2.05
C ASN C 177 25.00 18.37 -2.98
N GLY C 178 24.11 17.49 -2.66
CA GLY C 178 22.89 17.34 -3.42
C GLY C 178 22.99 16.34 -4.52
N ILE C 179 21.97 16.29 -5.36
CA ILE C 179 21.77 15.26 -6.36
C ILE C 179 21.90 15.91 -7.74
N VAL C 180 22.81 15.36 -8.56
CA VAL C 180 22.88 15.66 -9.97
C VAL C 180 22.33 14.45 -10.74
N MET C 181 21.28 14.68 -11.51
CA MET C 181 20.63 13.62 -12.27
C MET C 181 20.79 13.91 -13.76
N VAL C 182 21.18 12.90 -14.54
CA VAL C 182 21.04 12.89 -15.97
C VAL C 182 19.94 11.86 -16.32
N ALA C 183 18.86 12.34 -16.91
CA ALA C 183 17.75 11.53 -17.36
C ALA C 183 17.87 11.24 -18.86
N GLY C 184 17.17 10.22 -19.31
CA GLY C 184 17.19 9.81 -20.67
C GLY C 184 16.74 8.40 -20.87
N LYS C 185 16.59 8.02 -22.13
CA LYS C 185 16.28 6.64 -22.49
C LYS C 185 17.53 5.75 -22.30
N THR C 186 17.28 4.44 -22.18
CA THR C 186 18.39 3.53 -21.95
C THR C 186 19.52 3.67 -22.97
N SER C 187 19.17 3.93 -24.22
CA SER C 187 20.14 4.03 -25.31
C SER C 187 20.66 5.44 -25.53
N SER C 188 20.59 6.30 -24.51
CA SER C 188 20.99 7.68 -24.62
C SER C 188 22.33 8.00 -23.93
N GLY C 189 23.05 7.01 -23.48
CA GLY C 189 24.37 7.20 -22.94
C GLY C 189 24.44 8.21 -21.81
N LYS C 190 23.62 8.04 -20.83
CA LYS C 190 23.80 8.70 -19.52
C LYS C 190 25.09 8.22 -18.90
N SER C 191 25.34 6.92 -18.91
CA SER C 191 26.57 6.38 -18.33
C SER C 191 27.79 7.06 -18.91
N THR C 192 27.84 7.24 -20.23
CA THR C 192 28.94 7.93 -20.88
C THR C 192 29.09 9.36 -20.34
N THR C 193 28.00 10.12 -20.35
CA THR C 193 28.01 11.45 -19.77
C THR C 193 28.62 11.50 -18.38
N PHE C 194 28.16 10.59 -17.52
CA PHE C 194 28.61 10.59 -16.12
C PHE C 194 30.07 10.17 -15.99
N SER C 195 30.50 9.23 -16.79
CA SER C 195 31.89 8.81 -16.79
C SER C 195 32.79 9.98 -17.22
N SER C 196 32.45 10.62 -18.34
CA SER C 196 33.13 11.84 -18.73
C SER C 196 33.17 12.87 -17.58
N ILE C 197 32.04 13.07 -16.93
CA ILE C 197 31.97 14.10 -15.90
C ILE C 197 32.86 13.73 -14.72
N ILE C 198 33.00 12.43 -14.41
CA ILE C 198 33.85 12.03 -13.31
C ILE C 198 35.31 12.15 -13.67
N ARG C 199 35.71 11.54 -14.80
CA ARG C 199 37.06 11.75 -15.33
C ARG C 199 37.48 13.22 -15.29
N TYR C 200 36.64 14.08 -15.81
CA TYR C 200 36.92 15.52 -15.71
C TYR C 200 36.98 15.95 -14.28
N ILE C 201 36.11 15.43 -13.42
CA ILE C 201 36.10 15.78 -12.00
C ILE C 201 37.49 15.60 -11.38
N MET C 202 38.06 14.42 -11.58
CA MET C 202 39.31 14.08 -10.91
C MET C 202 40.55 14.48 -11.69
N GLU C 203 40.39 14.87 -12.94
CA GLU C 203 41.52 15.41 -13.72
C GLU C 203 41.66 16.90 -13.60
N ASN C 204 40.64 17.62 -13.13
CA ASN C 204 40.66 19.06 -13.04
C ASN C 204 40.36 19.49 -11.60
N ASP C 205 40.49 20.77 -11.34
CA ASP C 205 40.22 21.35 -10.02
C ASP C 205 38.73 21.71 -10.00
N THR C 206 37.97 20.96 -9.21
CA THR C 206 36.51 21.07 -9.18
C THR C 206 36.05 21.11 -7.73
N PRO C 207 34.89 21.72 -7.47
CA PRO C 207 34.40 21.78 -6.09
C PRO C 207 34.35 20.41 -5.39
N ILE C 208 34.11 19.34 -6.12
CA ILE C 208 34.02 18.01 -5.58
C ILE C 208 35.35 17.31 -5.79
N LYS C 209 35.97 16.88 -4.71
CA LYS C 209 37.23 16.14 -4.76
C LYS C 209 37.32 15.20 -3.58
N GLY C 210 38.04 14.10 -3.77
CA GLY C 210 38.37 13.20 -2.66
C GLY C 210 38.07 11.76 -2.99
N HIS C 211 37.29 11.07 -2.16
CA HIS C 211 36.91 9.70 -2.40
C HIS C 211 35.62 9.69 -3.20
N LEU C 212 35.66 9.21 -4.40
CA LEU C 212 34.48 9.07 -5.27
C LEU C 212 34.19 7.57 -5.42
N LEU C 213 32.97 7.19 -5.11
CA LEU C 213 32.48 5.84 -5.28
C LEU C 213 31.47 5.85 -6.43
N THR C 214 31.53 4.82 -7.25
CA THR C 214 30.52 4.54 -8.27
C THR C 214 29.97 3.13 -8.01
N HIS C 215 28.65 2.99 -8.04
CA HIS C 215 27.99 1.72 -8.04
C HIS C 215 27.34 1.50 -9.39
N GLU C 216 27.80 0.49 -10.12
CA GLU C 216 27.37 0.21 -11.48
C GLU C 216 26.92 -1.22 -11.58
N ASP C 217 25.72 -1.42 -12.13
CA ASP C 217 25.22 -2.75 -12.46
C ASP C 217 26.28 -3.49 -13.26
N PRO C 218 26.20 -3.41 -14.61
CA PRO C 218 27.44 -3.58 -15.39
C PRO C 218 28.34 -2.34 -15.22
N ILE C 219 29.53 -2.54 -14.66
CA ILE C 219 30.57 -1.54 -14.78
C ILE C 219 30.95 -1.44 -16.26
N GLU C 220 30.85 -0.21 -16.80
CA GLU C 220 31.21 0.06 -18.17
C GLU C 220 32.61 0.65 -18.28
N PHE C 221 32.73 1.91 -17.90
CA PHE C 221 34.02 2.60 -17.97
C PHE C 221 34.80 2.34 -16.70
N VAL C 222 36.12 2.26 -16.84
CA VAL C 222 37.05 2.18 -15.72
C VAL C 222 37.88 3.45 -15.67
N TYR C 223 38.39 3.76 -14.48
CA TYR C 223 39.23 4.92 -14.25
C TYR C 223 40.65 4.54 -13.85
N ASP C 224 41.11 3.39 -14.34
CA ASP C 224 42.46 2.92 -13.96
C ASP C 224 43.55 3.81 -14.55
N ASN C 225 43.32 4.34 -15.74
CA ASN C 225 44.32 5.13 -16.44
C ASN C 225 44.11 6.62 -16.28
N ILE C 226 43.15 7.05 -15.42
CA ILE C 226 42.95 8.45 -15.12
C ILE C 226 43.79 8.78 -13.88
N LYS C 227 44.78 9.65 -14.09
CA LYS C 227 45.58 10.20 -13.02
C LYS C 227 44.89 11.44 -12.47
N SER C 228 44.76 11.48 -11.14
CA SER C 228 44.15 12.61 -10.44
C SER C 228 45.14 13.22 -9.48
N ALA C 229 45.03 14.52 -9.26
CA ALA C 229 45.84 15.21 -8.27
C ALA C 229 45.24 15.14 -6.87
N HIS C 230 43.94 14.87 -6.76
CA HIS C 230 43.23 15.15 -5.52
C HIS C 230 42.22 14.09 -5.11
N SER C 231 42.00 13.07 -5.93
CA SER C 231 40.83 12.22 -5.83
C SER C 231 41.25 10.76 -6.07
N ILE C 232 40.61 9.85 -5.35
CA ILE C 232 40.66 8.43 -5.67
C ILE C 232 39.23 7.93 -5.93
N ILE C 233 39.12 6.97 -6.85
CA ILE C 233 37.84 6.44 -7.29
C ILE C 233 37.80 4.96 -7.00
N ALA C 234 36.68 4.50 -6.48
CA ALA C 234 36.38 3.07 -6.34
C ALA C 234 35.09 2.77 -7.11
N GLN C 235 35.14 1.72 -7.94
CA GLN C 235 33.97 1.22 -8.64
C GLN C 235 33.55 -0.11 -8.07
N SER C 236 32.25 -0.29 -7.90
CA SER C 236 31.68 -1.54 -7.39
C SER C 236 30.56 -1.98 -8.32
N GLN C 237 30.66 -3.22 -8.79
CA GLN C 237 29.62 -3.82 -9.61
C GLN C 237 28.59 -4.51 -8.69
N ILE C 238 27.32 -4.41 -9.10
CA ILE C 238 26.24 -4.24 -8.12
C ILE C 238 25.47 -5.50 -7.96
N PRO C 239 25.19 -6.23 -9.04
CA PRO C 239 24.95 -7.69 -8.91
C PRO C 239 26.12 -8.40 -8.21
N GLU C 240 27.32 -8.29 -8.78
CA GLU C 240 28.34 -9.28 -8.53
C GLU C 240 29.14 -9.03 -7.25
N GLN C 241 29.38 -7.76 -6.94
CA GLN C 241 30.18 -7.38 -5.76
C GLN C 241 29.34 -6.92 -4.59
N PHE C 242 28.30 -6.13 -4.85
CA PHE C 242 27.21 -5.92 -3.89
C PHE C 242 25.95 -6.60 -4.44
N SER C 243 25.20 -7.22 -3.55
CA SER C 243 24.00 -7.96 -3.95
C SER C 243 22.94 -6.97 -4.52
N SER C 244 22.81 -5.81 -3.89
CA SER C 244 21.82 -4.83 -4.25
C SER C 244 22.42 -3.44 -4.26
N PHE C 245 21.77 -2.53 -4.96
CA PHE C 245 22.12 -1.12 -4.83
C PHE C 245 21.89 -0.59 -3.42
N ALA C 246 20.77 -0.94 -2.83
CA ALA C 246 20.50 -0.54 -1.43
C ALA C 246 21.68 -0.87 -0.50
N ILE C 247 22.21 -2.10 -0.64
CA ILE C 247 23.33 -2.48 0.19
C ILE C 247 24.54 -1.62 -0.09
N ALA C 248 24.80 -1.38 -1.37
CA ALA C 248 25.99 -0.58 -1.76
C ALA C 248 25.89 0.84 -1.22
N ASN C 249 24.69 1.40 -1.18
CA ASN C 249 24.53 2.76 -0.70
C ASN C 249 24.56 2.85 0.81
N GLN C 250 23.94 1.88 1.50
CA GLN C 250 24.15 1.74 2.93
C GLN C 250 25.65 1.69 3.26
N GLU C 251 26.41 0.88 2.52
CA GLU C 251 27.84 0.76 2.75
C GLU C 251 28.58 2.03 2.39
N ALA C 252 28.09 2.78 1.40
CA ALA C 252 28.82 3.95 0.92
C ALA C 252 29.05 4.96 2.04
N LEU C 253 28.03 5.19 2.86
CA LEU C 253 28.18 6.12 3.97
C LEU C 253 29.16 5.61 4.99
N ARG C 254 29.20 4.28 5.19
CA ARG C 254 30.21 3.69 6.08
C ARG C 254 31.63 4.06 5.62
N ARG C 255 31.85 4.00 4.33
CA ARG C 255 33.10 4.55 3.73
C ARG C 255 33.07 6.08 3.82
N THR C 256 34.08 6.70 3.28
CA THR C 256 34.29 8.15 3.48
C THR C 256 34.10 8.89 2.16
N PRO C 257 32.96 8.70 1.51
CA PRO C 257 32.85 9.17 0.11
C PRO C 257 32.80 10.67 0.00
N ASN C 258 33.47 11.19 -1.02
CA ASN C 258 33.26 12.55 -1.49
C ASN C 258 32.33 12.64 -2.67
N LEU C 259 32.02 11.53 -3.31
CA LEU C 259 30.99 11.51 -4.37
C LEU C 259 30.52 10.10 -4.55
N ILE C 260 29.21 9.92 -4.64
CA ILE C 260 28.59 8.61 -4.83
C ILE C 260 27.82 8.65 -6.15
N MET C 261 28.34 7.96 -7.16
CA MET C 261 27.56 7.61 -8.33
C MET C 261 26.72 6.40 -7.98
N ILE C 262 25.44 6.62 -7.66
CA ILE C 262 24.54 5.53 -7.28
C ILE C 262 23.95 4.92 -8.52
N GLY C 263 22.83 4.25 -8.41
CA GLY C 263 22.20 3.64 -9.57
C GLY C 263 21.28 4.60 -10.30
N GLU C 264 20.43 4.02 -11.13
CA GLU C 264 19.16 4.63 -11.48
C GLU C 264 18.36 4.93 -10.22
N LEU C 265 17.73 6.11 -10.20
CA LEU C 265 16.64 6.38 -9.26
C LEU C 265 15.34 5.82 -9.85
N ARG C 266 15.03 4.61 -9.45
CA ARG C 266 13.97 3.81 -10.07
C ARG C 266 12.78 3.52 -9.18
N ASP C 267 13.00 3.30 -7.89
CA ASP C 267 11.95 3.00 -6.94
C ASP C 267 12.12 3.89 -5.69
N LYS C 268 11.16 3.79 -4.79
CA LYS C 268 11.17 4.60 -3.59
C LYS C 268 12.52 4.46 -2.84
N GLN C 269 13.03 3.23 -2.74
CA GLN C 269 14.16 2.99 -1.89
C GLN C 269 15.42 3.61 -2.45
N SER C 270 15.63 3.49 -3.76
CA SER C 270 16.74 4.18 -4.43
C SER C 270 16.69 5.68 -4.20
N ILE C 271 15.52 6.28 -4.43
CA ILE C 271 15.37 7.71 -4.22
C ILE C 271 15.68 8.11 -2.77
N GLU C 272 15.28 7.28 -1.83
CA GLU C 272 15.55 7.57 -0.43
C GLU C 272 17.00 7.45 -0.10
N SER C 273 17.69 6.48 -0.69
CA SER C 273 19.14 6.36 -0.52
C SER C 273 19.84 7.58 -1.05
N ALA C 274 19.42 8.05 -2.27
CA ALA C 274 19.92 9.32 -2.78
C ALA C 274 19.70 10.45 -1.76
N PHE C 275 18.50 10.52 -1.19
CA PHE C 275 18.21 11.51 -0.17
C PHE C 275 19.20 11.42 1.00
N GLU C 276 19.46 10.23 1.48
CA GLU C 276 20.34 10.07 2.63
C GLU C 276 21.75 10.48 2.31
N ALA C 277 22.30 9.96 1.21
CA ALA C 277 23.66 10.31 0.78
C ALA C 277 23.77 11.84 0.62
N ALA C 278 22.84 12.46 -0.09
CA ALA C 278 22.91 13.88 -0.31
C ALA C 278 22.84 14.65 0.99
N ASN C 279 21.99 14.21 1.92
CA ASN C 279 21.77 14.95 3.17
C ASN C 279 22.85 14.72 4.19
N THR C 280 23.66 13.67 4.03
CA THR C 280 24.91 13.52 4.75
C THR C 280 26.06 14.20 4.06
N GLY C 281 25.80 15.07 3.07
CA GLY C 281 26.77 16.03 2.60
C GLY C 281 27.64 15.53 1.46
N HIS C 282 27.05 14.73 0.56
CA HIS C 282 27.77 14.22 -0.59
C HIS C 282 27.09 14.67 -1.86
N PRO C 283 27.88 15.06 -2.88
CA PRO C 283 27.38 14.95 -4.26
C PRO C 283 26.87 13.53 -4.55
N VAL C 284 25.71 13.45 -5.16
CA VAL C 284 25.07 12.22 -5.57
C VAL C 284 24.78 12.29 -7.04
N PHE C 285 25.36 11.37 -7.81
CA PHE C 285 25.10 11.28 -9.25
C PHE C 285 24.10 10.16 -9.50
N ALA C 286 22.95 10.50 -10.05
CA ALA C 286 21.88 9.56 -10.31
C ALA C 286 21.50 9.65 -11.78
N THR C 287 21.12 8.52 -12.33
CA THR C 287 20.42 8.45 -13.60
C THR C 287 18.92 8.26 -13.33
N VAL C 288 18.13 8.77 -14.26
CA VAL C 288 16.67 8.60 -14.24
C VAL C 288 16.23 8.21 -15.62
N HIS C 289 15.26 7.30 -15.70
CA HIS C 289 14.71 6.83 -16.98
C HIS C 289 13.55 7.72 -17.39
N SER C 290 13.89 8.87 -17.94
CA SER C 290 12.92 9.96 -18.16
C SER C 290 13.35 10.79 -19.34
N GLN C 291 12.38 11.33 -20.04
CA GLN C 291 12.64 12.00 -21.33
C GLN C 291 13.10 13.44 -21.11
N ASN C 292 12.56 14.13 -20.11
CA ASN C 292 12.90 15.50 -19.81
C ASN C 292 12.91 15.74 -18.31
N CYS C 293 13.18 16.96 -17.89
CA CYS C 293 13.40 17.26 -16.48
C CYS C 293 12.08 17.18 -15.74
N SER C 294 11.06 17.92 -16.22
CA SER C 294 9.74 17.81 -15.63
C SER C 294 9.31 16.35 -15.46
N ALA C 295 9.48 15.57 -16.51
CA ALA C 295 9.11 14.16 -16.46
C ALA C 295 9.91 13.41 -15.37
N VAL C 296 11.19 13.79 -15.21
CA VAL C 296 11.98 13.21 -14.14
C VAL C 296 11.36 13.52 -12.76
N MET C 297 11.10 14.80 -12.51
CA MET C 297 10.50 15.19 -11.26
C MET C 297 9.20 14.42 -11.00
N ARG C 298 8.27 14.48 -11.95
CA ARG C 298 6.99 13.80 -11.80
C ARG C 298 7.21 12.30 -11.50
N ARG C 299 8.08 11.66 -12.27
CA ARG C 299 8.32 10.25 -12.08
C ARG C 299 8.84 9.93 -10.67
N LEU C 300 9.86 10.67 -10.24
CA LEU C 300 10.40 10.44 -8.91
C LEU C 300 9.33 10.68 -7.84
N ILE C 301 8.53 11.72 -7.98
CA ILE C 301 7.48 12.00 -7.00
C ILE C 301 6.46 10.85 -6.96
N SER C 302 6.15 10.28 -8.12
CA SER C 302 5.16 9.23 -8.19
C SER C 302 5.60 7.97 -7.43
N ARG C 303 6.86 7.81 -7.16
CA ARG C 303 7.34 6.62 -6.47
C ARG C 303 6.87 6.51 -5.05
N PHE C 304 6.43 7.63 -4.46
CA PHE C 304 6.07 7.69 -3.04
C PHE C 304 4.57 7.65 -2.89
N ASP C 305 4.10 6.98 -1.87
CA ASP C 305 2.71 7.00 -1.49
C ASP C 305 2.29 8.41 -1.05
N GLU C 306 1.00 8.69 -1.20
CA GLU C 306 0.50 10.04 -0.97
C GLU C 306 0.74 10.49 0.46
N SER C 307 0.63 9.57 1.42
CA SER C 307 0.91 9.89 2.82
C SER C 307 2.30 10.47 2.98
N VAL C 308 3.31 9.89 2.37
CA VAL C 308 4.69 10.36 2.52
C VAL C 308 5.11 11.35 1.43
N ARG C 309 4.22 11.63 0.48
CA ARG C 309 4.63 12.24 -0.78
C ARG C 309 4.97 13.71 -0.65
N GLY C 310 4.43 14.39 0.35
CA GLY C 310 4.83 15.74 0.68
C GLY C 310 6.27 15.83 1.15
N ALA C 311 6.57 15.16 2.27
CA ALA C 311 7.95 14.96 2.68
C ALA C 311 8.86 14.61 1.50
N ALA C 312 8.44 13.63 0.72
CA ALA C 312 9.25 13.20 -0.41
C ALA C 312 9.49 14.34 -1.41
N ILE C 313 8.46 15.16 -1.65
CA ILE C 313 8.61 16.26 -2.56
C ILE C 313 9.62 17.29 -2.04
N TYR C 314 9.44 17.66 -0.75
CA TYR C 314 10.36 18.62 -0.15
C TYR C 314 11.80 18.11 -0.24
N ASP C 315 12.03 16.93 0.27
CA ASP C 315 13.34 16.28 0.11
C ASP C 315 13.84 16.38 -1.33
N LEU C 316 12.97 16.14 -2.28
CA LEU C 316 13.40 16.04 -3.67
C LEU C 316 13.86 17.40 -4.21
N VAL C 317 13.07 18.43 -3.94
CA VAL C 317 13.45 19.78 -4.39
C VAL C 317 14.70 20.27 -3.64
N GLU C 318 14.83 19.90 -2.36
CA GLU C 318 15.90 20.43 -1.55
C GLU C 318 17.25 19.75 -1.85
N THR C 319 17.23 18.46 -2.19
CA THR C 319 18.45 17.74 -2.48
C THR C 319 18.90 17.84 -3.95
N THR C 320 17.98 18.16 -4.84
CA THR C 320 18.33 18.28 -6.24
C THR C 320 19.10 19.57 -6.48
N ARG C 321 20.23 19.46 -7.19
CA ARG C 321 21.01 20.62 -7.58
C ARG C 321 21.01 20.88 -9.08
N PHE C 322 20.69 19.88 -9.90
CA PHE C 322 20.90 19.94 -11.32
C PHE C 322 20.32 18.72 -12.01
N ILE C 323 19.52 18.96 -13.06
CA ILE C 323 18.77 17.91 -13.73
C ILE C 323 19.08 18.00 -15.23
N MET C 324 19.60 16.93 -15.79
CA MET C 324 19.83 16.79 -17.20
C MET C 324 19.04 15.63 -17.77
N ALA C 325 18.17 15.94 -18.70
CA ALA C 325 17.66 14.98 -19.69
C ALA C 325 18.43 15.12 -20.98
N GLN C 326 18.63 14.00 -21.66
CA GLN C 326 19.51 13.92 -22.81
C GLN C 326 18.99 12.85 -23.76
N THR C 327 19.05 13.16 -25.05
CA THR C 327 18.72 12.20 -26.10
C THR C 327 19.87 12.12 -27.08
N LEU C 328 19.95 10.96 -27.75
CA LEU C 328 20.88 10.81 -28.89
C LEU C 328 20.05 10.98 -30.16
N VAL C 329 20.36 12.02 -30.93
CA VAL C 329 19.64 12.34 -32.17
C VAL C 329 20.63 12.25 -33.32
N ARG C 330 20.18 11.64 -34.41
CA ARG C 330 21.03 11.49 -35.60
C ARG C 330 21.13 12.84 -36.30
N LYS C 331 22.36 13.19 -36.69
CA LYS C 331 22.69 14.50 -37.20
C LYS C 331 23.00 14.43 -38.70
N THR C 332 22.94 15.59 -39.35
CA THR C 332 23.00 15.66 -40.79
C THR C 332 24.03 14.71 -41.42
N ASP C 333 25.15 14.51 -40.73
CA ASP C 333 26.20 13.67 -41.21
C ASP C 333 25.80 12.22 -41.27
N GLY C 334 24.79 11.79 -40.52
CA GLY C 334 24.47 10.39 -40.35
C GLY C 334 24.86 9.84 -38.99
N ASN C 335 25.94 10.38 -38.40
CA ASN C 335 26.23 10.12 -37.00
C ASN C 335 25.24 10.84 -36.08
N LEU C 336 25.28 10.49 -34.82
CA LEU C 336 24.32 10.97 -33.82
C LEU C 336 25.09 11.71 -32.73
N VAL C 337 24.49 12.80 -32.22
CA VAL C 337 25.04 13.55 -31.11
C VAL C 337 23.99 13.67 -30.00
N ALA C 338 24.42 14.15 -28.85
CA ALA C 338 23.58 14.28 -27.68
C ALA C 338 22.98 15.66 -27.62
N ALA C 339 21.66 15.73 -27.71
CA ALA C 339 20.92 16.93 -27.30
C ALA C 339 20.61 16.86 -25.82
N ARG C 340 20.87 17.96 -25.12
CA ARG C 340 20.72 18.02 -23.67
C ARG C 340 19.82 19.18 -23.30
N GLU C 341 18.78 18.88 -22.53
CA GLU C 341 18.09 19.88 -21.72
C GLU C 341 18.47 19.72 -20.26
N TYR C 342 18.71 20.85 -19.59
CA TYR C 342 19.19 20.85 -18.22
C TYR C 342 18.62 22.05 -17.49
N LEU C 343 18.38 21.89 -16.19
CA LEU C 343 18.08 22.98 -15.28
C LEU C 343 19.06 22.89 -14.12
N ASN C 344 19.62 24.03 -13.74
CA ASN C 344 20.42 24.15 -12.51
C ASN C 344 19.52 24.62 -11.38
N PHE C 345 19.45 23.83 -10.31
CA PHE C 345 18.63 24.14 -9.15
C PHE C 345 19.44 25.00 -8.20
N THR C 346 19.33 26.31 -8.34
CA THR C 346 19.94 27.21 -7.40
C THR C 346 19.08 27.36 -6.16
N THR C 347 19.64 28.00 -5.13
CA THR C 347 18.86 28.37 -3.96
C THR C 347 17.55 29.11 -4.37
N ASP C 348 17.64 29.97 -5.35
CA ASP C 348 16.47 30.74 -5.76
C ASP C 348 15.50 29.84 -6.49
N ILE C 349 15.99 29.07 -7.47
CA ILE C 349 15.13 28.12 -8.16
C ILE C 349 14.47 27.18 -7.18
N ARG C 350 15.27 26.61 -6.28
CA ARG C 350 14.76 25.58 -5.37
C ARG C 350 13.71 26.19 -4.45
N GLU C 351 14.01 27.32 -3.83
CA GLU C 351 13.05 27.97 -2.96
C GLU C 351 11.79 28.36 -3.72
N GLN C 352 11.92 28.74 -4.97
CA GLN C 352 10.74 29.07 -5.78
C GLN C 352 9.93 27.85 -6.12
N LEU C 353 10.56 26.69 -6.29
CA LEU C 353 9.82 25.43 -6.36
C LEU C 353 9.11 25.12 -5.05
N LEU C 354 9.75 25.42 -3.93
CA LEU C 354 9.15 25.16 -2.61
C LEU C 354 7.89 26.00 -2.36
N SER C 355 7.97 27.30 -2.71
CA SER C 355 7.00 28.26 -2.20
C SER C 355 5.77 28.31 -3.09
N LEU C 356 5.18 27.16 -3.37
CA LEU C 356 3.97 27.05 -4.16
C LEU C 356 2.75 26.99 -3.26
N SER C 357 1.63 27.55 -3.72
CA SER C 357 0.34 27.28 -3.10
C SER C 357 0.07 25.77 -3.06
N ASP C 358 0.35 25.08 -4.17
CA ASP C 358 0.15 23.65 -4.29
C ASP C 358 1.47 22.98 -4.61
N MET C 359 1.86 21.98 -3.83
CA MET C 359 3.08 21.23 -4.12
C MET C 359 2.92 20.21 -5.23
N GLY C 360 1.69 19.70 -5.40
CA GLY C 360 1.41 18.81 -6.51
C GLY C 360 1.74 19.40 -7.86
N LYS C 361 1.88 20.73 -7.94
CA LYS C 361 2.19 21.40 -9.17
C LYS C 361 3.69 21.43 -9.50
N VAL C 362 4.55 20.94 -8.58
CA VAL C 362 5.97 21.10 -8.74
C VAL C 362 6.42 20.74 -10.17
N ALA C 363 6.06 19.54 -10.60
CA ALA C 363 6.38 19.09 -11.96
C ALA C 363 6.09 20.18 -12.99
N SER C 364 4.83 20.58 -13.09
CA SER C 364 4.47 21.72 -13.93
C SER C 364 5.46 22.86 -13.77
N GLU C 365 5.56 23.43 -12.56
CA GLU C 365 6.52 24.47 -12.29
C GLU C 365 7.87 24.20 -12.97
N VAL C 366 8.41 23.04 -12.71
CA VAL C 366 9.76 22.72 -13.20
C VAL C 366 9.83 22.93 -14.71
N ARG C 367 8.86 22.37 -15.44
CA ARG C 367 8.65 22.74 -16.83
C ARG C 367 8.83 24.24 -17.04
N ARG C 368 7.88 25.06 -16.61
CA ARG C 368 8.03 26.48 -16.60
C ARG C 368 9.49 26.89 -16.38
N LEU C 369 10.05 26.46 -15.25
CA LEU C 369 11.34 26.98 -14.82
C LEU C 369 12.44 26.70 -15.82
N VAL C 370 12.44 25.50 -16.39
CA VAL C 370 13.45 25.17 -17.39
C VAL C 370 13.32 26.08 -18.61
N ASP C 371 12.10 26.42 -18.99
CA ASP C 371 11.89 27.41 -20.04
C ASP C 371 12.46 28.76 -19.64
N GLU C 372 12.32 29.13 -18.37
CA GLU C 372 12.64 30.49 -17.94
C GLU C 372 14.11 30.64 -17.65
N PHE C 373 14.68 29.74 -16.85
CA PHE C 373 16.05 29.87 -16.37
C PHE C 373 16.99 28.78 -16.91
N GLY C 374 16.45 27.73 -17.53
CA GLY C 374 17.24 26.60 -17.91
C GLY C 374 17.54 26.53 -19.38
N HIS C 375 18.01 25.37 -19.83
CA HIS C 375 18.29 25.10 -21.23
C HIS C 375 17.26 24.09 -21.76
N PRO C 376 16.10 24.55 -22.22
CA PRO C 376 15.07 23.63 -22.68
C PRO C 376 15.49 22.93 -23.97
N PHE C 377 14.76 21.88 -24.30
CA PHE C 377 15.04 21.13 -25.50
C PHE C 377 14.83 21.97 -26.78
N SER C 378 13.90 22.90 -26.73
CA SER C 378 13.63 23.76 -27.88
C SER C 378 14.85 24.64 -28.18
N LEU C 379 15.38 25.29 -27.15
CA LEU C 379 16.60 26.06 -27.31
C LEU C 379 17.77 25.21 -27.84
N GLU C 380 17.97 24.05 -27.24
CA GLU C 380 19.06 23.18 -27.67
C GLU C 380 18.90 22.77 -29.15
N ALA C 381 17.67 22.47 -29.57
CA ALA C 381 17.44 22.13 -30.95
C ALA C 381 17.68 23.32 -31.86
N GLU C 382 17.29 24.52 -31.40
CA GLU C 382 17.55 25.72 -32.20
C GLU C 382 19.06 25.93 -32.41
N ARG C 383 19.84 25.80 -31.34
CA ARG C 383 21.26 26.09 -31.45
C ARG C 383 22.01 25.00 -32.17
N LEU C 384 21.61 23.74 -32.01
CA LEU C 384 22.14 22.67 -32.84
C LEU C 384 21.82 22.91 -34.33
N HIS C 385 20.58 23.33 -34.62
CA HIS C 385 20.18 23.48 -36.00
C HIS C 385 20.87 24.68 -36.67
N SER C 386 21.10 25.74 -35.91
CA SER C 386 21.76 26.93 -36.48
C SER C 386 23.19 26.62 -36.90
N ASP C 387 23.92 25.92 -36.06
CA ASP C 387 25.25 25.42 -36.41
C ASP C 387 25.20 24.22 -37.35
N GLY C 388 24.03 23.91 -37.93
CA GLY C 388 23.96 22.92 -38.96
C GLY C 388 24.29 21.50 -38.52
N ILE C 389 24.13 21.20 -37.24
CA ILE C 389 24.39 19.85 -36.75
C ILE C 389 23.23 18.91 -37.07
N ILE C 390 22.01 19.38 -36.99
CA ILE C 390 20.82 18.56 -37.15
C ILE C 390 19.93 19.17 -38.26
N ASP C 391 19.11 18.32 -38.83
CA ASP C 391 18.64 18.52 -40.20
C ASP C 391 17.42 19.42 -40.29
N GLY C 392 16.77 19.74 -39.19
CA GLY C 392 15.59 20.58 -39.24
C GLY C 392 14.33 19.86 -38.86
N HIS C 393 14.09 18.73 -39.52
CA HIS C 393 13.20 17.69 -38.97
C HIS C 393 13.64 17.32 -37.53
N VAL C 394 14.90 16.97 -37.36
CA VAL C 394 15.40 16.60 -36.05
C VAL C 394 15.15 17.71 -35.03
N ALA C 395 15.40 18.95 -35.44
CA ALA C 395 15.16 20.09 -34.57
C ALA C 395 13.69 20.21 -34.19
N LYS C 396 12.80 20.08 -35.18
CA LYS C 396 11.38 20.09 -34.89
C LYS C 396 10.99 19.01 -33.87
N ARG C 397 11.48 17.81 -34.07
CA ARG C 397 11.18 16.73 -33.12
C ARG C 397 11.67 17.08 -31.74
N LEU C 398 12.90 17.64 -31.64
CA LEU C 398 13.41 18.07 -30.34
C LEU C 398 12.49 19.11 -29.65
N SER C 399 12.04 20.07 -30.44
CA SER C 399 11.19 21.13 -29.87
C SER C 399 9.84 20.56 -29.43
N MET C 400 9.32 19.61 -30.18
CA MET C 400 7.92 19.15 -29.95
C MET C 400 7.77 18.61 -28.53
N MET C 401 8.69 17.74 -28.12
CA MET C 401 8.70 17.21 -26.77
C MET C 401 10.10 17.12 -26.20
N SER C 402 10.93 16.26 -26.80
CA SER C 402 12.25 15.97 -26.31
C SER C 402 13.08 15.22 -27.32
N PRO D 17 -32.49 -38.75 -37.15
CA PRO D 17 -31.54 -38.84 -35.99
C PRO D 17 -31.19 -37.43 -35.50
N LEU D 18 -30.50 -37.38 -34.38
CA LEU D 18 -30.25 -36.14 -33.70
C LEU D 18 -29.27 -35.26 -34.48
N HIS D 19 -29.33 -33.96 -34.22
CA HIS D 19 -28.38 -33.02 -34.78
C HIS D 19 -26.96 -33.38 -34.35
N LEU D 20 -26.02 -33.29 -35.29
CA LEU D 20 -24.72 -33.91 -35.16
C LEU D 20 -23.66 -32.98 -35.78
N PRO D 21 -22.47 -32.97 -35.22
CA PRO D 21 -21.35 -32.31 -35.93
C PRO D 21 -20.94 -33.14 -37.17
N ILE D 22 -20.26 -32.48 -38.07
CA ILE D 22 -19.91 -33.09 -39.34
C ILE D 22 -18.80 -34.12 -39.09
N LEU D 23 -18.83 -35.20 -39.87
CA LEU D 23 -17.77 -36.21 -39.86
C LEU D 23 -17.22 -36.34 -41.25
N GLU D 24 -15.95 -36.04 -41.43
CA GLU D 24 -15.24 -36.36 -42.67
C GLU D 24 -14.90 -37.85 -42.69
N PHE D 25 -14.81 -38.39 -43.90
CA PHE D 25 -14.46 -39.79 -44.09
C PHE D 25 -13.03 -40.05 -43.65
N LYS D 26 -12.81 -41.23 -43.11
CA LYS D 26 -11.56 -41.53 -42.41
C LYS D 26 -10.41 -41.76 -43.41
N THR D 27 -9.22 -41.63 -42.91
CA THR D 27 -7.99 -41.90 -43.67
C THR D 27 -7.16 -42.94 -42.92
N GLU D 28 -7.11 -44.15 -43.48
CA GLU D 28 -6.12 -45.16 -43.09
C GLU D 28 -6.40 -45.80 -41.74
N TYR D 29 -7.66 -45.76 -41.29
CA TYR D 29 -8.03 -46.21 -39.97
C TYR D 29 -9.50 -46.54 -39.94
N ARG D 30 -9.87 -47.49 -39.09
CA ARG D 30 -11.26 -47.73 -38.72
C ARG D 30 -11.49 -47.15 -37.31
N TYR D 31 -12.58 -46.43 -37.14
CA TYR D 31 -12.88 -45.78 -35.90
C TYR D 31 -12.88 -46.78 -34.74
N PRO D 32 -12.24 -46.43 -33.62
CA PRO D 32 -12.26 -47.36 -32.48
C PRO D 32 -13.65 -47.45 -31.87
N SER D 33 -14.10 -48.68 -31.64
CA SER D 33 -15.33 -48.89 -30.90
C SER D 33 -15.31 -48.10 -29.59
N THR D 34 -14.22 -48.21 -28.84
CA THR D 34 -14.03 -47.43 -27.64
C THR D 34 -12.54 -47.15 -27.45
N PHE D 35 -12.25 -46.00 -26.84
CA PHE D 35 -10.90 -45.46 -26.84
C PHE D 35 -10.07 -46.18 -25.78
N GLU D 36 -9.48 -47.30 -26.18
CA GLU D 36 -8.89 -48.23 -25.23
C GLU D 36 -7.43 -47.87 -24.87
N HIS D 37 -6.70 -47.26 -25.78
CA HIS D 37 -5.25 -47.24 -25.74
C HIS D 37 -4.74 -45.99 -26.43
N GLU D 38 -3.58 -45.53 -25.99
CA GLU D 38 -3.01 -44.29 -26.50
C GLU D 38 -2.58 -44.48 -27.94
N ALA D 39 -2.37 -45.66 -28.43
CA ALA D 39 -2.02 -45.87 -29.84
C ALA D 39 -3.24 -45.75 -30.74
N GLN D 40 -4.38 -46.33 -30.32
CA GLN D 40 -5.66 -45.95 -30.90
C GLN D 40 -5.83 -44.41 -30.92
N PHE D 41 -5.73 -43.77 -29.75
CA PHE D 41 -5.91 -42.35 -29.67
C PHE D 41 -4.98 -41.60 -30.66
N LYS D 42 -3.74 -42.00 -30.72
CA LYS D 42 -2.80 -41.35 -31.64
C LYS D 42 -3.22 -41.55 -33.08
N ASP D 43 -3.59 -42.79 -33.44
CA ASP D 43 -4.08 -43.04 -34.80
C ASP D 43 -5.28 -42.14 -35.16
N THR D 44 -6.20 -41.98 -34.21
CA THR D 44 -7.22 -40.94 -34.36
C THR D 44 -6.60 -39.55 -34.57
N VAL D 45 -5.48 -39.27 -33.89
CA VAL D 45 -4.93 -37.94 -33.92
C VAL D 45 -4.35 -37.64 -35.29
N LEU D 46 -3.69 -38.61 -35.90
CA LEU D 46 -3.12 -38.43 -37.23
C LEU D 46 -4.12 -38.62 -38.33
N GLU D 47 -5.20 -39.35 -38.11
CA GLU D 47 -6.38 -39.26 -38.98
C GLU D 47 -6.91 -37.84 -39.00
N PHE D 48 -7.19 -37.26 -37.84
CA PHE D 48 -7.44 -35.82 -37.76
C PHE D 48 -6.39 -34.99 -38.49
N LEU D 49 -5.12 -35.38 -38.36
CA LEU D 49 -4.05 -34.58 -38.92
C LEU D 49 -4.05 -34.61 -40.45
N ALA D 50 -4.47 -35.74 -41.03
CA ALA D 50 -4.73 -35.79 -42.46
C ALA D 50 -5.75 -34.74 -42.86
N HIS D 51 -6.83 -34.59 -42.09
CA HIS D 51 -7.81 -33.53 -42.28
C HIS D 51 -7.30 -32.24 -41.58
N GLU D 52 -6.22 -31.73 -42.15
CA GLU D 52 -5.37 -30.73 -41.47
C GLU D 52 -6.15 -30.08 -40.30
N ALA D 53 -5.71 -30.37 -39.08
CA ALA D 53 -6.44 -29.92 -37.90
C ALA D 53 -5.70 -28.74 -37.28
N SER D 54 -6.35 -27.61 -37.25
CA SER D 54 -5.90 -26.50 -36.38
C SER D 54 -5.84 -26.99 -34.95
N ASP D 55 -6.94 -27.51 -34.42
CA ASP D 55 -7.03 -27.93 -33.02
C ASP D 55 -7.96 -29.10 -32.91
N ILE D 56 -7.87 -29.82 -31.81
CA ILE D 56 -8.67 -31.02 -31.54
C ILE D 56 -9.16 -30.95 -30.10
N ILE D 57 -10.43 -31.25 -29.91
CA ILE D 57 -11.11 -31.08 -28.64
C ILE D 57 -11.60 -32.42 -28.16
N ILE D 58 -11.31 -32.79 -26.91
CA ILE D 58 -11.85 -33.97 -26.27
C ILE D 58 -12.71 -33.51 -25.10
N LYS D 59 -13.99 -33.79 -25.19
CA LYS D 59 -14.91 -33.63 -24.05
C LYS D 59 -15.81 -34.87 -23.96
N GLN D 60 -16.14 -35.24 -22.74
CA GLN D 60 -16.88 -36.49 -22.51
C GLN D 60 -18.26 -36.43 -23.13
N GLY D 61 -18.89 -35.25 -23.14
CA GLY D 61 -20.25 -35.11 -23.61
C GLY D 61 -20.47 -35.42 -25.07
N VAL D 62 -19.41 -35.30 -25.88
CA VAL D 62 -19.52 -35.33 -27.33
C VAL D 62 -18.39 -36.17 -27.89
N ALA D 63 -18.54 -36.57 -29.14
CA ALA D 63 -17.47 -37.26 -29.86
C ALA D 63 -16.28 -36.32 -30.08
N ILE D 64 -15.11 -36.90 -30.21
CA ILE D 64 -13.91 -36.16 -30.51
C ILE D 64 -14.18 -35.27 -31.72
N SER D 65 -13.90 -33.98 -31.58
CA SER D 65 -14.02 -33.04 -32.69
C SER D 65 -12.69 -32.31 -32.87
N ALA D 66 -12.42 -31.93 -34.12
CA ALA D 66 -11.27 -31.09 -34.45
C ALA D 66 -11.75 -29.91 -35.28
N LYS D 67 -10.96 -28.84 -35.23
CA LYS D 67 -11.15 -27.68 -36.09
C LYS D 67 -10.41 -27.93 -37.42
N VAL D 68 -11.16 -28.47 -38.39
CA VAL D 68 -10.70 -28.53 -39.76
C VAL D 68 -11.30 -27.35 -40.50
N LYS D 69 -10.46 -26.61 -41.21
CA LYS D 69 -10.88 -25.44 -41.98
C LYS D 69 -11.67 -24.50 -41.11
N GLY D 70 -11.23 -24.31 -39.87
CA GLY D 70 -11.94 -23.46 -38.91
C GLY D 70 -13.42 -23.80 -38.73
N THR D 71 -13.78 -25.04 -38.89
CA THR D 71 -15.08 -25.56 -38.49
C THR D 71 -14.86 -26.86 -37.70
N LEU D 72 -15.95 -27.32 -37.05
CA LEU D 72 -15.87 -28.43 -36.14
C LEU D 72 -16.31 -29.69 -36.87
N CYS D 73 -15.40 -30.70 -36.91
CA CYS D 73 -15.68 -31.95 -37.55
C CYS D 73 -15.48 -33.09 -36.55
N THR D 74 -16.36 -34.09 -36.63
CA THR D 74 -16.24 -35.27 -35.80
C THR D 74 -16.22 -36.51 -36.69
N LEU D 75 -15.39 -37.47 -36.33
CA LEU D 75 -15.19 -38.65 -37.18
C LEU D 75 -16.31 -39.67 -37.04
N SER D 76 -16.91 -39.75 -35.85
CA SER D 76 -18.01 -40.68 -35.62
C SER D 76 -19.06 -40.01 -34.74
N THR D 77 -20.29 -40.47 -34.88
CA THR D 77 -21.36 -40.05 -33.98
C THR D 77 -21.18 -40.58 -32.55
N ARG D 78 -20.34 -41.60 -32.37
CA ARG D 78 -20.11 -42.14 -31.06
C ARG D 78 -19.52 -41.11 -30.11
N THR D 79 -20.01 -41.11 -28.87
CA THR D 79 -19.64 -40.06 -27.92
C THR D 79 -18.88 -40.71 -26.75
N LEU D 80 -17.72 -40.21 -26.45
CA LEU D 80 -16.85 -40.82 -25.46
C LEU D 80 -17.46 -40.68 -24.08
N ASN D 81 -17.39 -41.76 -23.31
CA ASN D 81 -17.77 -41.71 -21.89
C ASN D 81 -16.63 -41.11 -21.08
N PHE D 82 -16.93 -40.86 -19.81
CA PHE D 82 -16.00 -40.12 -18.96
C PHE D 82 -14.69 -40.88 -18.76
N ASN D 83 -14.74 -42.21 -18.74
CA ASN D 83 -13.53 -42.99 -18.56
C ASN D 83 -12.60 -42.84 -19.75
N GLU D 84 -13.15 -42.91 -20.98
CA GLU D 84 -12.36 -42.59 -22.16
C GLU D 84 -11.59 -41.26 -21.99
N ILE D 85 -12.30 -40.21 -21.64
CA ILE D 85 -11.68 -38.90 -21.51
C ILE D 85 -10.69 -38.85 -20.34
N GLU D 86 -10.88 -39.71 -19.35
CA GLU D 86 -9.88 -39.84 -18.28
C GLU D 86 -8.62 -40.46 -18.84
N ARG D 87 -8.72 -41.58 -19.56
CA ARG D 87 -7.55 -42.20 -20.17
C ARG D 87 -6.80 -41.23 -21.08
N ILE D 88 -7.50 -40.74 -22.10
CA ILE D 88 -6.94 -39.70 -22.98
C ILE D 88 -6.29 -38.57 -22.14
N ALA D 89 -6.97 -38.13 -21.11
CA ALA D 89 -6.45 -37.06 -20.28
C ALA D 89 -5.11 -37.43 -19.66
N LEU D 90 -4.99 -38.67 -19.22
CA LEU D 90 -3.75 -39.11 -18.56
C LEU D 90 -2.65 -39.33 -19.57
N TRP D 91 -2.96 -39.83 -20.76
CA TRP D 91 -1.99 -39.86 -21.85
C TRP D 91 -1.44 -38.47 -22.21
N ALA D 92 -2.33 -37.52 -22.45
CA ALA D 92 -1.89 -36.22 -22.94
C ALA D 92 -1.20 -35.42 -21.84
N SER D 93 -1.80 -35.38 -20.66
CA SER D 93 -1.14 -34.80 -19.49
C SER D 93 0.21 -35.48 -19.25
N GLY D 94 0.24 -36.82 -19.36
CA GLY D 94 1.35 -37.56 -18.78
C GLY D 94 1.41 -37.54 -17.27
N SER D 95 0.28 -37.36 -16.59
CA SER D 95 0.23 -37.32 -15.14
C SER D 95 -1.05 -37.98 -14.68
N SER D 96 -0.92 -39.00 -13.82
CA SER D 96 -2.07 -39.72 -13.31
C SER D 96 -2.97 -38.85 -12.41
N SER D 97 -2.33 -37.87 -11.73
CA SER D 97 -3.02 -37.06 -10.74
C SER D 97 -3.89 -35.96 -11.36
N VAL D 98 -4.20 -36.05 -12.65
CA VAL D 98 -4.70 -34.92 -13.40
C VAL D 98 -5.93 -34.28 -12.73
N LEU D 99 -6.95 -35.11 -12.51
CA LEU D 99 -8.15 -34.63 -11.82
C LEU D 99 -7.87 -34.30 -10.36
N THR D 100 -7.02 -35.10 -9.73
CA THR D 100 -6.40 -34.71 -8.45
C THR D 100 -5.85 -33.26 -8.51
N GLU D 101 -5.08 -32.98 -9.54
CA GLU D 101 -4.57 -31.63 -9.70
C GLU D 101 -5.68 -30.63 -10.05
N LEU D 102 -6.69 -31.09 -10.77
CA LEU D 102 -7.79 -30.21 -11.16
C LEU D 102 -8.55 -29.72 -9.96
N ALA D 103 -8.77 -30.59 -8.96
CA ALA D 103 -9.31 -30.14 -7.68
C ALA D 103 -8.32 -29.30 -6.91
N SER D 104 -7.02 -29.52 -7.10
CA SER D 104 -5.99 -28.67 -6.52
C SER D 104 -5.92 -27.28 -7.17
N LYS D 105 -6.70 -27.04 -8.24
CA LYS D 105 -6.75 -25.75 -8.89
C LYS D 105 -5.35 -25.32 -9.35
N LYS D 106 -4.57 -26.29 -9.82
CA LYS D 106 -3.38 -26.01 -10.61
C LYS D 106 -3.70 -26.21 -12.09
N LEU D 107 -3.40 -25.22 -12.88
CA LEU D 107 -3.73 -25.21 -14.30
C LEU D 107 -2.73 -26.09 -15.06
N ILE D 108 -3.24 -26.93 -15.95
CA ILE D 108 -2.50 -28.07 -16.48
C ILE D 108 -2.36 -27.86 -17.98
N ASN D 109 -1.21 -27.38 -18.40
CA ASN D 109 -0.82 -27.29 -19.80
C ASN D 109 0.49 -27.99 -20.02
N THR D 110 0.58 -28.76 -21.09
CA THR D 110 1.77 -29.55 -21.42
C THR D 110 1.87 -29.70 -22.91
N ARG D 111 2.79 -30.54 -23.37
CA ARG D 111 3.03 -30.80 -24.78
C ARG D 111 2.87 -32.28 -25.07
N TYR D 112 2.33 -32.58 -26.25
CA TYR D 112 2.02 -33.96 -26.62
C TYR D 112 2.45 -34.15 -28.07
N GLU D 113 3.43 -35.00 -28.28
CA GLU D 113 4.01 -35.20 -29.63
C GLU D 113 3.49 -36.49 -30.21
N VAL D 114 3.14 -36.46 -31.49
CA VAL D 114 2.72 -37.66 -32.22
C VAL D 114 3.50 -37.70 -33.53
N PHE D 115 4.04 -38.86 -33.85
CA PHE D 115 4.95 -39.00 -35.00
C PHE D 115 4.26 -39.87 -36.04
N HIS D 116 4.11 -39.33 -37.25
CA HIS D 116 3.46 -40.09 -38.32
C HIS D 116 4.54 -40.97 -38.96
N PRO D 117 4.43 -42.30 -38.85
CA PRO D 117 5.54 -43.14 -39.29
C PRO D 117 6.03 -42.89 -40.72
N THR D 118 5.10 -42.84 -41.66
CA THR D 118 5.47 -42.88 -43.08
C THR D 118 6.09 -41.59 -43.61
N LYS D 119 5.68 -40.46 -43.08
CA LYS D 119 6.17 -39.17 -43.54
C LYS D 119 7.52 -38.87 -42.90
N LEU D 120 8.37 -38.16 -43.63
CA LEU D 120 9.68 -37.75 -43.16
C LEU D 120 10.05 -36.44 -43.82
N THR D 121 11.07 -35.78 -43.30
CA THR D 121 11.42 -34.42 -43.65
C THR D 121 12.32 -34.39 -44.88
N THR D 122 12.73 -33.19 -45.27
CA THR D 122 13.70 -33.02 -46.35
C THR D 122 15.01 -33.70 -46.00
N GLY D 123 15.55 -33.36 -44.82
CA GLY D 123 16.55 -34.22 -44.18
C GLY D 123 15.95 -34.97 -42.99
N GLY D 124 16.46 -34.69 -41.79
CA GLY D 124 15.81 -35.10 -40.57
C GLY D 124 15.84 -36.57 -40.31
N GLN D 125 14.88 -37.03 -39.52
CA GLN D 125 14.81 -38.45 -39.13
C GLN D 125 13.37 -38.93 -39.10
N LYS D 126 12.63 -38.51 -38.08
CA LYS D 126 11.27 -39.03 -37.87
C LYS D 126 10.30 -37.86 -37.70
N GLN D 127 9.21 -37.89 -38.45
CA GLN D 127 8.29 -36.77 -38.54
C GLN D 127 7.59 -36.58 -37.21
N ARG D 128 7.57 -35.34 -36.72
CA ARG D 128 6.98 -35.07 -35.40
C ARG D 128 5.94 -33.95 -35.54
N PHE D 129 4.80 -34.15 -34.90
CA PHE D 129 3.80 -33.10 -34.72
C PHE D 129 3.65 -32.83 -33.23
N GLY D 130 3.91 -31.60 -32.82
CA GLY D 130 3.61 -31.18 -31.45
C GLY D 130 2.17 -30.70 -31.33
N TYR D 131 1.63 -30.90 -30.15
CA TYR D 131 0.40 -30.26 -29.71
C TYR D 131 0.62 -29.62 -28.35
N ARG D 132 0.02 -28.44 -28.17
CA ARG D 132 -0.13 -27.87 -26.83
C ARG D 132 -1.46 -28.36 -26.25
N VAL D 133 -1.37 -29.05 -25.11
CA VAL D 133 -2.52 -29.68 -24.48
C VAL D 133 -2.84 -28.90 -23.21
N ASN D 134 -3.99 -28.22 -23.22
CA ASN D 134 -4.57 -27.68 -22.01
C ASN D 134 -5.67 -28.62 -21.51
N ILE D 135 -5.63 -28.95 -20.22
CA ILE D 135 -6.68 -29.72 -19.57
C ILE D 135 -7.34 -28.81 -18.52
N SER D 136 -8.64 -28.55 -18.71
CA SER D 136 -9.31 -27.49 -17.99
C SER D 136 -10.56 -28.06 -17.32
N PRO D 137 -10.83 -27.65 -16.06
CA PRO D 137 -12.09 -28.00 -15.44
C PRO D 137 -13.28 -27.59 -16.31
N VAL D 138 -14.20 -28.53 -16.52
CA VAL D 138 -15.52 -28.23 -17.01
C VAL D 138 -16.56 -28.83 -16.03
N TYR D 139 -17.80 -28.41 -16.19
CA TYR D 139 -18.89 -28.87 -15.37
C TYR D 139 -20.02 -29.32 -16.30
N ILE D 140 -20.47 -30.57 -16.13
CA ILE D 140 -21.42 -31.19 -16.99
C ILE D 140 -22.21 -32.22 -16.27
N GLN D 141 -23.41 -32.52 -16.78
CA GLN D 141 -24.38 -33.41 -16.12
C GLN D 141 -24.16 -33.50 -14.58
N GLY D 142 -23.86 -32.36 -14.00
CA GLY D 142 -23.97 -32.22 -12.59
C GLY D 142 -22.71 -32.24 -11.76
N LYS D 143 -21.56 -32.30 -12.39
CA LYS D 143 -20.30 -32.52 -11.68
C LYS D 143 -19.14 -32.06 -12.54
N THR D 144 -17.94 -32.18 -12.00
CA THR D 144 -16.73 -31.68 -12.62
C THR D 144 -16.10 -32.79 -13.45
N THR D 145 -15.72 -32.45 -14.69
CA THR D 145 -14.79 -33.26 -15.46
C THR D 145 -13.65 -32.39 -15.97
N ALA D 146 -12.77 -32.97 -16.78
CA ALA D 146 -11.81 -32.25 -17.59
C ALA D 146 -12.28 -32.20 -19.03
N GLU D 147 -12.10 -31.02 -19.65
CA GLU D 147 -12.02 -30.90 -21.10
C GLU D 147 -10.55 -30.80 -21.52
N ILE D 148 -10.18 -31.55 -22.57
CA ILE D 148 -8.85 -31.49 -23.13
C ILE D 148 -8.92 -30.72 -24.46
N VAL D 149 -7.93 -29.89 -24.68
CA VAL D 149 -7.78 -29.16 -25.94
C VAL D 149 -6.35 -29.26 -26.39
N MET D 150 -6.14 -29.74 -27.62
CA MET D 150 -4.81 -29.81 -28.22
C MET D 150 -4.82 -28.82 -29.39
N ARG D 151 -4.09 -27.72 -29.22
CA ARG D 151 -3.79 -26.82 -30.31
C ARG D 151 -2.59 -27.35 -31.07
N SER D 152 -2.77 -27.59 -32.37
CA SER D 152 -1.65 -27.91 -33.24
C SER D 152 -0.62 -26.79 -33.18
N ILE D 153 0.66 -27.16 -33.17
CA ILE D 153 1.76 -26.24 -33.05
C ILE D 153 2.45 -26.15 -34.40
N PRO D 154 2.54 -24.95 -35.00
CA PRO D 154 3.10 -24.86 -36.36
C PRO D 154 4.46 -25.54 -36.48
N LEU D 155 4.67 -26.20 -37.56
CA LEU D 155 5.90 -26.99 -37.78
C LEU D 155 7.04 -26.02 -38.11
N ASP D 156 7.20 -25.66 -39.37
CA ASP D 156 8.25 -24.81 -39.84
C ASP D 156 7.66 -23.60 -40.56
N PRO D 157 8.42 -22.49 -40.62
CA PRO D 157 7.99 -21.37 -41.45
C PRO D 157 7.68 -21.82 -42.88
N LEU D 158 6.58 -21.30 -43.43
CA LEU D 158 6.18 -21.65 -44.78
C LEU D 158 6.88 -20.73 -45.77
N PRO D 159 7.22 -21.26 -46.96
CA PRO D 159 7.68 -20.39 -48.05
C PRO D 159 6.71 -19.25 -48.33
N LEU D 160 7.20 -18.17 -48.91
CA LEU D 160 6.36 -16.99 -49.10
C LEU D 160 5.30 -17.25 -50.12
N ALA D 161 5.66 -17.87 -51.24
CA ALA D 161 4.66 -18.27 -52.26
C ALA D 161 3.59 -19.14 -51.62
N ASP D 162 3.97 -20.03 -50.73
CA ASP D 162 3.03 -20.92 -50.05
C ASP D 162 1.98 -20.13 -49.24
N ILE D 163 2.37 -19.01 -48.68
CA ILE D 163 1.49 -18.21 -47.85
C ILE D 163 0.91 -17.00 -48.58
N GLY D 164 1.13 -16.90 -49.88
CA GLY D 164 0.49 -15.87 -50.69
C GLY D 164 1.24 -14.56 -50.79
N LEU D 165 2.53 -14.55 -50.52
CA LEU D 165 3.35 -13.35 -50.51
C LEU D 165 4.39 -13.45 -51.63
N SER D 166 4.62 -12.33 -52.33
CA SER D 166 5.61 -12.30 -53.38
C SER D 166 6.95 -11.84 -52.80
N PRO D 167 8.06 -12.43 -53.28
CA PRO D 167 9.37 -11.96 -52.83
C PRO D 167 9.56 -10.44 -52.93
N GLU D 168 9.04 -9.82 -53.96
CA GLU D 168 9.11 -8.36 -54.07
C GLU D 168 8.50 -7.69 -52.87
N LEU D 169 7.23 -8.02 -52.58
CA LEU D 169 6.53 -7.34 -51.47
C LEU D 169 7.29 -7.43 -50.13
N VAL D 170 7.85 -8.62 -49.87
CA VAL D 170 8.57 -8.79 -48.61
C VAL D 170 9.90 -8.10 -48.63
N ASN D 171 10.55 -8.05 -49.78
CA ASN D 171 11.64 -7.09 -50.02
C ASN D 171 11.25 -5.68 -49.59
N GLN D 172 10.03 -5.26 -49.93
CA GLN D 172 9.48 -4.04 -49.36
C GLN D 172 9.44 -4.09 -47.83
N MET D 173 9.22 -5.26 -47.27
CA MET D 173 9.01 -5.43 -45.84
C MET D 173 10.29 -5.70 -45.05
N CYS D 174 11.45 -5.54 -45.69
CA CYS D 174 12.73 -5.88 -45.09
C CYS D 174 13.67 -4.69 -45.07
N PRO D 175 13.25 -3.58 -44.45
CA PRO D 175 14.07 -2.37 -44.46
C PRO D 175 15.34 -2.52 -43.64
N ASP D 176 16.29 -1.64 -43.91
CA ASP D 176 17.48 -1.55 -43.06
C ASP D 176 17.16 -1.10 -41.62
N ASN D 177 16.06 -0.36 -41.45
CA ASN D 177 15.74 0.24 -40.18
C ASN D 177 14.22 0.42 -40.09
N GLY D 178 13.75 1.04 -39.01
CA GLY D 178 12.36 1.32 -38.83
C GLY D 178 11.51 0.13 -38.44
N ILE D 179 10.21 0.29 -38.56
CA ILE D 179 9.24 -0.66 -38.03
C ILE D 179 8.39 -1.15 -39.19
N VAL D 180 8.40 -2.46 -39.42
CA VAL D 180 7.40 -3.13 -40.23
C VAL D 180 6.35 -3.74 -39.29
N MET D 181 5.10 -3.36 -39.48
CA MET D 181 3.99 -3.82 -38.69
C MET D 181 3.04 -4.64 -39.56
N VAL D 182 2.64 -5.81 -39.06
CA VAL D 182 1.51 -6.55 -39.59
C VAL D 182 0.37 -6.45 -38.58
N ALA D 183 -0.84 -6.17 -39.08
CA ALA D 183 -2.01 -5.92 -38.26
C ALA D 183 -3.07 -6.95 -38.55
N GLY D 184 -3.81 -7.34 -37.52
CA GLY D 184 -4.81 -8.38 -37.65
C GLY D 184 -5.46 -8.67 -36.31
N LYS D 185 -6.56 -9.40 -36.38
CA LYS D 185 -7.29 -9.82 -35.20
C LYS D 185 -6.72 -11.09 -34.58
N THR D 186 -6.39 -12.09 -35.40
CA THR D 186 -5.98 -13.39 -34.91
C THR D 186 -4.46 -13.52 -34.94
N SER D 187 -3.92 -14.12 -33.88
CA SER D 187 -2.47 -14.27 -33.76
C SER D 187 -1.89 -15.18 -34.83
N SER D 188 -2.65 -16.16 -35.28
CA SER D 188 -2.10 -17.19 -36.18
C SER D 188 -1.53 -16.52 -37.44
N GLY D 189 -2.34 -15.69 -38.09
CA GLY D 189 -1.92 -15.07 -39.33
C GLY D 189 -0.67 -14.21 -39.19
N LYS D 190 -0.56 -13.48 -38.06
CA LYS D 190 0.61 -12.65 -37.83
C LYS D 190 1.83 -13.52 -37.61
N SER D 191 1.75 -14.46 -36.69
CA SER D 191 2.85 -15.40 -36.47
C SER D 191 3.32 -16.01 -37.79
N THR D 192 2.38 -16.49 -38.60
CA THR D 192 2.74 -17.11 -39.87
C THR D 192 3.44 -16.11 -40.81
N THR D 193 2.81 -14.97 -41.01
CA THR D 193 3.40 -13.96 -41.90
C THR D 193 4.82 -13.62 -41.49
N PHE D 194 5.02 -13.31 -40.23
CA PHE D 194 6.34 -12.86 -39.76
C PHE D 194 7.36 -13.98 -39.76
N SER D 195 6.93 -15.19 -39.44
CA SER D 195 7.84 -16.35 -39.51
C SER D 195 8.29 -16.59 -40.94
N SER D 196 7.36 -16.59 -41.89
CA SER D 196 7.72 -16.70 -43.30
C SER D 196 8.70 -15.60 -43.68
N ILE D 197 8.39 -14.38 -43.32
CA ILE D 197 9.24 -13.25 -43.69
C ILE D 197 10.66 -13.41 -43.10
N ILE D 198 10.75 -14.00 -41.92
CA ILE D 198 12.03 -14.18 -41.26
C ILE D 198 12.83 -15.32 -41.90
N ARG D 199 12.16 -16.42 -42.23
CA ARG D 199 12.81 -17.48 -42.99
C ARG D 199 13.34 -16.95 -44.31
N TYR D 200 12.52 -16.21 -45.04
CA TYR D 200 12.96 -15.58 -46.28
C TYR D 200 14.16 -14.69 -46.04
N ILE D 201 14.12 -13.87 -44.99
CA ILE D 201 15.26 -13.05 -44.63
C ILE D 201 16.54 -13.88 -44.47
N MET D 202 16.43 -14.98 -43.74
CA MET D 202 17.61 -15.80 -43.47
C MET D 202 18.13 -16.49 -44.71
N GLU D 203 17.23 -16.89 -45.60
CA GLU D 203 17.57 -17.74 -46.73
C GLU D 203 18.05 -16.98 -47.93
N ASN D 204 17.82 -15.67 -47.98
CA ASN D 204 18.06 -14.86 -49.18
C ASN D 204 18.91 -13.65 -48.81
N ASP D 205 19.53 -13.06 -49.82
CA ASP D 205 20.20 -11.78 -49.69
C ASP D 205 19.18 -10.63 -49.50
N THR D 206 19.23 -9.97 -48.38
CA THR D 206 18.22 -9.00 -48.00
C THR D 206 18.89 -7.89 -47.17
N PRO D 207 18.32 -6.69 -47.16
CA PRO D 207 18.96 -5.60 -46.45
C PRO D 207 19.28 -5.94 -44.95
N ILE D 208 18.40 -6.68 -44.31
CA ILE D 208 18.49 -6.97 -42.90
C ILE D 208 19.07 -8.35 -42.73
N LYS D 209 20.28 -8.44 -42.15
CA LYS D 209 20.94 -9.70 -41.91
C LYS D 209 21.75 -9.61 -40.63
N GLY D 210 21.88 -10.75 -39.96
CA GLY D 210 22.76 -10.84 -38.80
C GLY D 210 22.10 -11.51 -37.61
N HIS D 211 22.06 -10.80 -36.48
CA HIS D 211 21.42 -11.30 -35.28
C HIS D 211 19.93 -10.96 -35.31
N LEU D 212 19.10 -11.99 -35.22
CA LEU D 212 17.65 -11.87 -35.24
C LEU D 212 17.10 -12.38 -33.93
N LEU D 213 16.51 -11.48 -33.14
CA LEU D 213 15.77 -11.84 -31.95
C LEU D 213 14.29 -11.82 -32.24
N THR D 214 13.57 -12.80 -31.67
CA THR D 214 12.11 -12.80 -31.71
C THR D 214 11.60 -12.96 -30.28
N HIS D 215 10.67 -12.09 -29.88
CA HIS D 215 10.06 -12.14 -28.56
C HIS D 215 8.61 -12.59 -28.75
N GLU D 216 8.39 -13.89 -28.67
CA GLU D 216 7.14 -14.52 -29.02
C GLU D 216 6.34 -14.82 -27.74
N ASP D 217 5.01 -14.76 -27.87
CA ASP D 217 4.12 -15.38 -26.91
C ASP D 217 4.47 -16.86 -26.82
N PRO D 218 3.51 -17.77 -27.16
CA PRO D 218 3.88 -19.08 -27.64
C PRO D 218 4.85 -18.95 -28.86
N ILE D 219 6.11 -19.33 -28.65
CA ILE D 219 7.01 -19.59 -29.73
C ILE D 219 6.32 -20.55 -30.71
N GLU D 220 5.62 -20.00 -31.68
CA GLU D 220 4.83 -20.80 -32.60
C GLU D 220 5.72 -21.50 -33.62
N PHE D 221 6.61 -20.74 -34.23
CA PHE D 221 7.44 -21.23 -35.33
C PHE D 221 8.88 -21.35 -34.85
N VAL D 222 9.54 -22.40 -35.32
CA VAL D 222 10.93 -22.68 -34.95
C VAL D 222 11.77 -22.63 -36.21
N TYR D 223 13.03 -22.18 -36.03
CA TYR D 223 13.96 -22.02 -37.13
C TYR D 223 15.15 -22.99 -36.97
N ASP D 224 14.88 -24.19 -36.51
CA ASP D 224 15.94 -25.20 -36.41
C ASP D 224 16.41 -25.62 -37.81
N ASN D 225 15.48 -25.71 -38.76
CA ASN D 225 15.76 -26.29 -40.07
C ASN D 225 15.75 -25.24 -41.17
N ILE D 226 16.21 -24.07 -40.86
CA ILE D 226 16.37 -22.97 -41.85
C ILE D 226 17.84 -22.69 -41.99
N LYS D 227 18.38 -22.87 -43.18
CA LYS D 227 19.80 -22.64 -43.45
C LYS D 227 20.02 -21.15 -43.72
N SER D 228 20.90 -20.55 -42.94
CA SER D 228 21.26 -19.14 -43.12
C SER D 228 22.75 -19.02 -43.36
N ALA D 229 23.15 -18.14 -44.27
CA ALA D 229 24.56 -17.91 -44.55
C ALA D 229 25.16 -16.83 -43.64
N HIS D 230 24.34 -16.05 -42.97
CA HIS D 230 24.72 -14.70 -42.57
C HIS D 230 24.05 -14.29 -41.24
N SER D 231 23.08 -15.06 -40.79
CA SER D 231 22.14 -14.66 -39.79
C SER D 231 22.00 -15.76 -38.70
N ILE D 232 21.70 -15.35 -37.47
CA ILE D 232 21.30 -16.22 -36.41
C ILE D 232 20.02 -15.69 -35.78
N ILE D 233 19.19 -16.61 -35.28
CA ILE D 233 17.94 -16.29 -34.63
C ILE D 233 17.99 -16.78 -33.18
N ALA D 234 17.55 -15.93 -32.25
CA ALA D 234 17.33 -16.31 -30.87
C ALA D 234 15.87 -16.03 -30.51
N GLN D 235 15.16 -17.08 -30.10
CA GLN D 235 13.76 -16.98 -29.73
C GLN D 235 13.63 -17.09 -28.22
N SER D 236 12.78 -16.23 -27.64
CA SER D 236 12.54 -16.19 -26.21
C SER D 236 11.03 -16.23 -25.95
N GLN D 237 10.63 -17.06 -24.98
CA GLN D 237 9.23 -17.32 -24.76
C GLN D 237 8.57 -16.22 -23.93
N ILE D 238 7.28 -16.08 -24.10
CA ILE D 238 6.54 -14.89 -23.67
C ILE D 238 6.62 -14.75 -22.15
N PRO D 239 5.85 -15.53 -21.41
CA PRO D 239 5.83 -15.38 -19.95
C PRO D 239 7.18 -15.84 -19.30
N GLU D 240 7.67 -16.98 -19.73
CA GLU D 240 8.42 -17.87 -18.87
C GLU D 240 9.90 -17.63 -18.89
N GLN D 241 10.47 -17.30 -20.05
CA GLN D 241 11.88 -16.88 -20.13
C GLN D 241 12.03 -15.38 -19.81
N PHE D 242 11.24 -14.55 -20.47
CA PHE D 242 11.13 -13.13 -20.13
C PHE D 242 9.75 -12.86 -19.55
N SER D 243 9.71 -12.32 -18.35
CA SER D 243 8.43 -12.05 -17.70
C SER D 243 7.59 -11.05 -18.51
N SER D 244 8.20 -9.93 -18.85
CA SER D 244 7.55 -8.88 -19.61
C SER D 244 7.96 -9.00 -21.10
N PHE D 245 7.31 -8.22 -21.93
CA PHE D 245 7.86 -7.79 -23.19
C PHE D 245 8.76 -6.56 -23.03
N ALA D 246 8.38 -5.62 -22.15
CA ALA D 246 9.30 -4.57 -21.75
C ALA D 246 10.68 -5.10 -21.33
N ILE D 247 10.70 -6.06 -20.45
CA ILE D 247 11.96 -6.68 -20.04
C ILE D 247 12.71 -7.25 -21.23
N ALA D 248 11.99 -7.92 -22.12
CA ALA D 248 12.64 -8.59 -23.25
C ALA D 248 13.24 -7.60 -24.22
N ASN D 249 12.62 -6.45 -24.38
CA ASN D 249 13.16 -5.43 -25.28
C ASN D 249 14.31 -4.69 -24.65
N GLN D 250 14.11 -4.20 -23.41
CA GLN D 250 15.22 -3.57 -22.67
C GLN D 250 16.48 -4.45 -22.70
N GLU D 251 16.31 -5.74 -22.44
CA GLU D 251 17.41 -6.68 -22.64
C GLU D 251 17.81 -6.82 -24.09
N ALA D 252 16.89 -6.64 -25.00
CA ALA D 252 17.20 -6.74 -26.44
C ALA D 252 18.22 -5.69 -26.84
N LEU D 253 18.11 -4.47 -26.28
CA LEU D 253 19.13 -3.46 -26.55
C LEU D 253 20.55 -3.92 -26.21
N ARG D 254 20.65 -4.82 -25.27
CA ARG D 254 21.95 -5.35 -24.84
C ARG D 254 22.49 -6.45 -25.74
N ARG D 255 21.72 -6.88 -26.76
CA ARG D 255 21.99 -8.12 -27.47
C ARG D 255 22.42 -7.90 -28.92
N THR D 256 22.85 -6.69 -29.25
CA THR D 256 23.25 -6.32 -30.60
C THR D 256 22.37 -6.95 -31.67
N PRO D 257 21.05 -6.78 -31.56
CA PRO D 257 20.16 -7.36 -32.57
C PRO D 257 20.30 -6.67 -33.92
N ASN D 258 20.18 -7.47 -34.96
CA ASN D 258 20.04 -6.96 -36.32
C ASN D 258 18.58 -6.95 -36.81
N LEU D 259 17.71 -7.66 -36.11
CA LEU D 259 16.27 -7.46 -36.28
C LEU D 259 15.58 -7.94 -35.00
N ILE D 260 14.53 -7.20 -34.61
CA ILE D 260 13.83 -7.42 -33.38
C ILE D 260 12.36 -7.65 -33.75
N MET D 261 11.91 -8.91 -33.69
CA MET D 261 10.50 -9.21 -33.57
C MET D 261 10.01 -8.82 -32.18
N ILE D 262 9.41 -7.64 -32.08
CA ILE D 262 9.08 -7.08 -30.78
C ILE D 262 7.83 -7.73 -30.13
N GLY D 263 7.04 -8.44 -30.93
CA GLY D 263 5.68 -8.74 -30.55
C GLY D 263 4.73 -7.59 -30.81
N GLU D 264 3.58 -7.64 -30.14
CA GLU D 264 2.53 -6.68 -30.32
C GLU D 264 2.88 -5.31 -29.75
N LEU D 265 2.48 -4.27 -30.42
CA LEU D 265 2.45 -2.92 -29.83
C LEU D 265 1.08 -2.68 -29.25
N ARG D 266 1.00 -2.41 -27.97
CA ARG D 266 -0.28 -2.32 -27.25
C ARG D 266 -0.33 -1.01 -26.47
N ASP D 267 0.42 -0.91 -25.40
CA ASP D 267 0.41 0.26 -24.53
C ASP D 267 1.40 1.28 -24.97
N LYS D 268 1.30 2.47 -24.39
CA LYS D 268 2.26 3.56 -24.69
C LYS D 268 3.71 3.09 -24.55
N GLN D 269 3.99 2.32 -23.50
CA GLN D 269 5.36 1.89 -23.26
C GLN D 269 5.87 0.96 -24.35
N SER D 270 5.02 0.07 -24.83
CA SER D 270 5.42 -0.85 -25.91
C SER D 270 5.81 -0.06 -27.16
N ILE D 271 4.99 0.91 -27.57
CA ILE D 271 5.26 1.57 -28.82
C ILE D 271 6.36 2.57 -28.69
N GLU D 272 6.52 3.20 -27.54
CA GLU D 272 7.73 4.04 -27.28
C GLU D 272 8.98 3.20 -27.31
N SER D 273 8.94 2.02 -26.70
CA SER D 273 10.08 1.09 -26.78
C SER D 273 10.41 0.72 -28.23
N ALA D 274 9.38 0.43 -29.02
CA ALA D 274 9.56 0.14 -30.42
C ALA D 274 10.24 1.31 -31.12
N PHE D 275 9.74 2.50 -30.90
CA PHE D 275 10.45 3.71 -31.35
C PHE D 275 11.92 3.68 -31.00
N GLU D 276 12.23 3.39 -29.74
CA GLU D 276 13.61 3.31 -29.30
C GLU D 276 14.45 2.32 -30.14
N ALA D 277 13.91 1.13 -30.31
CA ALA D 277 14.63 0.09 -31.05
C ALA D 277 14.88 0.56 -32.50
N ALA D 278 13.83 1.09 -33.13
CA ALA D 278 13.98 1.53 -34.51
C ALA D 278 15.01 2.65 -34.64
N ASN D 279 15.04 3.55 -33.64
CA ASN D 279 15.85 4.75 -33.71
C ASN D 279 17.27 4.54 -33.25
N THR D 280 17.59 3.38 -32.70
CA THR D 280 18.89 2.75 -33.01
C THR D 280 18.77 2.02 -34.39
N GLY D 281 19.67 1.09 -34.66
CA GLY D 281 20.07 0.87 -36.04
C GLY D 281 19.13 0.01 -36.88
N HIS D 282 18.22 -0.74 -36.24
CA HIS D 282 17.92 -2.06 -36.68
C HIS D 282 16.39 -2.26 -36.79
N PRO D 283 15.97 -3.14 -37.71
CA PRO D 283 14.55 -3.25 -38.00
C PRO D 283 13.77 -3.84 -36.78
N VAL D 284 12.53 -3.39 -36.64
CA VAL D 284 11.60 -3.92 -35.70
C VAL D 284 10.36 -4.43 -36.43
N PHE D 285 10.03 -5.71 -36.24
CA PHE D 285 8.79 -6.29 -36.68
C PHE D 285 7.79 -6.29 -35.54
N ALA D 286 6.69 -5.57 -35.70
CA ALA D 286 5.63 -5.49 -34.71
C ALA D 286 4.32 -5.98 -35.33
N THR D 287 3.51 -6.63 -34.52
CA THR D 287 2.13 -6.92 -34.83
C THR D 287 1.22 -5.97 -34.05
N VAL D 288 0.06 -5.65 -34.66
CA VAL D 288 -0.91 -4.76 -34.10
C VAL D 288 -2.30 -5.38 -34.21
N HIS D 289 -3.11 -5.22 -33.17
CA HIS D 289 -4.49 -5.68 -33.17
C HIS D 289 -5.39 -4.56 -33.68
N SER D 290 -5.42 -4.40 -34.99
CA SER D 290 -6.34 -3.48 -35.64
C SER D 290 -6.65 -3.96 -37.04
N GLN D 291 -7.76 -3.50 -37.60
CA GLN D 291 -8.34 -4.14 -38.77
C GLN D 291 -7.65 -3.77 -40.06
N ASN D 292 -7.22 -2.53 -40.18
CA ASN D 292 -6.54 -2.02 -41.37
C ASN D 292 -5.48 -1.00 -40.96
N CYS D 293 -4.75 -0.50 -41.95
CA CYS D 293 -3.57 0.32 -41.67
C CYS D 293 -3.94 1.65 -41.01
N SER D 294 -4.91 2.34 -41.59
CA SER D 294 -5.50 3.51 -40.93
C SER D 294 -5.84 3.21 -39.48
N ALA D 295 -6.49 2.09 -39.25
CA ALA D 295 -6.87 1.71 -37.87
C ALA D 295 -5.63 1.50 -37.01
N VAL D 296 -4.57 0.95 -37.59
CA VAL D 296 -3.29 0.82 -36.90
C VAL D 296 -2.78 2.20 -36.45
N MET D 297 -2.63 3.11 -37.39
CA MET D 297 -2.24 4.47 -37.07
C MET D 297 -3.08 5.06 -35.93
N ARG D 298 -4.38 5.12 -36.15
CA ARG D 298 -5.27 5.73 -35.14
C ARG D 298 -5.09 5.07 -33.77
N ARG D 299 -4.99 3.75 -33.76
CA ARG D 299 -4.86 3.04 -32.48
C ARG D 299 -3.57 3.39 -31.77
N LEU D 300 -2.46 3.33 -32.49
CA LEU D 300 -1.16 3.69 -31.90
C LEU D 300 -1.19 5.13 -31.39
N ILE D 301 -1.80 6.04 -32.15
CA ILE D 301 -1.88 7.43 -31.73
C ILE D 301 -2.72 7.56 -30.45
N SER D 302 -3.77 6.74 -30.33
CA SER D 302 -4.62 6.79 -29.15
C SER D 302 -3.85 6.65 -27.84
N ARG D 303 -2.74 5.92 -27.87
CA ARG D 303 -2.00 5.63 -26.65
C ARG D 303 -1.35 6.85 -26.03
N PHE D 304 -1.35 7.98 -26.72
CA PHE D 304 -0.53 9.14 -26.39
C PHE D 304 -1.42 10.32 -26.06
N ASP D 305 -1.04 11.04 -25.02
CA ASP D 305 -1.82 12.18 -24.57
C ASP D 305 -1.71 13.32 -25.55
N GLU D 306 -2.69 14.22 -25.52
CA GLU D 306 -2.70 15.38 -26.40
C GLU D 306 -1.31 16.08 -26.45
N SER D 307 -0.79 16.39 -25.27
CA SER D 307 0.48 17.11 -25.20
C SER D 307 1.60 16.33 -25.91
N VAL D 308 1.72 15.06 -25.62
CA VAL D 308 2.75 14.24 -26.24
C VAL D 308 2.38 13.77 -27.65
N ARG D 309 1.14 14.05 -28.08
CA ARG D 309 0.60 13.33 -29.23
C ARG D 309 1.25 13.76 -30.56
N GLY D 310 1.69 15.02 -30.63
CA GLY D 310 2.45 15.49 -31.76
C GLY D 310 3.79 14.79 -31.93
N ALA D 311 4.61 14.86 -30.89
CA ALA D 311 5.86 14.11 -30.88
C ALA D 311 5.61 12.64 -31.23
N ALA D 312 4.56 12.06 -30.66
CA ALA D 312 4.28 10.64 -30.91
C ALA D 312 3.96 10.39 -32.36
N ILE D 313 3.19 11.28 -32.98
CA ILE D 313 2.85 11.14 -34.40
C ILE D 313 4.10 11.27 -35.26
N TYR D 314 4.95 12.25 -34.94
CA TYR D 314 6.23 12.38 -35.63
C TYR D 314 7.05 11.09 -35.57
N ASP D 315 7.28 10.59 -34.35
CA ASP D 315 8.03 9.37 -34.19
C ASP D 315 7.40 8.22 -34.97
N LEU D 316 6.09 8.10 -34.91
CA LEU D 316 5.41 6.98 -35.56
C LEU D 316 5.56 7.05 -37.07
N VAL D 317 5.39 8.24 -37.66
CA VAL D 317 5.54 8.38 -39.10
C VAL D 317 6.98 8.14 -39.52
N GLU D 318 7.93 8.72 -38.79
CA GLU D 318 9.34 8.62 -39.18
C GLU D 318 9.91 7.20 -39.03
N THR D 319 9.42 6.49 -38.03
CA THR D 319 9.97 5.15 -37.75
C THR D 319 9.33 4.06 -38.62
N THR D 320 8.07 4.25 -39.01
CA THR D 320 7.35 3.22 -39.74
C THR D 320 7.91 3.11 -41.16
N ARG D 321 8.15 1.88 -41.61
CA ARG D 321 8.52 1.63 -42.99
C ARG D 321 7.47 0.91 -43.81
N PHE D 322 6.48 0.31 -43.16
CA PHE D 322 5.56 -0.61 -43.82
C PHE D 322 4.49 -1.12 -42.87
N ILE D 323 3.25 -1.13 -43.32
CA ILE D 323 2.10 -1.54 -42.52
C ILE D 323 1.28 -2.54 -43.33
N MET D 324 1.06 -3.73 -42.75
CA MET D 324 0.19 -4.74 -43.31
C MET D 324 -0.92 -5.06 -42.32
N ALA D 325 -2.15 -4.87 -42.75
CA ALA D 325 -3.31 -5.55 -42.16
C ALA D 325 -3.65 -6.77 -43.02
N GLN D 326 -3.91 -7.89 -42.35
CA GLN D 326 -4.44 -9.08 -42.98
C GLN D 326 -5.75 -9.48 -42.29
N THR D 327 -6.64 -10.11 -43.07
CA THR D 327 -7.74 -10.87 -42.56
C THR D 327 -7.77 -12.25 -43.20
N LEU D 328 -8.61 -13.13 -42.68
CA LEU D 328 -8.96 -14.38 -43.31
C LEU D 328 -10.33 -14.28 -43.92
N VAL D 329 -10.42 -14.50 -45.23
CA VAL D 329 -11.70 -14.56 -45.92
C VAL D 329 -11.88 -15.98 -46.47
N ARG D 330 -13.16 -16.34 -46.65
CA ARG D 330 -13.50 -17.70 -47.10
C ARG D 330 -13.66 -17.68 -48.60
N LYS D 331 -12.81 -18.44 -49.29
CA LYS D 331 -12.93 -18.57 -50.74
C LYS D 331 -14.17 -19.39 -51.09
N THR D 332 -14.72 -19.14 -52.26
CA THR D 332 -15.80 -19.97 -52.79
C THR D 332 -15.50 -21.48 -52.64
N ASP D 333 -14.21 -21.84 -52.73
CA ASP D 333 -13.87 -23.26 -52.80
C ASP D 333 -14.24 -24.01 -51.52
N GLY D 334 -14.21 -23.33 -50.38
CA GLY D 334 -14.14 -24.03 -49.10
C GLY D 334 -12.72 -24.05 -48.52
N ASN D 335 -12.15 -22.86 -48.38
CA ASN D 335 -10.89 -22.71 -47.69
C ASN D 335 -10.78 -21.26 -47.17
N LEU D 336 -9.62 -20.95 -46.58
CA LEU D 336 -9.40 -19.68 -45.94
C LEU D 336 -8.15 -19.06 -46.54
N VAL D 337 -8.30 -17.89 -47.16
CA VAL D 337 -7.18 -17.18 -47.74
C VAL D 337 -6.95 -15.91 -46.91
N ALA D 338 -5.69 -15.52 -46.78
CA ALA D 338 -5.32 -14.24 -46.22
C ALA D 338 -5.52 -13.13 -47.27
N ALA D 339 -6.42 -12.20 -46.97
CA ALA D 339 -6.46 -10.92 -47.65
C ALA D 339 -5.50 -9.96 -46.97
N ARG D 340 -4.61 -9.35 -47.75
CA ARG D 340 -3.64 -8.39 -47.26
C ARG D 340 -3.93 -7.03 -47.88
N GLU D 341 -4.05 -6.02 -47.03
CA GLU D 341 -3.80 -4.64 -47.42
C GLU D 341 -2.52 -4.16 -46.76
N TYR D 342 -1.71 -3.42 -47.52
CA TYR D 342 -0.42 -2.97 -47.07
C TYR D 342 -0.11 -1.60 -47.68
N LEU D 343 0.61 -0.77 -46.93
CA LEU D 343 1.25 0.41 -47.45
C LEU D 343 2.72 0.38 -47.09
N ASN D 344 3.58 0.64 -48.08
CA ASN D 344 4.99 0.87 -47.87
C ASN D 344 5.23 2.35 -47.57
N PHE D 345 5.87 2.64 -46.42
CA PHE D 345 6.13 4.00 -46.00
C PHE D 345 7.47 4.45 -46.61
N THR D 346 7.43 4.76 -47.88
CA THR D 346 8.54 5.36 -48.58
C THR D 346 8.72 6.83 -48.16
N THR D 347 9.87 7.39 -48.51
CA THR D 347 10.22 8.72 -48.11
C THR D 347 9.17 9.74 -48.58
N ASP D 348 8.59 9.53 -49.76
CA ASP D 348 7.55 10.44 -50.23
C ASP D 348 6.32 10.42 -49.31
N ILE D 349 5.84 9.25 -49.02
CA ILE D 349 4.71 9.08 -48.08
C ILE D 349 5.04 9.74 -46.75
N ARG D 350 6.20 9.43 -46.19
CA ARG D 350 6.59 9.96 -44.88
C ARG D 350 6.61 11.50 -44.90
N GLU D 351 7.17 12.07 -45.96
CA GLU D 351 7.16 13.51 -46.09
C GLU D 351 5.74 14.05 -46.17
N GLN D 352 4.89 13.38 -46.93
CA GLN D 352 3.50 13.85 -47.11
C GLN D 352 2.76 13.85 -45.76
N LEU D 353 2.95 12.80 -44.97
CA LEU D 353 2.33 12.77 -43.64
C LEU D 353 2.95 13.81 -42.71
N LEU D 354 4.26 14.03 -42.82
CA LEU D 354 4.90 15.14 -42.09
C LEU D 354 4.43 16.51 -42.60
N SER D 355 4.09 16.61 -43.87
CA SER D 355 3.63 17.87 -44.44
C SER D 355 2.20 18.24 -44.07
N LEU D 356 1.50 17.37 -43.33
CA LEU D 356 0.19 17.70 -42.83
C LEU D 356 0.21 18.89 -41.89
N SER D 357 -0.90 19.63 -41.88
CA SER D 357 -0.99 20.81 -41.00
C SER D 357 -1.61 20.43 -39.66
N ASP D 358 -2.80 19.82 -39.69
CA ASP D 358 -3.44 19.40 -38.44
C ASP D 358 -2.59 18.37 -37.72
N MET D 359 -2.14 17.36 -38.46
CA MET D 359 -1.34 16.28 -37.87
C MET D 359 -2.21 15.29 -37.08
N GLY D 360 -3.44 15.72 -36.74
CA GLY D 360 -4.48 14.79 -36.36
C GLY D 360 -5.28 14.17 -37.47
N LYS D 361 -5.05 14.58 -38.72
CA LYS D 361 -5.62 13.91 -39.88
C LYS D 361 -4.76 12.73 -40.38
N VAL D 362 -3.77 12.33 -39.63
CA VAL D 362 -2.77 11.37 -40.11
C VAL D 362 -3.42 10.03 -40.39
N ALA D 363 -4.42 9.61 -39.62
CA ALA D 363 -5.12 8.38 -39.90
C ALA D 363 -5.85 8.43 -41.23
N SER D 364 -6.77 9.37 -41.34
CA SER D 364 -7.44 9.63 -42.64
C SER D 364 -6.42 9.66 -43.77
N GLU D 365 -5.45 10.53 -43.69
CA GLU D 365 -4.47 10.69 -44.77
C GLU D 365 -3.74 9.41 -45.04
N VAL D 366 -3.53 8.56 -44.01
CA VAL D 366 -2.92 7.26 -44.23
C VAL D 366 -3.83 6.35 -45.03
N ARG D 367 -5.13 6.37 -44.73
CA ARG D 367 -6.12 5.71 -45.58
C ARG D 367 -6.00 6.17 -47.03
N ARG D 368 -6.21 7.46 -47.26
CA ARG D 368 -6.02 8.03 -48.60
C ARG D 368 -4.73 7.51 -49.24
N LEU D 369 -3.62 7.55 -48.50
CA LEU D 369 -2.34 7.15 -49.06
C LEU D 369 -2.31 5.67 -49.40
N VAL D 370 -2.98 4.84 -48.64
CA VAL D 370 -3.11 3.43 -48.99
C VAL D 370 -3.90 3.30 -50.28
N ASP D 371 -5.00 4.05 -50.42
CA ASP D 371 -5.73 4.08 -51.68
C ASP D 371 -4.85 4.46 -52.87
N GLU D 372 -3.98 5.44 -52.68
CA GLU D 372 -3.24 6.00 -53.80
C GLU D 372 -2.03 5.13 -54.17
N PHE D 373 -1.23 4.77 -53.16
CA PHE D 373 0.05 4.11 -53.41
C PHE D 373 0.16 2.72 -52.85
N GLY D 374 -0.71 2.34 -51.90
CA GLY D 374 -0.62 1.05 -51.24
C GLY D 374 -1.43 -0.04 -51.95
N HIS D 375 -1.72 -1.09 -51.22
CA HIS D 375 -2.63 -2.15 -51.67
C HIS D 375 -3.86 -2.13 -50.75
N PRO D 376 -4.89 -1.40 -51.13
CA PRO D 376 -6.09 -1.34 -50.27
C PRO D 376 -6.84 -2.63 -50.23
N PHE D 377 -7.70 -2.79 -49.22
CA PHE D 377 -8.52 -3.98 -49.13
C PHE D 377 -9.48 -4.12 -50.33
N SER D 378 -9.94 -2.99 -50.87
CA SER D 378 -10.81 -3.01 -52.03
C SER D 378 -10.09 -3.62 -53.24
N LEU D 379 -8.87 -3.20 -53.49
CA LEU D 379 -8.08 -3.78 -54.57
C LEU D 379 -7.83 -5.26 -54.35
N GLU D 380 -7.56 -5.66 -53.11
CA GLU D 380 -7.28 -7.05 -52.83
C GLU D 380 -8.53 -7.91 -53.06
N ALA D 381 -9.70 -7.42 -52.64
CA ALA D 381 -10.94 -8.14 -52.92
C ALA D 381 -11.26 -8.14 -54.39
N GLU D 382 -10.93 -7.09 -55.12
CA GLU D 382 -11.16 -7.05 -56.56
C GLU D 382 -10.29 -8.06 -57.24
N ARG D 383 -9.03 -8.19 -56.87
CA ARG D 383 -8.15 -9.18 -57.49
C ARG D 383 -8.53 -10.60 -57.10
N LEU D 384 -8.81 -10.84 -55.82
CA LEU D 384 -9.29 -12.14 -55.38
C LEU D 384 -10.56 -12.56 -56.13
N HIS D 385 -11.52 -11.66 -56.21
CA HIS D 385 -12.79 -11.99 -56.87
C HIS D 385 -12.61 -12.11 -58.38
N SER D 386 -11.77 -11.29 -58.97
CA SER D 386 -11.47 -11.41 -60.40
C SER D 386 -10.96 -12.82 -60.77
N ASP D 387 -10.18 -13.40 -59.89
CA ASP D 387 -9.87 -14.81 -59.95
C ASP D 387 -10.94 -15.60 -59.24
N GLY D 388 -10.85 -16.93 -59.30
CA GLY D 388 -11.96 -17.75 -58.80
C GLY D 388 -12.25 -17.65 -57.33
N ILE D 389 -11.35 -17.03 -56.57
CA ILE D 389 -11.12 -17.49 -55.20
C ILE D 389 -12.30 -17.17 -54.27
N ILE D 390 -12.83 -15.95 -54.38
CA ILE D 390 -13.82 -15.46 -53.42
C ILE D 390 -15.08 -15.05 -54.18
N ASP D 391 -16.23 -15.20 -53.51
CA ASP D 391 -17.49 -14.82 -54.13
C ASP D 391 -17.71 -13.31 -54.01
N GLY D 392 -18.78 -12.83 -54.62
CA GLY D 392 -19.05 -11.40 -54.64
C GLY D 392 -19.36 -10.83 -53.29
N HIS D 393 -20.03 -11.59 -52.44
CA HIS D 393 -20.40 -11.08 -51.11
C HIS D 393 -19.19 -10.96 -50.22
N VAL D 394 -18.41 -12.02 -50.10
CA VAL D 394 -17.18 -11.97 -49.30
C VAL D 394 -16.25 -10.91 -49.84
N ALA D 395 -16.20 -10.74 -51.17
CA ALA D 395 -15.49 -9.60 -51.74
C ALA D 395 -16.06 -8.27 -51.25
N LYS D 396 -17.38 -8.19 -51.12
CA LYS D 396 -17.99 -6.98 -50.62
C LYS D 396 -17.58 -6.66 -49.19
N ARG D 397 -17.69 -7.65 -48.30
CA ARG D 397 -17.23 -7.47 -46.93
C ARG D 397 -15.77 -7.08 -46.92
N LEU D 398 -14.93 -7.74 -47.72
CA LEU D 398 -13.51 -7.44 -47.71
C LEU D 398 -13.21 -5.99 -48.13
N SER D 399 -13.88 -5.54 -49.17
CA SER D 399 -13.75 -4.14 -49.59
C SER D 399 -14.26 -3.19 -48.51
N MET D 400 -15.28 -3.62 -47.77
CA MET D 400 -15.86 -2.75 -46.73
C MET D 400 -14.81 -2.36 -45.68
N MET D 401 -13.91 -3.27 -45.38
CA MET D 401 -12.80 -2.96 -44.45
C MET D 401 -11.61 -2.42 -45.20
N PRO E 17 -57.38 -10.77 14.19
CA PRO E 17 -57.20 -11.07 12.73
C PRO E 17 -55.74 -10.75 12.33
N LEU E 18 -54.91 -11.78 12.33
CA LEU E 18 -53.48 -11.60 12.35
C LEU E 18 -52.96 -11.14 10.98
N HIS E 19 -51.80 -10.47 11.02
CA HIS E 19 -51.22 -9.91 9.80
C HIS E 19 -50.31 -10.93 9.15
N LEU E 20 -50.40 -11.08 7.85
CA LEU E 20 -49.79 -12.23 7.15
C LEU E 20 -49.40 -11.73 5.76
N PRO E 21 -48.28 -12.20 5.23
CA PRO E 21 -48.03 -12.13 3.79
C PRO E 21 -49.15 -12.75 2.98
N ILE E 22 -49.24 -12.39 1.70
CA ILE E 22 -50.32 -12.82 0.87
C ILE E 22 -50.30 -14.34 0.72
N LEU E 23 -51.47 -14.94 0.48
CA LEU E 23 -51.66 -16.36 0.59
C LEU E 23 -51.97 -16.97 -0.78
N GLU E 24 -51.30 -18.07 -1.09
CA GLU E 24 -51.40 -18.67 -2.42
C GLU E 24 -52.73 -19.37 -2.61
N PHE E 25 -53.24 -19.30 -3.83
CA PHE E 25 -54.33 -20.22 -4.24
C PHE E 25 -53.69 -21.54 -4.69
N LYS E 26 -54.19 -22.65 -4.16
CA LYS E 26 -53.46 -23.90 -4.15
C LYS E 26 -53.63 -24.69 -5.45
N THR E 27 -52.86 -25.76 -5.59
CA THR E 27 -52.95 -26.67 -6.72
C THR E 27 -52.66 -28.10 -6.18
N GLU E 28 -53.60 -28.67 -5.48
CA GLU E 28 -53.75 -30.11 -5.39
C GLU E 28 -53.11 -30.67 -4.12
N TYR E 29 -53.32 -29.99 -3.01
CA TYR E 29 -52.33 -30.03 -1.91
C TYR E 29 -52.88 -29.29 -0.71
N ARG E 30 -52.72 -29.89 0.46
CA ARG E 30 -53.14 -29.28 1.73
C ARG E 30 -51.92 -29.03 2.59
N TYR E 31 -51.89 -27.88 3.26
CA TYR E 31 -50.76 -27.54 4.11
C TYR E 31 -50.63 -28.59 5.20
N PRO E 32 -49.44 -29.15 5.44
CA PRO E 32 -49.22 -29.98 6.61
C PRO E 32 -49.69 -29.31 7.88
N SER E 33 -50.50 -30.04 8.65
CA SER E 33 -50.57 -29.81 10.09
C SER E 33 -49.20 -29.49 10.66
N THR E 34 -48.20 -30.30 10.31
CA THR E 34 -46.83 -30.04 10.70
C THR E 34 -45.91 -30.86 9.82
N PHE E 35 -44.69 -30.37 9.65
CA PHE E 35 -43.71 -30.97 8.74
C PHE E 35 -42.98 -32.06 9.48
N GLU E 36 -43.54 -33.27 9.45
CA GLU E 36 -42.89 -34.46 10.00
C GLU E 36 -42.20 -35.33 8.94
N HIS E 37 -42.51 -35.11 7.67
CA HIS E 37 -42.14 -36.05 6.60
C HIS E 37 -41.64 -35.26 5.42
N GLU E 38 -40.52 -35.70 4.84
CA GLU E 38 -39.92 -34.99 3.72
C GLU E 38 -40.90 -34.81 2.54
N ALA E 39 -41.86 -35.73 2.41
CA ALA E 39 -42.74 -35.72 1.27
C ALA E 39 -43.75 -34.59 1.35
N GLN E 40 -44.22 -34.27 2.55
CA GLN E 40 -45.02 -33.05 2.74
C GLN E 40 -44.22 -31.82 2.32
N PHE E 41 -42.93 -31.77 2.65
CA PHE E 41 -42.13 -30.60 2.34
C PHE E 41 -41.89 -30.47 0.83
N LYS E 42 -41.47 -31.54 0.20
CA LYS E 42 -41.33 -31.55 -1.26
C LYS E 42 -42.65 -31.25 -1.94
N ASP E 43 -43.76 -31.71 -1.38
CA ASP E 43 -45.08 -31.35 -1.91
C ASP E 43 -45.32 -29.86 -1.82
N THR E 44 -45.00 -29.27 -0.69
CA THR E 44 -45.02 -27.80 -0.56
C THR E 44 -44.17 -27.13 -1.68
N VAL E 45 -42.95 -27.60 -1.85
CA VAL E 45 -42.06 -27.00 -2.82
C VAL E 45 -42.64 -27.09 -4.22
N LEU E 46 -43.29 -28.22 -4.54
CA LEU E 46 -43.90 -28.38 -5.85
C LEU E 46 -45.10 -27.45 -6.02
N GLU E 47 -45.93 -27.35 -4.99
CA GLU E 47 -46.95 -26.31 -4.94
C GLU E 47 -46.37 -24.92 -5.31
N PHE E 48 -45.28 -24.55 -4.65
CA PHE E 48 -44.67 -23.28 -4.95
C PHE E 48 -44.19 -23.20 -6.40
N LEU E 49 -43.71 -24.32 -6.93
CA LEU E 49 -43.29 -24.34 -8.33
C LEU E 49 -44.46 -24.14 -9.31
N ALA E 50 -45.63 -24.65 -8.95
CA ALA E 50 -46.80 -24.46 -9.80
C ALA E 50 -47.09 -22.99 -10.07
N HIS E 51 -46.88 -22.13 -9.06
CA HIS E 51 -46.94 -20.70 -9.24
C HIS E 51 -45.64 -20.09 -9.80
N GLU E 52 -44.72 -20.93 -10.24
CA GLU E 52 -43.45 -20.47 -10.81
C GLU E 52 -42.67 -19.61 -9.82
N ALA E 53 -42.79 -19.91 -8.53
CA ALA E 53 -41.98 -19.25 -7.51
C ALA E 53 -40.50 -19.43 -7.80
N SER E 54 -39.71 -18.50 -7.29
CA SER E 54 -38.27 -18.49 -7.48
C SER E 54 -37.51 -18.91 -6.22
N ASP E 55 -37.86 -18.34 -5.07
CA ASP E 55 -37.05 -18.48 -3.87
C ASP E 55 -37.93 -18.90 -2.70
N ILE E 56 -37.49 -19.91 -1.96
CA ILE E 56 -38.19 -20.38 -0.78
C ILE E 56 -37.40 -19.89 0.44
N ILE E 57 -38.06 -19.07 1.25
CA ILE E 57 -37.59 -18.74 2.60
C ILE E 57 -38.42 -19.53 3.61
N ILE E 58 -37.73 -20.28 4.44
CA ILE E 58 -38.31 -20.94 5.62
C ILE E 58 -37.64 -20.39 6.85
N LYS E 59 -38.43 -19.84 7.76
CA LYS E 59 -37.91 -19.16 8.95
C LYS E 59 -38.89 -19.44 10.11
N GLN E 60 -38.32 -19.51 11.31
CA GLN E 60 -39.10 -19.76 12.49
C GLN E 60 -40.08 -18.60 12.74
N GLY E 61 -41.30 -18.94 13.14
CA GLY E 61 -42.28 -17.94 13.46
C GLY E 61 -42.91 -17.25 12.25
N VAL E 62 -42.65 -17.72 11.03
CA VAL E 62 -43.42 -17.35 9.87
C VAL E 62 -43.69 -18.59 9.05
N ALA E 63 -44.77 -18.55 8.26
CA ALA E 63 -45.02 -19.60 7.28
C ALA E 63 -43.93 -19.67 6.25
N ILE E 64 -43.66 -20.86 5.75
CA ILE E 64 -42.86 -21.02 4.54
C ILE E 64 -43.36 -20.04 3.49
N SER E 65 -42.46 -19.21 2.96
CA SER E 65 -42.79 -18.24 1.93
C SER E 65 -41.94 -18.46 0.69
N ALA E 66 -42.41 -17.93 -0.43
CA ALA E 66 -41.68 -17.97 -1.67
C ALA E 66 -41.88 -16.66 -2.42
N LYS E 67 -40.92 -16.32 -3.27
CA LYS E 67 -41.05 -15.20 -4.20
C LYS E 67 -41.66 -15.71 -5.50
N VAL E 68 -42.97 -15.74 -5.56
CA VAL E 68 -43.71 -15.73 -6.82
C VAL E 68 -43.72 -14.28 -7.37
N LYS E 69 -43.52 -14.17 -8.68
CA LYS E 69 -43.53 -12.90 -9.38
C LYS E 69 -42.61 -11.88 -8.70
N GLY E 70 -41.65 -12.32 -7.88
CA GLY E 70 -40.77 -11.43 -7.20
C GLY E 70 -41.28 -10.88 -5.89
N THR E 71 -42.60 -10.87 -5.69
CA THR E 71 -43.15 -10.75 -4.35
C THR E 71 -43.06 -12.12 -3.62
N LEU E 72 -43.16 -12.04 -2.29
CA LEU E 72 -43.10 -13.22 -1.47
C LEU E 72 -44.41 -13.40 -0.69
N CYS E 73 -44.76 -14.66 -0.46
CA CYS E 73 -46.11 -15.03 -0.12
C CYS E 73 -46.09 -16.47 0.42
N THR E 74 -47.17 -16.85 1.09
CA THR E 74 -47.26 -18.07 1.82
C THR E 74 -48.34 -18.98 1.24
N LEU E 75 -48.18 -20.28 1.50
CA LEU E 75 -49.22 -21.26 1.27
C LEU E 75 -50.24 -21.37 2.39
N SER E 76 -49.95 -20.79 3.54
CA SER E 76 -50.80 -20.89 4.71
C SER E 76 -50.50 -19.74 5.64
N THR E 77 -51.45 -19.48 6.53
CA THR E 77 -51.30 -18.44 7.54
C THR E 77 -50.56 -18.91 8.79
N ARG E 78 -50.26 -20.20 8.90
CA ARG E 78 -49.79 -20.78 10.14
C ARG E 78 -48.26 -20.93 10.11
N THR E 79 -47.63 -20.54 11.20
CA THR E 79 -46.19 -20.37 11.25
C THR E 79 -45.49 -21.68 11.51
N LEU E 80 -44.20 -21.69 11.24
CA LEU E 80 -43.35 -22.87 11.40
C LEU E 80 -42.61 -22.81 12.74
N ASN E 81 -42.57 -23.95 13.41
CA ASN E 81 -41.95 -24.08 14.71
C ASN E 81 -40.60 -24.74 14.64
N PHE E 82 -39.86 -24.71 15.75
CA PHE E 82 -38.43 -25.01 15.71
C PHE E 82 -38.16 -26.45 15.20
N ASN E 83 -38.97 -27.40 15.64
CA ASN E 83 -38.88 -28.75 15.12
C ASN E 83 -39.09 -28.81 13.61
N GLU E 84 -40.07 -28.05 13.12
CA GLU E 84 -40.36 -28.06 11.68
C GLU E 84 -39.15 -27.62 10.89
N ILE E 85 -38.43 -26.62 11.38
CA ILE E 85 -37.26 -26.11 10.65
C ILE E 85 -36.09 -27.04 10.83
N GLU E 86 -35.94 -27.65 12.02
CA GLU E 86 -34.88 -28.64 12.22
C GLU E 86 -35.02 -29.82 11.24
N ARG E 87 -36.21 -30.38 11.13
CA ARG E 87 -36.47 -31.38 10.11
C ARG E 87 -36.26 -30.81 8.70
N ILE E 88 -36.85 -29.66 8.41
CA ILE E 88 -36.77 -29.10 7.07
C ILE E 88 -35.32 -29.03 6.60
N ALA E 89 -34.44 -28.52 7.47
CA ALA E 89 -33.04 -28.36 7.12
C ALA E 89 -32.22 -29.61 7.28
N LEU E 90 -32.71 -30.62 8.02
CA LEU E 90 -32.25 -31.98 7.82
C LEU E 90 -32.47 -32.42 6.38
N TRP E 91 -33.66 -32.19 5.84
CA TRP E 91 -33.94 -32.65 4.48
C TRP E 91 -33.15 -31.85 3.43
N ALA E 92 -33.09 -30.52 3.60
CA ALA E 92 -32.61 -29.65 2.54
C ALA E 92 -31.13 -29.40 2.66
N SER E 93 -30.64 -29.04 3.85
CA SER E 93 -29.23 -28.75 4.02
C SER E 93 -28.44 -30.05 4.11
N GLY E 94 -28.64 -30.92 3.13
CA GLY E 94 -28.11 -32.26 3.21
C GLY E 94 -28.19 -32.86 4.64
N SER E 95 -27.16 -33.60 5.04
CA SER E 95 -27.17 -34.41 6.20
C SER E 95 -27.08 -33.61 7.50
N SER E 96 -27.65 -32.39 7.49
CA SER E 96 -27.67 -31.56 8.66
C SER E 96 -28.56 -32.14 9.80
N SER E 97 -28.04 -33.17 10.44
CA SER E 97 -28.81 -33.83 11.52
C SER E 97 -29.07 -32.87 12.68
N VAL E 98 -28.07 -32.05 13.01
CA VAL E 98 -28.19 -31.07 14.07
C VAL E 98 -27.65 -29.72 13.55
N LEU E 99 -28.48 -29.00 12.82
CA LEU E 99 -28.00 -27.83 12.11
C LEU E 99 -27.67 -26.67 13.05
N THR E 100 -28.35 -26.56 14.17
CA THR E 100 -28.05 -25.53 15.14
C THR E 100 -26.61 -25.63 15.63
N GLU E 101 -26.21 -26.82 16.03
CA GLU E 101 -24.78 -27.05 16.35
C GLU E 101 -23.94 -27.02 15.09
N LEU E 102 -24.46 -27.54 13.98
CA LEU E 102 -23.78 -27.40 12.69
C LEU E 102 -23.47 -25.91 12.36
N ALA E 103 -24.39 -25.03 12.72
CA ALA E 103 -24.31 -23.64 12.34
C ALA E 103 -23.56 -22.81 13.34
N SER E 104 -22.75 -23.39 14.19
CA SER E 104 -21.63 -22.71 14.88
C SER E 104 -20.44 -22.59 13.92
N LYS E 105 -20.66 -21.68 12.95
CA LYS E 105 -19.53 -21.01 12.28
C LYS E 105 -19.19 -21.69 11.00
N LYS E 106 -19.96 -22.70 10.56
CA LYS E 106 -19.87 -23.25 9.25
C LYS E 106 -20.99 -22.70 8.38
N LEU E 107 -20.64 -22.18 7.21
CA LEU E 107 -21.60 -21.86 6.18
C LEU E 107 -22.18 -23.11 5.56
N ILE E 108 -23.50 -23.12 5.40
CA ILE E 108 -24.24 -24.27 4.93
C ILE E 108 -24.86 -23.93 3.62
N ASN E 109 -24.20 -24.32 2.52
CA ASN E 109 -24.73 -24.18 1.17
C ASN E 109 -24.75 -25.55 0.52
N THR E 110 -25.94 -26.00 0.13
CA THR E 110 -26.14 -27.31 -0.44
C THR E 110 -26.97 -27.18 -1.71
N ARG E 111 -27.19 -28.32 -2.35
CA ARG E 111 -28.15 -28.43 -3.45
C ARG E 111 -29.26 -29.40 -3.05
N TYR E 112 -30.47 -29.08 -3.46
CA TYR E 112 -31.65 -29.86 -3.11
C TYR E 112 -32.54 -29.97 -4.34
N GLU E 113 -32.83 -31.18 -4.76
CA GLU E 113 -33.67 -31.43 -5.93
C GLU E 113 -35.00 -32.01 -5.48
N VAL E 114 -36.06 -31.64 -6.20
CA VAL E 114 -37.37 -32.27 -6.05
C VAL E 114 -37.93 -32.52 -7.45
N PHE E 115 -38.64 -33.64 -7.59
CA PHE E 115 -38.93 -34.24 -8.89
C PHE E 115 -40.42 -34.20 -9.13
N HIS E 116 -40.82 -33.59 -10.23
CA HIS E 116 -42.23 -33.54 -10.60
C HIS E 116 -42.79 -34.94 -10.80
N PRO E 117 -43.96 -35.26 -10.24
CA PRO E 117 -44.49 -36.61 -10.39
C PRO E 117 -44.83 -36.97 -11.83
N THR E 118 -45.57 -36.09 -12.50
CA THR E 118 -46.17 -36.42 -13.80
C THR E 118 -45.35 -35.86 -14.95
N LYS E 119 -45.06 -34.56 -14.90
CA LYS E 119 -44.39 -33.89 -16.02
C LYS E 119 -43.05 -34.54 -16.32
N LEU E 120 -42.79 -34.74 -17.61
CA LEU E 120 -41.48 -35.21 -18.08
C LEU E 120 -40.86 -34.18 -19.01
N THR E 121 -39.54 -34.08 -18.96
CA THR E 121 -38.81 -33.20 -19.86
C THR E 121 -38.80 -33.78 -21.28
N THR E 122 -38.66 -32.91 -22.26
CA THR E 122 -38.30 -33.36 -23.61
C THR E 122 -36.97 -34.15 -23.53
N GLY E 123 -37.00 -35.37 -24.03
CA GLY E 123 -36.04 -36.39 -23.61
C GLY E 123 -36.59 -37.39 -22.61
N GLY E 124 -37.87 -37.29 -22.24
CA GLY E 124 -38.53 -38.37 -21.53
C GLY E 124 -38.01 -38.67 -20.14
N GLN E 125 -37.50 -37.64 -19.47
CA GLN E 125 -37.07 -37.76 -18.08
C GLN E 125 -37.99 -36.93 -17.18
N LYS E 126 -38.39 -37.50 -16.05
CA LYS E 126 -39.25 -36.79 -15.11
C LYS E 126 -38.58 -35.50 -14.66
N GLN E 127 -39.33 -34.39 -14.72
CA GLN E 127 -38.77 -33.08 -14.47
C GLN E 127 -38.09 -33.04 -13.09
N ARG E 128 -36.85 -32.53 -13.09
CA ARG E 128 -36.15 -32.23 -11.86
C ARG E 128 -36.09 -30.71 -11.66
N PHE E 129 -36.30 -30.28 -10.42
CA PHE E 129 -36.11 -28.90 -10.01
C PHE E 129 -35.03 -28.83 -8.94
N GLY E 130 -34.02 -28.01 -9.17
CA GLY E 130 -32.91 -27.85 -8.25
C GLY E 130 -32.94 -26.59 -7.48
N TYR E 131 -32.24 -26.55 -6.34
CA TYR E 131 -32.32 -25.43 -5.41
C TYR E 131 -30.97 -25.31 -4.75
N ARG E 132 -30.40 -24.08 -4.81
CA ARG E 132 -29.26 -23.73 -3.97
C ARG E 132 -29.76 -23.36 -2.58
N VAL E 133 -29.60 -24.28 -1.66
CA VAL E 133 -30.07 -24.10 -0.28
C VAL E 133 -28.96 -23.46 0.55
N ASN E 134 -29.32 -22.48 1.36
CA ASN E 134 -28.40 -21.83 2.28
C ASN E 134 -29.07 -21.71 3.64
N ILE E 135 -28.37 -22.17 4.68
CA ILE E 135 -28.89 -22.19 6.02
C ILE E 135 -28.02 -21.28 6.87
N SER E 136 -28.62 -20.19 7.37
CA SER E 136 -27.89 -19.13 8.00
C SER E 136 -28.40 -18.88 9.41
N PRO E 137 -27.49 -18.53 10.34
CA PRO E 137 -27.96 -18.24 11.70
C PRO E 137 -28.75 -16.94 11.73
N VAL E 138 -29.92 -16.98 12.30
CA VAL E 138 -30.74 -15.80 12.52
C VAL E 138 -31.16 -15.76 14.00
N TYR E 139 -31.43 -14.54 14.47
CA TYR E 139 -31.78 -14.32 15.88
C TYR E 139 -33.26 -14.01 15.98
N ILE E 140 -34.02 -14.94 16.52
CA ILE E 140 -35.48 -14.84 16.57
C ILE E 140 -35.96 -15.13 18.01
N GLN E 141 -36.82 -14.28 18.51
CA GLN E 141 -37.40 -14.43 19.85
C GLN E 141 -36.33 -14.77 20.87
N GLY E 142 -35.21 -14.07 20.77
CA GLY E 142 -34.17 -14.16 21.77
C GLY E 142 -33.23 -15.33 21.67
N LYS E 143 -33.32 -16.10 20.60
CA LYS E 143 -32.56 -17.33 20.46
C LYS E 143 -32.01 -17.46 19.05
N THR E 144 -30.96 -18.21 18.91
CA THR E 144 -30.31 -18.47 17.63
C THR E 144 -31.04 -19.64 16.95
N THR E 145 -31.73 -19.35 15.86
CA THR E 145 -32.31 -20.35 14.98
C THR E 145 -31.58 -20.37 13.64
N ALA E 146 -31.94 -21.30 12.81
CA ALA E 146 -31.55 -21.33 11.41
C ALA E 146 -32.69 -20.79 10.56
N GLU E 147 -32.33 -19.99 9.56
CA GLU E 147 -33.20 -19.66 8.45
C GLU E 147 -32.69 -20.30 7.18
N ILE E 148 -33.61 -20.90 6.41
CA ILE E 148 -33.27 -21.58 5.18
C ILE E 148 -33.77 -20.73 3.98
N VAL E 149 -32.92 -20.62 2.97
CA VAL E 149 -33.28 -20.01 1.71
C VAL E 149 -32.83 -20.95 0.59
N MET E 150 -33.76 -21.53 -0.12
CA MET E 150 -33.49 -22.23 -1.37
C MET E 150 -33.74 -21.30 -2.55
N ARG E 151 -32.78 -21.24 -3.46
CA ARG E 151 -32.89 -20.47 -4.70
C ARG E 151 -33.12 -21.43 -5.84
N SER E 152 -34.21 -21.24 -6.57
CA SER E 152 -34.51 -22.06 -7.74
C SER E 152 -33.33 -22.00 -8.73
N ILE E 153 -33.10 -23.11 -9.41
CA ILE E 153 -32.07 -23.22 -10.44
C ILE E 153 -32.76 -23.27 -11.81
N PRO E 154 -32.44 -22.34 -12.70
CA PRO E 154 -32.91 -22.52 -14.10
C PRO E 154 -32.17 -23.64 -14.79
N LEU E 155 -32.85 -24.75 -15.09
CA LEU E 155 -32.20 -25.87 -15.76
C LEU E 155 -31.75 -25.47 -17.21
N ASP E 156 -32.70 -24.97 -17.98
CA ASP E 156 -32.62 -25.08 -19.45
C ASP E 156 -32.80 -23.67 -20.02
N PRO E 157 -31.86 -23.22 -20.88
CA PRO E 157 -32.03 -21.93 -21.53
C PRO E 157 -33.40 -21.81 -22.19
N LEU E 158 -33.96 -20.59 -22.13
CA LEU E 158 -35.30 -20.38 -22.66
C LEU E 158 -35.19 -19.98 -24.13
N PRO E 159 -36.15 -20.40 -24.98
CA PRO E 159 -36.25 -19.82 -26.33
C PRO E 159 -36.27 -18.29 -26.33
N LEU E 160 -35.91 -17.67 -27.44
CA LEU E 160 -35.95 -16.23 -27.55
C LEU E 160 -37.35 -15.68 -27.35
N ALA E 161 -38.34 -16.33 -27.94
CA ALA E 161 -39.73 -15.87 -27.80
C ALA E 161 -40.13 -15.83 -26.32
N ASP E 162 -39.71 -16.80 -25.54
CA ASP E 162 -40.07 -16.83 -24.13
C ASP E 162 -39.45 -15.65 -23.36
N ILE E 163 -38.28 -15.21 -23.77
CA ILE E 163 -37.62 -14.08 -23.10
C ILE E 163 -37.88 -12.74 -23.83
N GLY E 164 -38.60 -12.75 -24.92
CA GLY E 164 -38.96 -11.53 -25.58
C GLY E 164 -37.94 -10.94 -26.55
N LEU E 165 -37.05 -11.78 -27.08
CA LEU E 165 -35.98 -11.35 -27.94
C LEU E 165 -36.24 -11.88 -29.36
N SER E 166 -35.98 -11.02 -30.36
CA SER E 166 -36.17 -11.41 -31.74
C SER E 166 -34.90 -12.06 -32.28
N PRO E 167 -35.06 -13.05 -33.17
CA PRO E 167 -33.91 -13.49 -33.96
C PRO E 167 -33.17 -12.34 -34.66
N GLU E 168 -33.89 -11.43 -35.27
CA GLU E 168 -33.26 -10.28 -35.92
C GLU E 168 -32.37 -9.52 -34.92
N LEU E 169 -32.87 -9.30 -33.71
CA LEU E 169 -32.08 -8.56 -32.72
C LEU E 169 -30.90 -9.37 -32.22
N VAL E 170 -31.10 -10.66 -31.97
CA VAL E 170 -30.03 -11.48 -31.41
C VAL E 170 -28.89 -11.71 -32.42
N ASN E 171 -29.24 -11.71 -33.70
CA ASN E 171 -28.20 -11.75 -34.73
C ASN E 171 -27.25 -10.56 -34.60
N GLN E 172 -27.75 -9.41 -34.27
CA GLN E 172 -26.89 -8.27 -33.96
C GLN E 172 -25.97 -8.57 -32.79
N MET E 173 -26.43 -9.39 -31.86
CA MET E 173 -25.66 -9.73 -30.65
C MET E 173 -24.71 -10.91 -30.85
N CYS E 174 -24.56 -11.39 -32.09
CA CYS E 174 -23.72 -12.51 -32.42
C CYS E 174 -22.65 -12.11 -33.43
N PRO E 175 -21.80 -11.16 -33.09
CA PRO E 175 -20.68 -10.83 -33.99
C PRO E 175 -19.64 -11.94 -34.03
N ASP E 176 -18.91 -11.99 -35.11
CA ASP E 176 -17.76 -12.88 -35.23
C ASP E 176 -16.61 -12.46 -34.31
N ASN E 177 -16.61 -11.23 -33.82
CA ASN E 177 -15.56 -10.75 -32.94
C ASN E 177 -16.11 -9.59 -32.11
N GLY E 178 -15.32 -9.14 -31.15
CA GLY E 178 -15.68 -8.04 -30.31
C GLY E 178 -16.48 -8.46 -29.09
N ILE E 179 -17.00 -7.45 -28.39
CA ILE E 179 -17.58 -7.63 -27.08
C ILE E 179 -19.06 -7.30 -27.16
N VAL E 180 -19.91 -8.25 -26.80
CA VAL E 180 -21.31 -8.00 -26.48
C VAL E 180 -21.46 -7.98 -24.97
N MET E 181 -21.97 -6.90 -24.44
CA MET E 181 -22.24 -6.73 -23.01
C MET E 181 -23.73 -6.61 -22.80
N VAL E 182 -24.22 -7.35 -21.80
CA VAL E 182 -25.57 -7.13 -21.22
C VAL E 182 -25.36 -6.52 -19.83
N ALA E 183 -26.10 -5.44 -19.55
CA ALA E 183 -26.02 -4.75 -18.28
C ALA E 183 -27.33 -4.88 -17.54
N GLY E 184 -27.27 -5.15 -16.25
CA GLY E 184 -28.37 -4.81 -15.34
C GLY E 184 -27.98 -5.06 -13.91
N LYS E 185 -28.78 -4.54 -13.00
CA LYS E 185 -28.63 -4.81 -11.58
C LYS E 185 -28.91 -6.24 -11.14
N THR E 186 -29.84 -6.89 -11.79
CA THR E 186 -30.18 -8.29 -11.41
C THR E 186 -29.31 -9.26 -12.22
N SER E 187 -28.61 -10.13 -11.52
CA SER E 187 -27.89 -11.22 -12.19
C SER E 187 -28.82 -12.14 -12.99
N SER E 188 -29.99 -12.44 -12.40
CA SER E 188 -30.88 -13.43 -13.00
C SER E 188 -31.20 -13.07 -14.46
N GLY E 189 -31.52 -11.80 -14.68
CA GLY E 189 -31.82 -11.32 -16.01
C GLY E 189 -30.70 -11.56 -16.99
N LYS E 190 -29.50 -11.07 -16.65
CA LYS E 190 -28.35 -11.24 -17.55
C LYS E 190 -28.08 -12.69 -17.85
N SER E 191 -27.90 -13.48 -16.80
CA SER E 191 -27.75 -14.95 -16.96
C SER E 191 -28.78 -15.51 -17.95
N THR E 192 -30.04 -15.15 -17.76
CA THR E 192 -31.09 -15.63 -18.65
C THR E 192 -30.83 -15.23 -20.11
N THR E 193 -30.72 -13.94 -20.35
CA THR E 193 -30.56 -13.47 -21.74
C THR E 193 -29.36 -14.11 -22.41
N PHE E 194 -28.24 -14.22 -21.68
CA PHE E 194 -27.04 -14.78 -22.28
C PHE E 194 -27.17 -16.27 -22.55
N SER E 195 -27.78 -17.01 -21.61
CA SER E 195 -28.02 -18.42 -21.83
C SER E 195 -28.92 -18.64 -23.05
N SER E 196 -30.04 -17.93 -23.12
CA SER E 196 -30.89 -18.01 -24.29
C SER E 196 -30.11 -17.69 -25.56
N ILE E 197 -29.32 -16.63 -25.56
CA ILE E 197 -28.58 -16.25 -26.74
C ILE E 197 -27.60 -17.36 -27.17
N ILE E 198 -27.01 -18.03 -26.19
CA ILE E 198 -26.07 -19.11 -26.50
C ILE E 198 -26.79 -20.33 -27.08
N ARG E 199 -27.91 -20.69 -26.46
CA ARG E 199 -28.74 -21.75 -27.02
C ARG E 199 -29.10 -21.48 -28.46
N TYR E 200 -29.68 -20.31 -28.71
CA TYR E 200 -29.91 -19.86 -30.10
C TYR E 200 -28.64 -20.04 -30.97
N ILE E 201 -27.48 -19.65 -30.42
CA ILE E 201 -26.28 -19.63 -31.22
C ILE E 201 -25.91 -21.02 -31.68
N MET E 202 -25.80 -21.93 -30.74
CA MET E 202 -25.38 -23.31 -31.05
C MET E 202 -26.45 -24.02 -31.87
N GLU E 203 -27.72 -23.70 -31.64
CA GLU E 203 -28.80 -24.39 -32.36
C GLU E 203 -28.92 -23.94 -33.83
N ASN E 204 -28.57 -22.69 -34.11
CA ASN E 204 -28.91 -22.06 -35.37
C ASN E 204 -27.66 -21.62 -36.10
N ASP E 205 -27.81 -21.21 -37.36
CA ASP E 205 -26.73 -20.71 -38.16
C ASP E 205 -26.49 -19.24 -37.83
N THR E 206 -25.38 -18.96 -37.18
CA THR E 206 -25.02 -17.62 -36.73
C THR E 206 -23.56 -17.38 -37.02
N PRO E 207 -23.13 -16.12 -37.11
CA PRO E 207 -21.70 -15.83 -37.24
C PRO E 207 -20.82 -16.55 -36.20
N ILE E 208 -21.36 -16.82 -35.02
CA ILE E 208 -20.60 -17.47 -33.97
C ILE E 208 -20.89 -18.97 -34.00
N LYS E 209 -19.88 -19.76 -34.28
CA LYS E 209 -19.99 -21.21 -34.24
C LYS E 209 -18.67 -21.80 -33.77
N GLY E 210 -18.74 -22.89 -33.03
CA GLY E 210 -17.58 -23.68 -32.69
C GLY E 210 -17.45 -23.98 -31.22
N HIS E 211 -16.31 -23.63 -30.65
CA HIS E 211 -16.05 -23.87 -29.23
C HIS E 211 -16.56 -22.69 -28.42
N LEU E 212 -17.47 -22.96 -27.49
CA LEU E 212 -18.04 -21.94 -26.61
C LEU E 212 -17.67 -22.24 -25.19
N LEU E 213 -16.86 -21.37 -24.59
CA LEU E 213 -16.59 -21.39 -23.17
C LEU E 213 -17.46 -20.39 -22.44
N THR E 214 -18.02 -20.81 -21.32
CA THR E 214 -18.74 -19.90 -20.42
C THR E 214 -18.15 -20.06 -19.02
N HIS E 215 -17.84 -18.94 -18.39
CA HIS E 215 -17.30 -18.91 -17.03
C HIS E 215 -18.33 -18.26 -16.14
N GLU E 216 -18.97 -19.05 -15.28
CA GLU E 216 -20.09 -18.62 -14.45
C GLU E 216 -19.70 -18.75 -12.99
N ASP E 217 -19.93 -17.67 -12.23
CA ASP E 217 -19.85 -17.75 -10.77
C ASP E 217 -20.79 -18.78 -10.26
N PRO E 218 -22.06 -18.42 -9.95
CA PRO E 218 -23.06 -19.46 -9.58
C PRO E 218 -23.13 -20.57 -10.61
N ILE E 219 -23.15 -20.24 -11.90
CA ILE E 219 -23.25 -21.25 -12.94
C ILE E 219 -24.66 -21.80 -12.98
N GLU E 220 -25.58 -21.06 -13.58
CA GLU E 220 -27.02 -21.30 -13.41
C GLU E 220 -27.60 -22.26 -14.45
N PHE E 221 -27.26 -22.04 -15.70
CA PHE E 221 -27.85 -22.76 -16.82
C PHE E 221 -26.91 -23.83 -17.34
N VAL E 222 -27.46 -24.87 -17.92
CA VAL E 222 -26.71 -25.96 -18.51
C VAL E 222 -27.11 -26.14 -19.97
N TYR E 223 -26.18 -26.62 -20.77
CA TYR E 223 -26.44 -26.86 -22.19
C TYR E 223 -26.20 -28.29 -22.58
N ASP E 224 -26.26 -29.22 -21.64
CA ASP E 224 -26.14 -30.65 -21.99
C ASP E 224 -27.30 -31.11 -22.91
N ASN E 225 -28.43 -30.43 -22.82
CA ASN E 225 -29.63 -30.85 -23.52
C ASN E 225 -29.86 -30.13 -24.85
N ILE E 226 -28.98 -29.17 -25.19
CA ILE E 226 -29.09 -28.42 -26.42
C ILE E 226 -28.22 -29.08 -27.48
N LYS E 227 -28.84 -29.61 -28.50
CA LYS E 227 -28.16 -30.26 -29.61
C LYS E 227 -27.82 -29.21 -30.67
N SER E 228 -26.56 -29.21 -31.09
CA SER E 228 -26.05 -28.27 -32.08
C SER E 228 -25.52 -29.01 -33.28
N ALA E 229 -25.54 -28.34 -34.44
CA ALA E 229 -24.96 -28.90 -35.66
C ALA E 229 -23.44 -28.67 -35.75
N HIS E 230 -22.92 -27.69 -35.01
CA HIS E 230 -21.68 -27.06 -35.36
C HIS E 230 -20.90 -26.59 -34.15
N SER E 231 -21.47 -26.71 -32.97
CA SER E 231 -21.06 -25.97 -31.79
C SER E 231 -20.89 -26.94 -30.61
N ILE E 232 -19.86 -26.70 -29.79
CA ILE E 232 -19.70 -27.37 -28.52
C ILE E 232 -19.56 -26.29 -27.43
N ILE E 233 -20.02 -26.60 -26.24
CA ILE E 233 -20.06 -25.69 -25.13
C ILE E 233 -19.34 -26.32 -23.93
N ALA E 234 -18.56 -25.52 -23.22
CA ALA E 234 -17.84 -25.94 -22.03
C ALA E 234 -18.06 -24.92 -20.95
N GLN E 235 -18.62 -25.33 -19.81
CA GLN E 235 -18.91 -24.47 -18.69
C GLN E 235 -17.92 -24.69 -17.55
N SER E 236 -17.50 -23.61 -16.92
CA SER E 236 -16.65 -23.69 -15.72
C SER E 236 -17.20 -22.76 -14.65
N GLN E 237 -17.36 -23.28 -13.45
CA GLN E 237 -17.56 -22.45 -12.27
C GLN E 237 -16.21 -22.00 -11.71
N ILE E 238 -16.20 -20.80 -11.13
CA ILE E 238 -15.04 -19.94 -11.10
C ILE E 238 -14.48 -19.86 -9.69
N PRO E 239 -15.35 -19.82 -8.68
CA PRO E 239 -14.90 -20.31 -7.35
C PRO E 239 -14.31 -21.70 -7.41
N GLU E 240 -15.11 -22.69 -7.80
CA GLU E 240 -14.83 -24.06 -7.44
C GLU E 240 -13.91 -24.74 -8.46
N GLN E 241 -14.10 -24.48 -9.74
CA GLN E 241 -13.33 -25.14 -10.79
C GLN E 241 -12.13 -24.32 -11.29
N PHE E 242 -12.27 -23.01 -11.34
CA PHE E 242 -11.15 -22.09 -11.46
C PHE E 242 -11.05 -21.24 -10.22
N SER E 243 -9.81 -20.89 -9.85
CA SER E 243 -9.61 -20.06 -8.65
C SER E 243 -10.33 -18.69 -8.84
N SER E 244 -10.08 -18.03 -9.97
CA SER E 244 -10.67 -16.73 -10.20
C SER E 244 -11.01 -16.55 -11.68
N PHE E 245 -11.76 -15.51 -11.99
CA PHE E 245 -12.12 -15.22 -13.36
C PHE E 245 -10.93 -14.92 -14.26
N ALA E 246 -9.97 -14.16 -13.72
CA ALA E 246 -8.75 -13.87 -14.49
C ALA E 246 -8.05 -15.17 -14.91
N ILE E 247 -7.92 -16.12 -14.00
CA ILE E 247 -7.35 -17.40 -14.35
C ILE E 247 -8.14 -18.06 -15.48
N ALA E 248 -9.47 -18.04 -15.36
CA ALA E 248 -10.30 -18.73 -16.34
C ALA E 248 -10.13 -18.13 -17.73
N ASN E 249 -10.02 -16.79 -17.81
CA ASN E 249 -9.89 -16.13 -19.10
C ASN E 249 -8.49 -16.29 -19.67
N GLN E 250 -7.47 -16.16 -18.84
CA GLN E 250 -6.10 -16.42 -19.30
C GLN E 250 -5.99 -17.84 -19.87
N GLU E 251 -6.57 -18.82 -19.18
CA GLU E 251 -6.53 -20.19 -19.67
C GLU E 251 -7.49 -20.42 -20.83
N ALA E 252 -8.48 -19.54 -21.03
CA ALA E 252 -9.42 -19.73 -22.10
C ALA E 252 -8.74 -19.66 -23.47
N LEU E 253 -7.70 -18.87 -23.61
CA LEU E 253 -7.04 -18.69 -24.90
C LEU E 253 -6.47 -19.99 -25.44
N ARG E 254 -5.97 -20.84 -24.54
CA ARG E 254 -5.48 -22.17 -24.94
C ARG E 254 -6.63 -23.11 -25.33
N ARG E 255 -7.85 -22.81 -24.93
CA ARG E 255 -9.00 -23.65 -25.24
C ARG E 255 -9.52 -23.43 -26.66
N THR E 256 -8.84 -22.60 -27.47
CA THR E 256 -9.30 -22.26 -28.79
C THR E 256 -10.80 -21.94 -28.82
N PRO E 257 -11.23 -20.96 -28.03
CA PRO E 257 -12.68 -20.64 -28.05
C PRO E 257 -13.08 -19.94 -29.33
N ASN E 258 -14.28 -20.28 -29.79
CA ASN E 258 -15.02 -19.42 -30.74
C ASN E 258 -15.97 -18.46 -30.05
N LEU E 259 -16.23 -18.64 -28.76
CA LEU E 259 -16.94 -17.66 -27.96
C LEU E 259 -16.53 -17.79 -26.51
N ILE E 260 -16.39 -16.66 -25.84
CA ILE E 260 -15.99 -16.60 -24.43
C ILE E 260 -17.00 -15.75 -23.71
N MET E 261 -17.95 -16.39 -23.03
CA MET E 261 -18.74 -15.76 -21.96
C MET E 261 -17.83 -15.59 -20.75
N ILE E 262 -17.24 -14.42 -20.62
CA ILE E 262 -16.07 -14.24 -19.77
C ILE E 262 -16.44 -13.99 -18.31
N GLY E 263 -17.60 -13.38 -18.07
CA GLY E 263 -18.01 -13.04 -16.73
C GLY E 263 -18.51 -11.59 -16.65
N GLU E 264 -18.39 -11.01 -15.46
CA GLU E 264 -18.69 -9.63 -15.23
C GLU E 264 -17.44 -8.78 -15.36
N LEU E 265 -17.59 -7.64 -16.04
CA LEU E 265 -16.53 -6.63 -16.06
C LEU E 265 -16.62 -5.75 -14.83
N ARG E 266 -15.69 -5.97 -13.89
CA ARG E 266 -15.64 -5.16 -12.67
C ARG E 266 -14.32 -4.45 -12.49
N ASP E 267 -13.23 -5.21 -12.33
CA ASP E 267 -11.90 -4.60 -12.14
C ASP E 267 -11.38 -4.13 -13.51
N LYS E 268 -10.45 -3.21 -13.48
CA LYS E 268 -9.66 -2.84 -14.64
C LYS E 268 -9.12 -4.05 -15.41
N GLN E 269 -8.58 -5.00 -14.67
CA GLN E 269 -7.93 -6.15 -15.28
C GLN E 269 -8.94 -7.02 -16.03
N SER E 270 -10.15 -7.15 -15.49
CA SER E 270 -11.20 -7.85 -16.20
C SER E 270 -11.52 -7.16 -17.53
N ILE E 271 -11.68 -5.85 -17.49
CA ILE E 271 -12.03 -5.10 -18.69
C ILE E 271 -10.91 -5.24 -19.76
N GLU E 272 -9.67 -5.23 -19.30
CA GLU E 272 -8.55 -5.37 -20.21
C GLU E 272 -8.47 -6.76 -20.80
N SER E 273 -8.73 -7.78 -19.98
CA SER E 273 -8.78 -9.15 -20.47
C SER E 273 -9.87 -9.31 -21.53
N ALA E 274 -11.05 -8.74 -21.28
CA ALA E 274 -12.10 -8.71 -22.28
C ALA E 274 -11.60 -8.04 -23.55
N PHE E 275 -10.96 -6.88 -23.41
CA PHE E 275 -10.35 -6.24 -24.57
C PHE E 275 -9.48 -7.21 -25.38
N GLU E 276 -8.56 -7.88 -24.71
CA GLU E 276 -7.60 -8.72 -25.43
C GLU E 276 -8.30 -9.91 -26.10
N ALA E 277 -9.18 -10.58 -25.37
CA ALA E 277 -9.95 -11.67 -25.94
C ALA E 277 -10.72 -11.21 -27.19
N ALA E 278 -11.33 -10.03 -27.12
CA ALA E 278 -11.99 -9.48 -28.29
C ALA E 278 -11.03 -9.28 -29.44
N ASN E 279 -9.90 -8.65 -29.16
CA ASN E 279 -8.94 -8.26 -30.22
C ASN E 279 -8.05 -9.40 -30.66
N THR E 280 -7.97 -10.48 -29.87
CA THR E 280 -7.47 -11.76 -30.34
C THR E 280 -8.48 -12.52 -31.20
N GLY E 281 -9.61 -11.92 -31.53
CA GLY E 281 -10.45 -12.37 -32.61
C GLY E 281 -11.70 -13.11 -32.21
N HIS E 282 -12.15 -12.95 -30.96
CA HIS E 282 -13.13 -13.83 -30.37
C HIS E 282 -14.31 -13.04 -29.88
N PRO E 283 -15.55 -13.52 -30.16
CA PRO E 283 -16.70 -13.00 -29.44
C PRO E 283 -16.47 -13.16 -27.90
N VAL E 284 -16.64 -12.05 -27.17
CA VAL E 284 -16.67 -12.04 -25.76
C VAL E 284 -18.07 -11.57 -25.30
N PHE E 285 -18.78 -12.41 -24.58
CA PHE E 285 -19.99 -12.02 -23.87
C PHE E 285 -19.66 -11.63 -22.44
N ALA E 286 -20.18 -10.48 -22.03
CA ALA E 286 -19.79 -9.88 -20.75
C ALA E 286 -21.00 -9.29 -20.09
N THR E 287 -21.06 -9.40 -18.79
CA THR E 287 -22.10 -8.78 -17.95
C THR E 287 -21.51 -7.52 -17.31
N VAL E 288 -22.36 -6.50 -17.18
CA VAL E 288 -21.96 -5.25 -16.55
C VAL E 288 -23.06 -4.84 -15.59
N HIS E 289 -22.64 -4.41 -14.40
CA HIS E 289 -23.59 -3.91 -13.40
C HIS E 289 -23.66 -2.39 -13.58
N SER E 290 -24.42 -1.98 -14.59
CA SER E 290 -24.84 -0.61 -14.78
C SER E 290 -26.31 -0.59 -15.17
N GLN E 291 -26.92 0.59 -15.01
CA GLN E 291 -28.36 0.73 -15.26
C GLN E 291 -28.70 0.70 -16.74
N ASN E 292 -27.88 1.39 -17.54
CA ASN E 292 -28.16 1.60 -18.96
C ASN E 292 -26.85 1.75 -19.70
N CYS E 293 -26.93 1.89 -21.02
CA CYS E 293 -25.76 1.81 -21.88
C CYS E 293 -24.74 2.92 -21.59
N SER E 294 -25.22 4.17 -21.59
CA SER E 294 -24.41 5.27 -21.11
C SER E 294 -23.68 4.94 -19.79
N ALA E 295 -24.45 4.40 -18.83
CA ALA E 295 -23.85 4.03 -17.56
C ALA E 295 -22.81 2.94 -17.74
N VAL E 296 -23.03 2.02 -18.68
CA VAL E 296 -22.05 0.98 -18.97
C VAL E 296 -20.73 1.61 -19.42
N MET E 297 -20.80 2.43 -20.47
CA MET E 297 -19.62 3.10 -20.97
C MET E 297 -18.92 3.85 -19.84
N ARG E 298 -19.62 4.76 -19.19
CA ARG E 298 -19.01 5.60 -18.16
C ARG E 298 -18.36 4.74 -17.08
N ARG E 299 -19.06 3.74 -16.59
CA ARG E 299 -18.49 2.87 -15.57
C ARG E 299 -17.22 2.18 -16.03
N LEU E 300 -17.24 1.61 -17.24
CA LEU E 300 -16.06 0.95 -17.77
C LEU E 300 -14.88 1.95 -17.86
N ILE E 301 -15.16 3.18 -18.30
CA ILE E 301 -14.09 4.14 -18.42
C ILE E 301 -13.54 4.55 -17.06
N SER E 302 -14.40 4.58 -16.04
CA SER E 302 -13.97 4.99 -14.70
C SER E 302 -12.83 4.12 -14.17
N ARG E 303 -12.78 2.87 -14.60
CA ARG E 303 -11.74 1.96 -14.10
C ARG E 303 -10.33 2.38 -14.45
N PHE E 304 -10.19 3.19 -15.49
CA PHE E 304 -8.88 3.49 -16.07
C PHE E 304 -8.48 4.91 -15.69
N ASP E 305 -7.21 5.06 -15.31
CA ASP E 305 -6.71 6.36 -14.89
C ASP E 305 -6.63 7.32 -16.08
N GLU E 306 -6.56 8.60 -15.78
CA GLU E 306 -6.53 9.63 -16.82
C GLU E 306 -5.37 9.43 -17.79
N SER E 307 -4.21 9.06 -17.26
CA SER E 307 -3.04 8.80 -18.11
C SER E 307 -3.36 7.77 -19.21
N VAL E 308 -4.03 6.70 -18.86
CA VAL E 308 -4.34 5.64 -19.82
C VAL E 308 -5.73 5.80 -20.43
N ARG E 309 -6.47 6.83 -20.06
CA ARG E 309 -7.92 6.83 -20.26
C ARG E 309 -8.32 7.03 -21.72
N GLY E 310 -7.48 7.73 -22.49
CA GLY E 310 -7.64 7.78 -23.94
C GLY E 310 -7.52 6.42 -24.61
N ALA E 311 -6.39 5.76 -24.38
CA ALA E 311 -6.22 4.39 -24.86
C ALA E 311 -7.41 3.53 -24.45
N ALA E 312 -7.87 3.67 -23.22
CA ALA E 312 -8.94 2.83 -22.71
C ALA E 312 -10.23 3.12 -23.46
N ILE E 313 -10.54 4.39 -23.69
CA ILE E 313 -11.74 4.75 -24.42
C ILE E 313 -11.69 4.23 -25.86
N TYR E 314 -10.53 4.36 -26.50
CA TYR E 314 -10.37 3.84 -27.85
C TYR E 314 -10.55 2.34 -27.91
N ASP E 315 -9.91 1.62 -27.04
CA ASP E 315 -10.12 0.16 -26.94
C ASP E 315 -11.61 -0.15 -26.74
N LEU E 316 -12.26 0.57 -25.81
CA LEU E 316 -13.63 0.24 -25.47
C LEU E 316 -14.57 0.48 -26.64
N VAL E 317 -14.40 1.58 -27.35
CA VAL E 317 -15.22 1.85 -28.53
C VAL E 317 -14.91 0.87 -29.63
N GLU E 318 -13.63 0.57 -29.87
CA GLU E 318 -13.25 -0.29 -30.97
C GLU E 318 -13.71 -1.75 -30.79
N THR E 319 -13.75 -2.20 -29.53
CA THR E 319 -14.04 -3.58 -29.26
C THR E 319 -15.51 -3.85 -28.95
N THR E 320 -16.24 -2.84 -28.46
CA THR E 320 -17.65 -3.02 -28.17
C THR E 320 -18.44 -3.18 -29.47
N ARG E 321 -19.28 -4.20 -29.53
CA ARG E 321 -20.16 -4.42 -30.66
C ARG E 321 -21.64 -4.15 -30.33
N PHE E 322 -22.02 -4.25 -29.06
CA PHE E 322 -23.43 -4.27 -28.70
C PHE E 322 -23.59 -4.20 -27.18
N ILE E 323 -24.47 -3.30 -26.73
CA ILE E 323 -24.69 -3.07 -25.31
C ILE E 323 -26.18 -3.22 -25.03
N MET E 324 -26.52 -4.17 -24.15
CA MET E 324 -27.87 -4.34 -23.66
C MET E 324 -27.90 -4.05 -22.16
N ALA E 325 -28.76 -3.10 -21.77
CA ALA E 325 -29.23 -3.00 -20.41
C ALA E 325 -30.63 -3.58 -20.30
N GLN E 326 -30.91 -4.30 -19.20
CA GLN E 326 -32.20 -4.87 -18.93
C GLN E 326 -32.69 -4.51 -17.53
N THR E 327 -34.00 -4.38 -17.40
CA THR E 327 -34.64 -4.31 -16.09
C THR E 327 -35.92 -5.10 -16.13
N LEU E 328 -36.38 -5.50 -14.94
CA LEU E 328 -37.67 -6.19 -14.78
C LEU E 328 -38.73 -5.17 -14.35
N VAL E 329 -39.85 -5.14 -15.05
CA VAL E 329 -40.97 -4.30 -14.72
C VAL E 329 -42.24 -5.14 -14.58
N ARG E 330 -43.20 -4.59 -13.87
CA ARG E 330 -44.48 -5.25 -13.63
C ARG E 330 -45.36 -5.18 -14.85
N LYS E 331 -45.80 -6.33 -15.33
CA LYS E 331 -46.86 -6.39 -16.33
C LYS E 331 -48.21 -6.11 -15.69
N THR E 332 -49.15 -5.68 -16.53
CA THR E 332 -50.53 -5.52 -16.11
C THR E 332 -51.05 -6.77 -15.41
N ASP E 333 -50.63 -7.94 -15.83
CA ASP E 333 -51.02 -9.18 -15.18
C ASP E 333 -50.57 -9.21 -13.70
N GLY E 334 -49.41 -8.59 -13.40
CA GLY E 334 -48.70 -8.84 -12.19
C GLY E 334 -47.41 -9.63 -12.37
N ASN E 335 -47.27 -10.34 -13.48
CA ASN E 335 -46.01 -10.96 -13.85
C ASN E 335 -44.99 -9.88 -14.25
N LEU E 336 -43.74 -10.31 -14.37
CA LEU E 336 -42.63 -9.43 -14.69
C LEU E 336 -42.24 -9.61 -16.17
N VAL E 337 -41.80 -8.54 -16.79
CA VAL E 337 -41.25 -8.59 -18.13
C VAL E 337 -39.90 -7.86 -18.13
N ALA E 338 -39.01 -8.31 -19.00
CA ALA E 338 -37.70 -7.68 -19.13
C ALA E 338 -37.78 -6.62 -20.21
N ALA E 339 -37.77 -5.36 -19.79
CA ALA E 339 -37.56 -4.23 -20.68
C ALA E 339 -36.06 -4.03 -20.92
N ARG E 340 -35.71 -3.75 -22.18
CA ARG E 340 -34.35 -3.74 -22.63
C ARG E 340 -34.08 -2.44 -23.38
N GLU E 341 -33.06 -1.71 -22.94
CA GLU E 341 -32.29 -0.83 -23.82
C GLU E 341 -31.17 -1.64 -24.50
N TYR E 342 -30.88 -1.28 -25.74
CA TYR E 342 -29.71 -1.77 -26.44
C TYR E 342 -29.26 -0.76 -27.47
N LEU E 343 -27.94 -0.63 -27.62
CA LEU E 343 -27.34 -0.03 -28.79
C LEU E 343 -26.48 -1.06 -29.52
N ASN E 344 -26.62 -1.12 -30.83
CA ASN E 344 -25.79 -1.93 -31.68
C ASN E 344 -24.66 -1.07 -32.24
N PHE E 345 -23.41 -1.50 -32.02
CA PHE E 345 -22.25 -0.74 -32.40
C PHE E 345 -21.87 -1.11 -33.82
N THR E 346 -22.56 -0.53 -34.77
CA THR E 346 -22.12 -0.57 -36.16
C THR E 346 -20.77 0.15 -36.31
N THR E 347 -20.10 -0.15 -37.39
CA THR E 347 -18.87 0.57 -37.74
C THR E 347 -19.13 2.07 -37.84
N ASP E 348 -20.29 2.45 -38.33
CA ASP E 348 -20.70 3.85 -38.35
C ASP E 348 -20.73 4.43 -36.93
N ILE E 349 -21.44 3.77 -36.02
CA ILE E 349 -21.56 4.26 -34.67
C ILE E 349 -20.18 4.42 -34.03
N ARG E 350 -19.34 3.43 -34.19
CA ARG E 350 -18.01 3.47 -33.56
C ARG E 350 -17.17 4.54 -34.17
N GLU E 351 -17.18 4.68 -35.50
CA GLU E 351 -16.49 5.79 -36.17
C GLU E 351 -16.95 7.14 -35.61
N GLN E 352 -18.25 7.28 -35.35
CA GLN E 352 -18.76 8.49 -34.76
C GLN E 352 -18.22 8.69 -33.34
N LEU E 353 -18.16 7.62 -32.56
CA LEU E 353 -17.69 7.72 -31.18
C LEU E 353 -16.21 8.07 -31.10
N LEU E 354 -15.43 7.57 -32.03
CA LEU E 354 -13.97 7.80 -31.99
C LEU E 354 -13.63 9.30 -32.26
N SER E 355 -14.39 9.93 -33.15
CA SER E 355 -14.00 11.20 -33.69
C SER E 355 -14.46 12.39 -32.87
N LEU E 356 -15.19 12.19 -31.79
CA LEU E 356 -15.41 13.24 -30.81
C LEU E 356 -14.06 13.66 -30.19
N SER E 357 -13.64 14.88 -30.48
CA SER E 357 -12.30 15.32 -30.13
C SER E 357 -12.02 15.24 -28.64
N ASP E 358 -13.06 15.35 -27.79
CA ASP E 358 -12.94 15.17 -26.37
C ASP E 358 -13.65 13.86 -25.95
N MET E 359 -12.92 13.02 -25.24
CA MET E 359 -13.43 11.71 -24.86
C MET E 359 -14.19 11.71 -23.57
N GLY E 360 -13.99 12.72 -22.73
CA GLY E 360 -14.93 12.99 -21.63
C GLY E 360 -16.41 12.93 -22.04
N LYS E 361 -16.68 13.19 -23.31
CA LYS E 361 -18.04 13.19 -23.83
C LYS E 361 -18.53 11.84 -24.30
N VAL E 362 -17.64 10.86 -24.43
CA VAL E 362 -18.00 9.61 -25.11
C VAL E 362 -19.32 9.04 -24.54
N ALA E 363 -19.33 8.80 -23.25
CA ALA E 363 -20.53 8.36 -22.56
C ALA E 363 -21.76 9.13 -23.01
N SER E 364 -21.73 10.44 -22.80
CA SER E 364 -22.82 11.30 -23.27
C SER E 364 -23.21 10.96 -24.72
N GLU E 365 -22.27 11.07 -25.63
CA GLU E 365 -22.51 10.69 -27.01
C GLU E 365 -23.26 9.37 -27.12
N VAL E 366 -22.76 8.34 -26.46
CA VAL E 366 -23.41 7.03 -26.50
C VAL E 366 -24.91 7.17 -26.23
N ARG E 367 -25.22 7.82 -25.10
CA ARG E 367 -26.61 8.20 -24.82
C ARG E 367 -27.29 8.75 -26.07
N ARG E 368 -26.87 9.94 -26.48
CA ARG E 368 -27.33 10.50 -27.75
C ARG E 368 -27.53 9.42 -28.82
N LEU E 369 -26.50 8.66 -29.08
CA LEU E 369 -26.56 7.67 -30.17
C LEU E 369 -27.57 6.59 -29.89
N VAL E 370 -27.57 6.06 -28.66
CA VAL E 370 -28.63 5.16 -28.21
C VAL E 370 -30.00 5.78 -28.49
N ASP E 371 -30.16 7.04 -28.14
CA ASP E 371 -31.43 7.73 -28.40
C ASP E 371 -31.73 7.82 -29.89
N GLU E 372 -30.71 8.04 -30.70
CA GLU E 372 -30.92 8.25 -32.14
C GLU E 372 -31.04 6.93 -32.88
N PHE E 373 -30.18 5.96 -32.56
CA PHE E 373 -30.01 4.74 -33.34
C PHE E 373 -30.34 3.47 -32.60
N GLY E 374 -30.38 3.51 -31.27
CA GLY E 374 -30.63 2.33 -30.47
C GLY E 374 -32.05 2.19 -30.03
N HIS E 375 -32.27 1.39 -29.01
CA HIS E 375 -33.59 1.13 -28.43
C HIS E 375 -33.56 1.62 -26.97
N PRO E 376 -33.76 2.91 -26.75
CA PRO E 376 -33.67 3.45 -25.39
C PRO E 376 -34.82 2.97 -24.51
N PHE E 377 -34.66 3.15 -23.22
CA PHE E 377 -35.67 2.69 -22.28
C PHE E 377 -37.00 3.42 -22.45
N SER E 378 -36.95 4.68 -22.89
CA SER E 378 -38.16 5.41 -23.22
C SER E 378 -38.93 4.73 -24.37
N LEU E 379 -38.22 4.36 -25.41
CA LEU E 379 -38.87 3.72 -26.54
C LEU E 379 -39.40 2.35 -26.17
N GLU E 380 -38.66 1.59 -25.40
CA GLU E 380 -39.16 0.29 -24.90
C GLU E 380 -40.38 0.47 -24.02
N ALA E 381 -40.43 1.54 -23.23
CA ALA E 381 -41.58 1.77 -22.36
C ALA E 381 -42.79 2.16 -23.16
N GLU E 382 -42.62 3.05 -24.16
CA GLU E 382 -43.68 3.30 -25.13
C GLU E 382 -44.16 1.99 -25.79
N ARG E 383 -43.23 1.10 -26.09
CA ARG E 383 -43.57 -0.10 -26.85
C ARG E 383 -44.35 -1.11 -26.02
N LEU E 384 -43.92 -1.31 -24.78
CA LEU E 384 -44.70 -2.11 -23.84
C LEU E 384 -46.04 -1.46 -23.57
N HIS E 385 -46.07 -0.14 -23.42
CA HIS E 385 -47.31 0.54 -23.08
C HIS E 385 -48.37 0.48 -24.19
N SER E 386 -47.91 0.54 -25.44
CA SER E 386 -48.83 0.45 -26.56
C SER E 386 -49.45 -0.93 -26.64
N ASP E 387 -48.65 -1.97 -26.41
CA ASP E 387 -49.17 -3.34 -26.32
C ASP E 387 -49.90 -3.64 -25.04
N GLY E 388 -50.15 -2.63 -24.21
CA GLY E 388 -50.88 -2.84 -22.97
C GLY E 388 -50.20 -3.78 -21.98
N ILE E 389 -48.91 -4.06 -22.23
CA ILE E 389 -48.15 -4.89 -21.34
C ILE E 389 -47.77 -4.17 -20.03
N ILE E 390 -47.98 -2.86 -19.95
CA ILE E 390 -47.40 -2.04 -18.91
C ILE E 390 -48.34 -0.86 -18.64
N ASP E 391 -48.42 -0.49 -17.36
CA ASP E 391 -49.18 0.67 -16.99
C ASP E 391 -48.41 1.96 -17.32
N GLY E 392 -49.09 3.09 -17.19
CA GLY E 392 -48.46 4.37 -17.39
C GLY E 392 -47.39 4.68 -16.35
N HIS E 393 -47.61 4.27 -15.13
CA HIS E 393 -46.67 4.61 -14.05
C HIS E 393 -45.31 3.95 -14.25
N VAL E 394 -45.28 2.64 -14.32
CA VAL E 394 -44.05 1.91 -14.57
C VAL E 394 -43.52 2.24 -15.93
N ALA E 395 -44.34 2.61 -16.88
CA ALA E 395 -43.85 3.20 -18.16
C ALA E 395 -43.01 4.45 -17.90
N LYS E 396 -43.51 5.34 -17.05
CA LYS E 396 -42.76 6.56 -16.74
C LYS E 396 -41.48 6.25 -16.01
N ARG E 397 -41.55 5.44 -14.98
CA ARG E 397 -40.35 4.94 -14.29
C ARG E 397 -39.34 4.38 -15.31
N LEU E 398 -39.82 3.61 -16.28
CA LEU E 398 -38.93 2.90 -17.16
C LEU E 398 -38.28 3.81 -18.17
N SER E 399 -39.04 4.71 -18.79
CA SER E 399 -38.46 5.75 -19.62
C SER E 399 -37.34 6.54 -18.90
N MET E 400 -37.52 6.73 -17.60
CA MET E 400 -36.55 7.49 -16.84
C MET E 400 -35.23 6.78 -16.61
N MET E 401 -35.17 5.48 -16.91
CA MET E 401 -33.97 4.69 -16.70
C MET E 401 -32.79 5.24 -17.51
N PRO F 17 -21.79 -1.54 59.26
CA PRO F 17 -20.36 -1.67 59.72
C PRO F 17 -19.40 -1.29 58.62
N LEU F 18 -19.01 -2.23 57.76
CA LEU F 18 -18.40 -1.89 56.50
C LEU F 18 -19.35 -1.06 55.62
N HIS F 19 -18.78 -0.36 54.68
CA HIS F 19 -19.53 0.51 53.78
C HIS F 19 -20.34 -0.29 52.78
N LEU F 20 -21.50 0.22 52.41
CA LEU F 20 -22.39 -0.44 51.46
C LEU F 20 -22.75 0.52 50.33
N PRO F 21 -22.73 0.04 49.10
CA PRO F 21 -23.36 0.85 48.01
C PRO F 21 -24.81 1.19 48.33
N ILE F 22 -25.57 0.22 48.85
CA ILE F 22 -26.99 0.40 49.06
C ILE F 22 -27.70 -0.96 48.94
N LEU F 23 -28.63 -1.23 49.85
CA LEU F 23 -29.45 -2.42 49.80
C LEU F 23 -30.88 -2.05 49.47
N GLU F 24 -31.57 -2.98 48.82
CA GLU F 24 -32.86 -2.71 48.21
C GLU F 24 -33.84 -3.81 48.57
N PHE F 25 -35.08 -3.40 48.84
CA PHE F 25 -36.13 -4.38 49.14
C PHE F 25 -36.34 -5.28 47.94
N LYS F 26 -36.30 -6.59 48.15
CA LYS F 26 -36.62 -7.53 47.09
C LYS F 26 -38.11 -7.38 46.68
N THR F 27 -38.40 -7.84 45.46
CA THR F 27 -39.77 -8.03 45.01
C THR F 27 -39.91 -9.48 44.50
N GLU F 28 -39.97 -10.42 45.43
CA GLU F 28 -40.24 -11.80 45.15
C GLU F 28 -38.97 -12.62 45.01
N TYR F 29 -37.85 -12.08 45.50
CA TYR F 29 -36.55 -12.58 45.15
C TYR F 29 -35.64 -12.62 46.39
N ARG F 30 -34.82 -13.65 46.49
CA ARG F 30 -33.90 -13.82 47.61
C ARG F 30 -32.49 -13.96 47.04
N TYR F 31 -31.56 -13.20 47.61
CA TYR F 31 -30.22 -13.13 47.06
C TYR F 31 -29.56 -14.51 47.16
N PRO F 32 -29.01 -15.04 46.06
CA PRO F 32 -28.51 -16.41 46.12
C PRO F 32 -27.25 -16.53 46.98
N SER F 33 -26.60 -17.68 46.91
CA SER F 33 -25.23 -17.87 47.29
C SER F 33 -24.39 -18.08 46.04
N THR F 34 -23.44 -17.18 45.78
CA THR F 34 -22.30 -17.41 44.92
C THR F 34 -22.58 -17.30 43.43
N PHE F 35 -23.82 -17.17 43.03
CA PHE F 35 -24.18 -17.17 41.61
C PHE F 35 -23.60 -18.38 40.89
N GLU F 36 -24.26 -19.51 41.02
CA GLU F 36 -23.78 -20.77 40.42
C GLU F 36 -24.64 -21.25 39.27
N HIS F 37 -25.90 -20.80 39.19
CA HIS F 37 -26.81 -21.17 38.12
C HIS F 37 -27.32 -19.91 37.40
N GLU F 38 -27.45 -19.99 36.09
CA GLU F 38 -27.93 -18.86 35.31
C GLU F 38 -29.32 -18.42 35.72
N ALA F 39 -30.14 -19.31 36.28
CA ALA F 39 -31.44 -18.91 36.80
C ALA F 39 -31.34 -17.85 37.92
N GLN F 40 -30.40 -18.05 38.81
CA GLN F 40 -30.09 -17.03 39.82
C GLN F 40 -29.82 -15.66 39.16
N PHE F 41 -29.03 -15.67 38.09
CA PHE F 41 -28.68 -14.43 37.43
C PHE F 41 -29.89 -13.78 36.74
N LYS F 42 -30.71 -14.60 36.09
CA LYS F 42 -31.92 -14.10 35.45
C LYS F 42 -32.85 -13.48 36.48
N ASP F 43 -33.01 -14.14 37.63
CA ASP F 43 -33.92 -13.63 38.66
C ASP F 43 -33.36 -12.41 39.33
N THR F 44 -32.04 -12.29 39.42
CA THR F 44 -31.41 -11.05 39.88
C THR F 44 -31.71 -9.91 38.91
N VAL F 45 -31.41 -10.12 37.63
CA VAL F 45 -31.69 -9.09 36.62
C VAL F 45 -33.16 -8.70 36.66
N LEU F 46 -34.05 -9.65 36.87
CA LEU F 46 -35.47 -9.34 37.01
C LEU F 46 -35.76 -8.53 38.28
N GLU F 47 -35.06 -8.84 39.37
CA GLU F 47 -35.23 -8.09 40.59
C GLU F 47 -34.84 -6.64 40.43
N PHE F 48 -33.63 -6.40 39.91
CA PHE F 48 -33.26 -5.06 39.46
C PHE F 48 -34.32 -4.47 38.52
N LEU F 49 -34.96 -5.32 37.72
CA LEU F 49 -35.97 -4.84 36.78
C LEU F 49 -37.21 -4.29 37.47
N ALA F 50 -37.63 -4.94 38.55
CA ALA F 50 -38.80 -4.48 39.29
C ALA F 50 -38.65 -3.03 39.72
N HIS F 51 -37.42 -2.57 39.98
CA HIS F 51 -37.16 -1.20 40.30
C HIS F 51 -36.89 -0.33 39.06
N GLU F 52 -37.13 -0.85 37.87
CA GLU F 52 -36.93 -0.12 36.62
C GLU F 52 -35.48 0.35 36.47
N ALA F 53 -34.58 -0.60 36.67
CA ALA F 53 -33.14 -0.29 36.65
C ALA F 53 -32.68 -0.17 35.21
N SER F 54 -31.91 0.87 34.90
CA SER F 54 -31.45 1.08 33.53
C SER F 54 -30.27 0.17 33.20
N ASP F 55 -29.30 0.11 34.09
CA ASP F 55 -27.99 -0.52 33.81
C ASP F 55 -27.63 -1.43 34.98
N ILE F 56 -26.76 -2.38 34.73
CA ILE F 56 -26.33 -3.37 35.69
C ILE F 56 -24.80 -3.52 35.59
N ILE F 57 -24.14 -3.35 36.69
CA ILE F 57 -22.67 -3.39 36.79
C ILE F 57 -22.28 -4.61 37.60
N ILE F 58 -21.39 -5.41 37.03
CA ILE F 58 -20.96 -6.69 37.64
C ILE F 58 -19.46 -6.74 37.57
N LYS F 59 -18.78 -6.67 38.69
CA LYS F 59 -17.33 -6.56 38.75
C LYS F 59 -16.85 -7.28 40.02
N GLN F 60 -15.62 -7.81 39.93
CA GLN F 60 -15.16 -8.77 40.91
C GLN F 60 -15.10 -8.18 42.32
N GLY F 61 -14.58 -6.97 42.43
CA GLY F 61 -14.32 -6.44 43.79
C GLY F 61 -15.61 -6.12 44.58
N VAL F 62 -16.67 -5.79 43.86
CA VAL F 62 -17.83 -5.14 44.49
C VAL F 62 -19.03 -6.07 44.39
N ALA F 63 -20.13 -5.66 44.96
CA ALA F 63 -21.40 -6.37 44.78
C ALA F 63 -21.97 -6.02 43.41
N ILE F 64 -22.70 -6.97 42.85
CA ILE F 64 -23.70 -6.70 41.83
C ILE F 64 -24.39 -5.37 42.12
N SER F 65 -24.37 -4.50 41.12
CA SER F 65 -25.05 -3.20 41.21
C SER F 65 -25.96 -3.04 40.00
N ALA F 66 -26.87 -2.08 40.10
CA ALA F 66 -27.51 -1.48 38.93
C ALA F 66 -27.80 -0.02 39.20
N LYS F 67 -28.06 0.73 38.15
CA LYS F 67 -28.36 2.15 38.21
C LYS F 67 -29.88 2.31 38.15
N VAL F 68 -30.50 2.68 39.28
CA VAL F 68 -31.88 3.06 39.33
C VAL F 68 -31.97 4.58 39.50
N LYS F 69 -32.78 5.23 38.67
CA LYS F 69 -32.93 6.68 38.71
C LYS F 69 -31.57 7.37 38.92
N GLY F 70 -30.58 6.86 38.21
CA GLY F 70 -29.25 7.47 38.17
C GLY F 70 -28.24 6.86 39.12
N THR F 71 -28.70 6.37 40.29
CA THR F 71 -27.82 6.01 41.37
C THR F 71 -27.57 4.52 41.43
N LEU F 72 -26.40 4.13 41.92
CA LEU F 72 -26.05 2.72 42.05
C LEU F 72 -26.71 2.08 43.25
N CYS F 73 -27.06 0.81 43.11
CA CYS F 73 -27.88 0.12 44.11
C CYS F 73 -27.59 -1.37 44.03
N THR F 74 -27.58 -2.01 45.18
CA THR F 74 -27.21 -3.41 45.28
C THR F 74 -28.35 -4.19 45.94
N LEU F 75 -28.45 -5.46 45.61
CA LEU F 75 -29.36 -6.37 46.28
C LEU F 75 -28.82 -6.94 47.59
N SER F 76 -27.51 -6.90 47.78
CA SER F 76 -26.90 -7.35 49.02
C SER F 76 -25.60 -6.59 49.25
N THR F 77 -25.13 -6.66 50.48
CA THR F 77 -23.75 -6.24 50.78
C THR F 77 -22.72 -7.25 50.31
N ARG F 78 -23.11 -8.51 50.15
CA ARG F 78 -22.28 -9.54 49.54
C ARG F 78 -21.61 -8.98 48.27
N THR F 79 -20.31 -9.20 48.15
CA THR F 79 -19.58 -8.97 46.95
C THR F 79 -19.25 -10.32 46.25
N LEU F 80 -18.64 -10.22 45.09
CA LEU F 80 -18.51 -11.33 44.18
C LEU F 80 -17.07 -11.73 44.01
N ASN F 81 -16.83 -13.01 43.78
CA ASN F 81 -15.49 -13.55 43.57
C ASN F 81 -15.23 -13.78 42.10
N PHE F 82 -13.99 -14.12 41.78
CA PHE F 82 -13.58 -14.32 40.39
C PHE F 82 -14.43 -15.38 39.69
N ASN F 83 -14.73 -16.47 40.39
CA ASN F 83 -15.61 -17.49 39.82
C ASN F 83 -16.98 -16.94 39.47
N GLU F 84 -17.55 -16.15 40.36
CA GLU F 84 -18.87 -15.56 40.10
C GLU F 84 -18.85 -14.75 38.80
N ILE F 85 -17.79 -13.98 38.58
CA ILE F 85 -17.73 -13.14 37.40
C ILE F 85 -17.40 -13.95 36.17
N GLU F 86 -16.66 -15.05 36.30
CA GLU F 86 -16.48 -15.98 35.20
C GLU F 86 -17.80 -16.59 34.78
N ARG F 87 -18.61 -17.04 35.72
CA ARG F 87 -19.91 -17.59 35.39
C ARG F 87 -20.83 -16.54 34.78
N ILE F 88 -21.01 -15.39 35.44
CA ILE F 88 -21.84 -14.35 34.90
C ILE F 88 -21.40 -13.98 33.51
N ALA F 89 -20.12 -13.71 33.32
CA ALA F 89 -19.58 -13.45 31.97
C ALA F 89 -19.96 -14.56 31.02
N LEU F 90 -19.89 -15.81 31.49
CA LEU F 90 -20.28 -16.93 30.64
C LEU F 90 -21.76 -16.83 30.19
N TRP F 91 -22.62 -16.40 31.09
CA TRP F 91 -24.05 -16.38 30.80
C TRP F 91 -24.42 -15.20 29.91
N ALA F 92 -23.84 -14.02 30.19
CA ALA F 92 -24.29 -12.80 29.53
C ALA F 92 -23.90 -12.79 28.06
N SER F 93 -22.65 -13.13 27.76
CA SER F 93 -22.23 -13.39 26.39
C SER F 93 -22.14 -14.88 26.16
N GLY F 94 -22.94 -15.40 25.25
CA GLY F 94 -23.24 -16.84 25.23
C GLY F 94 -22.00 -17.73 25.23
N SER F 95 -21.01 -17.35 24.45
CA SER F 95 -19.78 -18.12 24.31
C SER F 95 -18.68 -17.65 25.25
N SER F 96 -19.07 -17.24 26.45
CA SER F 96 -18.14 -16.56 27.36
C SER F 96 -17.27 -17.50 28.17
N SER F 97 -17.34 -18.80 27.89
CA SER F 97 -16.30 -19.72 28.38
C SER F 97 -14.88 -19.23 28.03
N VAL F 98 -14.72 -18.83 26.78
CA VAL F 98 -13.40 -18.36 26.31
C VAL F 98 -13.27 -16.88 26.64
N LEU F 99 -14.16 -16.33 27.46
CA LEU F 99 -14.25 -14.90 27.62
C LEU F 99 -12.92 -14.28 28.10
N THR F 100 -12.41 -14.81 29.19
CA THR F 100 -11.10 -14.36 29.67
C THR F 100 -10.00 -14.56 28.62
N GLU F 101 -10.07 -15.69 27.90
CA GLU F 101 -9.32 -15.84 26.66
C GLU F 101 -9.71 -14.76 25.63
N LEU F 102 -10.97 -14.73 25.27
CA LEU F 102 -11.46 -13.71 24.34
C LEU F 102 -11.09 -12.27 24.75
N ALA F 103 -11.09 -12.01 26.07
CA ALA F 103 -10.82 -10.69 26.57
C ALA F 103 -9.37 -10.29 26.47
N SER F 104 -8.51 -11.13 25.89
CA SER F 104 -7.13 -10.75 25.64
C SER F 104 -7.07 -9.38 24.92
N LYS F 105 -7.91 -9.17 23.92
CA LYS F 105 -7.87 -7.98 23.08
C LYS F 105 -9.04 -7.87 22.15
N LYS F 106 -9.97 -8.82 22.22
CA LYS F 106 -11.20 -8.79 21.47
C LYS F 106 -12.28 -8.01 22.24
N LEU F 107 -13.06 -7.21 21.53
CA LEU F 107 -14.08 -6.39 22.12
C LEU F 107 -15.38 -7.16 22.21
N ILE F 108 -15.96 -7.19 23.43
CA ILE F 108 -17.09 -8.05 23.73
C ILE F 108 -18.30 -7.16 23.95
N ASN F 109 -19.10 -6.95 22.91
CA ASN F 109 -20.40 -6.30 23.04
C ASN F 109 -21.42 -7.20 22.39
N THR F 110 -22.36 -7.71 23.17
CA THR F 110 -23.39 -8.62 22.67
C THR F 110 -24.72 -8.29 23.35
N ARG F 111 -25.63 -9.26 23.44
CA ARG F 111 -26.97 -9.07 23.85
C ARG F 111 -27.35 -10.21 24.83
N TYR F 112 -27.87 -9.84 25.97
CA TYR F 112 -28.53 -10.76 26.87
C TYR F 112 -30.02 -10.42 26.96
N GLU F 113 -30.82 -11.42 27.29
CA GLU F 113 -32.27 -11.29 27.35
C GLU F 113 -32.81 -12.06 28.54
N VAL F 114 -33.78 -11.47 29.21
CA VAL F 114 -34.51 -12.13 30.32
C VAL F 114 -35.99 -11.97 30.03
N PHE F 115 -36.70 -13.09 30.03
CA PHE F 115 -38.15 -13.12 29.86
C PHE F 115 -38.79 -12.98 31.24
N HIS F 116 -39.80 -12.11 31.33
CA HIS F 116 -40.50 -11.92 32.59
C HIS F 116 -41.22 -13.23 32.95
N PRO F 117 -41.20 -13.60 34.23
CA PRO F 117 -41.83 -14.87 34.62
C PRO F 117 -43.35 -14.86 34.43
N THR F 118 -44.01 -13.79 34.87
CA THR F 118 -45.47 -13.73 34.89
C THR F 118 -45.90 -12.40 34.32
N LYS F 119 -45.84 -12.27 32.99
CA LYS F 119 -46.06 -10.97 32.34
C LYS F 119 -45.94 -11.14 30.82
N LEU F 120 -46.95 -10.62 30.10
CA LEU F 120 -47.08 -10.85 28.68
C LEU F 120 -47.14 -9.52 27.96
N THR F 121 -46.56 -9.48 26.76
CA THR F 121 -46.76 -8.32 25.88
C THR F 121 -48.22 -8.30 25.36
N THR F 122 -48.71 -7.11 25.09
CA THR F 122 -50.04 -6.96 24.55
C THR F 122 -50.23 -7.78 23.27
N GLY F 123 -51.32 -8.54 23.22
CA GLY F 123 -51.46 -9.56 22.21
C GLY F 123 -50.19 -10.37 21.96
N GLY F 124 -49.71 -11.05 22.99
CA GLY F 124 -48.86 -12.21 22.76
C GLY F 124 -48.22 -12.75 24.03
N GLN F 125 -46.91 -12.95 24.02
CA GLN F 125 -46.23 -13.90 24.84
C GLN F 125 -45.45 -13.17 25.94
N LYS F 126 -44.54 -13.90 26.59
CA LYS F 126 -43.80 -13.34 27.72
C LYS F 126 -43.10 -12.07 27.33
N GLN F 127 -43.14 -11.06 28.21
CA GLN F 127 -42.38 -9.83 28.00
C GLN F 127 -40.90 -10.14 27.97
N ARG F 128 -40.24 -9.69 26.90
CA ARG F 128 -38.78 -9.78 26.79
C ARG F 128 -38.15 -8.50 27.29
N PHE F 129 -37.07 -8.65 28.04
CA PHE F 129 -36.23 -7.53 28.47
C PHE F 129 -34.83 -7.76 27.92
N GLY F 130 -34.33 -6.76 27.20
CA GLY F 130 -33.07 -6.87 26.48
C GLY F 130 -32.03 -5.96 27.10
N TYR F 131 -30.81 -6.49 27.21
CA TYR F 131 -29.65 -5.70 27.58
C TYR F 131 -28.59 -5.87 26.50
N ARG F 132 -27.95 -4.77 26.14
CA ARG F 132 -26.68 -4.81 25.45
C ARG F 132 -25.55 -4.87 26.50
N VAL F 133 -24.76 -5.93 26.43
CA VAL F 133 -23.77 -6.26 27.42
C VAL F 133 -22.39 -6.05 26.85
N ASN F 134 -21.62 -5.17 27.48
CA ASN F 134 -20.21 -5.02 27.23
C ASN F 134 -19.41 -5.68 28.34
N ILE F 135 -18.45 -6.51 27.96
CA ILE F 135 -17.48 -7.08 28.87
C ILE F 135 -16.11 -6.52 28.53
N SER F 136 -15.52 -5.79 29.47
CA SER F 136 -14.30 -5.05 29.24
C SER F 136 -13.25 -5.45 30.26
N PRO F 137 -11.98 -5.58 29.82
CA PRO F 137 -10.89 -5.76 30.79
C PRO F 137 -10.89 -4.71 31.89
N VAL F 138 -10.69 -5.17 33.10
CA VAL F 138 -10.42 -4.31 34.25
C VAL F 138 -9.23 -4.90 35.01
N TYR F 139 -8.60 -4.04 35.81
CA TYR F 139 -7.47 -4.43 36.64
C TYR F 139 -7.88 -4.36 38.09
N ILE F 140 -7.85 -5.51 38.77
CA ILE F 140 -8.19 -5.58 40.20
C ILE F 140 -7.10 -6.37 40.91
N GLN F 141 -6.53 -5.78 41.95
CA GLN F 141 -5.56 -6.47 42.80
C GLN F 141 -4.52 -7.19 41.99
N GLY F 142 -4.00 -6.51 40.97
CA GLY F 142 -2.88 -7.04 40.19
C GLY F 142 -3.23 -8.09 39.15
N LYS F 143 -4.52 -8.32 38.93
CA LYS F 143 -4.97 -9.33 37.96
C LYS F 143 -5.94 -8.65 36.97
N THR F 144 -5.95 -9.19 35.75
CA THR F 144 -6.89 -8.78 34.74
C THR F 144 -8.17 -9.62 34.89
N THR F 145 -9.25 -8.94 35.25
CA THR F 145 -10.57 -9.54 35.26
C THR F 145 -11.45 -8.89 34.19
N ALA F 146 -12.69 -9.32 34.12
CA ALA F 146 -13.72 -8.70 33.33
C ALA F 146 -14.62 -7.85 34.22
N GLU F 147 -14.96 -6.65 33.75
CA GLU F 147 -16.16 -5.95 34.19
C GLU F 147 -17.26 -6.16 33.14
N ILE F 148 -18.44 -6.45 33.62
CA ILE F 148 -19.62 -6.65 32.77
C ILE F 148 -20.59 -5.50 33.04
N VAL F 149 -21.02 -4.83 31.99
CA VAL F 149 -22.03 -3.78 32.06
C VAL F 149 -23.17 -4.15 31.13
N MET F 150 -24.39 -4.23 31.66
CA MET F 150 -25.59 -4.52 30.89
C MET F 150 -26.47 -3.29 30.83
N ARG F 151 -26.67 -2.77 29.62
CA ARG F 151 -27.51 -1.58 29.39
C ARG F 151 -28.89 -2.07 28.93
N SER F 152 -29.90 -1.76 29.73
CA SER F 152 -31.28 -1.99 29.31
C SER F 152 -31.55 -1.24 28.01
N ILE F 153 -31.83 -1.97 26.94
CA ILE F 153 -32.11 -1.38 25.63
C ILE F 153 -33.56 -1.71 25.26
N PRO F 154 -34.24 -0.81 24.55
CA PRO F 154 -35.62 -1.09 24.15
C PRO F 154 -35.69 -2.22 23.11
N LEU F 155 -36.63 -3.11 23.29
CA LEU F 155 -36.83 -4.19 22.34
C LEU F 155 -37.27 -3.71 20.97
N ASP F 156 -38.21 -2.79 20.95
CA ASP F 156 -39.07 -2.56 19.78
C ASP F 156 -38.61 -1.26 19.09
N PRO F 157 -38.43 -1.29 17.77
CA PRO F 157 -38.16 -0.06 17.06
C PRO F 157 -39.14 1.03 17.41
N LEU F 158 -38.66 2.28 17.48
CA LEU F 158 -39.53 3.41 17.78
C LEU F 158 -40.29 3.85 16.52
N PRO F 159 -41.52 4.29 16.65
CA PRO F 159 -42.20 4.96 15.55
C PRO F 159 -41.37 6.12 14.98
N LEU F 160 -41.64 6.51 13.75
CA LEU F 160 -40.98 7.66 13.15
C LEU F 160 -41.25 8.94 13.95
N ALA F 161 -42.50 9.12 14.37
CA ALA F 161 -42.87 10.29 15.15
C ALA F 161 -41.98 10.44 16.39
N ASP F 162 -41.63 9.33 17.03
CA ASP F 162 -40.85 9.38 18.25
C ASP F 162 -39.45 9.84 18.02
N ILE F 163 -38.86 9.50 16.87
CA ILE F 163 -37.53 10.00 16.51
C ILE F 163 -37.58 11.30 15.70
N GLY F 164 -38.78 11.75 15.31
CA GLY F 164 -38.90 12.99 14.58
C GLY F 164 -38.66 12.89 13.08
N LEU F 165 -38.97 11.72 12.51
CA LEU F 165 -38.84 11.50 11.07
C LEU F 165 -40.25 11.44 10.46
N SER F 166 -40.41 12.07 9.31
CA SER F 166 -41.65 12.09 8.58
C SER F 166 -41.66 10.97 7.53
N PRO F 167 -42.84 10.42 7.24
CA PRO F 167 -42.96 9.51 6.10
C PRO F 167 -42.34 10.06 4.81
N GLU F 168 -42.61 11.33 4.49
CA GLU F 168 -42.07 11.92 3.29
C GLU F 168 -40.54 11.76 3.22
N LEU F 169 -39.87 12.00 4.35
CA LEU F 169 -38.42 11.95 4.36
C LEU F 169 -37.91 10.50 4.23
N VAL F 170 -38.52 9.59 4.96
CA VAL F 170 -38.04 8.21 4.98
C VAL F 170 -38.32 7.49 3.66
N ASN F 171 -39.39 7.88 2.98
CA ASN F 171 -39.63 7.36 1.64
C ASN F 171 -38.49 7.69 0.71
N GLN F 172 -37.89 8.87 0.83
CA GLN F 172 -36.64 9.16 0.13
C GLN F 172 -35.56 8.16 0.49
N MET F 173 -35.56 7.67 1.73
CA MET F 173 -34.55 6.74 2.21
C MET F 173 -34.88 5.27 1.94
N CYS F 174 -35.88 5.01 1.13
CA CYS F 174 -36.32 3.67 0.76
C CYS F 174 -36.20 3.47 -0.74
N PRO F 175 -35.00 3.55 -1.27
CA PRO F 175 -34.82 3.40 -2.73
C PRO F 175 -35.07 1.99 -3.20
N ASP F 176 -35.39 1.86 -4.47
CA ASP F 176 -35.46 0.53 -5.12
C ASP F 176 -34.11 -0.18 -5.12
N ASN F 177 -33.03 0.58 -5.18
CA ASN F 177 -31.69 -0.01 -5.17
C ASN F 177 -30.70 1.02 -4.65
N GLY F 178 -29.45 0.61 -4.52
CA GLY F 178 -28.40 1.50 -4.07
C GLY F 178 -28.33 1.60 -2.56
N ILE F 179 -27.57 2.57 -2.10
CA ILE F 179 -27.07 2.61 -0.73
C ILE F 179 -27.61 3.88 -0.08
N VAL F 180 -28.39 3.72 0.98
CA VAL F 180 -28.70 4.76 1.94
C VAL F 180 -27.75 4.57 3.14
N MET F 181 -27.04 5.63 3.48
CA MET F 181 -26.16 5.64 4.62
C MET F 181 -26.60 6.70 5.61
N VAL F 182 -26.64 6.32 6.89
CA VAL F 182 -26.79 7.27 7.98
C VAL F 182 -25.42 7.43 8.67
N ALA F 183 -25.01 8.67 8.86
CA ALA F 183 -23.72 8.99 9.43
C ALA F 183 -23.89 9.65 10.79
N GLY F 184 -22.90 9.46 11.66
CA GLY F 184 -22.92 10.05 12.97
C GLY F 184 -21.84 9.49 13.84
N LYS F 185 -21.69 10.10 15.01
CA LYS F 185 -20.84 9.52 16.07
C LYS F 185 -21.52 8.39 16.77
N THR F 186 -20.73 7.53 17.41
CA THR F 186 -21.27 6.28 17.97
C THR F 186 -22.45 6.52 18.90
N SER F 187 -22.45 7.65 19.60
CA SER F 187 -23.49 7.96 20.57
C SER F 187 -24.69 8.70 19.99
N SER F 188 -24.89 8.65 18.67
CA SER F 188 -25.83 9.47 17.97
C SER F 188 -27.11 8.71 17.52
N GLY F 189 -27.22 7.44 17.83
CA GLY F 189 -28.43 6.72 17.60
C GLY F 189 -28.77 6.50 16.15
N LYS F 190 -27.78 6.17 15.35
CA LYS F 190 -28.02 5.70 13.97
C LYS F 190 -28.82 4.42 13.98
N SER F 191 -28.44 3.49 14.85
CA SER F 191 -29.13 2.20 14.95
C SER F 191 -30.63 2.42 15.14
N THR F 192 -31.06 3.35 15.95
CA THR F 192 -32.45 3.57 16.21
C THR F 192 -33.13 4.18 14.99
N THR F 193 -32.49 5.16 14.34
CA THR F 193 -33.01 5.67 13.08
C THR F 193 -33.27 4.52 12.09
N PHE F 194 -32.29 3.66 11.90
CA PHE F 194 -32.40 2.60 10.91
C PHE F 194 -33.45 1.55 11.30
N SER F 195 -33.54 1.24 12.60
CA SER F 195 -34.57 0.36 13.10
C SER F 195 -35.98 0.94 12.81
N SER F 196 -36.17 2.20 13.15
CA SER F 196 -37.43 2.87 12.82
C SER F 196 -37.71 2.81 11.34
N ILE F 197 -36.71 3.09 10.52
CA ILE F 197 -36.91 3.08 9.07
C ILE F 197 -37.33 1.69 8.59
N ILE F 198 -36.76 0.66 9.19
CA ILE F 198 -37.04 -0.71 8.75
C ILE F 198 -38.42 -1.16 9.22
N ARG F 199 -38.78 -0.86 10.46
CA ARG F 199 -40.15 -1.07 10.91
C ARG F 199 -41.14 -0.36 10.00
N TYR F 200 -40.91 0.90 9.71
CA TYR F 200 -41.76 1.64 8.78
C TYR F 200 -41.83 0.96 7.43
N ILE F 201 -40.70 0.48 6.93
CA ILE F 201 -40.69 -0.25 5.66
C ILE F 201 -41.61 -1.46 5.72
N MET F 202 -41.48 -2.25 6.77
CA MET F 202 -42.32 -3.46 6.92
C MET F 202 -43.80 -3.13 7.06
N GLU F 203 -44.09 -2.06 7.75
CA GLU F 203 -45.47 -1.74 8.14
C GLU F 203 -46.25 -0.99 7.08
N ASN F 204 -45.55 -0.37 6.12
CA ASN F 204 -46.16 0.49 5.12
C ASN F 204 -45.82 0.00 3.73
N ASP F 205 -46.48 0.58 2.74
CA ASP F 205 -46.24 0.28 1.34
C ASP F 205 -45.03 1.12 0.89
N THR F 206 -43.92 0.45 0.64
CA THR F 206 -42.66 1.10 0.30
C THR F 206 -42.08 0.44 -0.95
N PRO F 207 -41.23 1.18 -1.67
CA PRO F 207 -40.40 0.53 -2.69
C PRO F 207 -39.65 -0.72 -2.20
N ILE F 208 -39.32 -0.79 -0.94
CA ILE F 208 -38.59 -1.89 -0.36
C ILE F 208 -39.60 -2.86 0.26
N LYS F 209 -39.69 -4.06 -0.30
CA LYS F 209 -40.49 -5.13 0.27
C LYS F 209 -39.77 -6.46 0.04
N GLY F 210 -39.96 -7.39 0.95
CA GLY F 210 -39.56 -8.77 0.74
C GLY F 210 -38.72 -9.34 1.87
N HIS F 211 -37.56 -9.86 1.55
CA HIS F 211 -36.60 -10.35 2.53
C HIS F 211 -35.72 -9.21 3.00
N LEU F 212 -35.76 -8.93 4.29
CA LEU F 212 -34.93 -7.89 4.92
C LEU F 212 -33.96 -8.57 5.85
N LEU F 213 -32.66 -8.43 5.56
CA LEU F 213 -31.60 -8.88 6.42
C LEU F 213 -30.94 -7.71 7.08
N THR F 214 -30.59 -7.88 8.35
CA THR F 214 -29.76 -6.90 9.07
C THR F 214 -28.58 -7.68 9.65
N HIS F 215 -27.36 -7.19 9.41
CA HIS F 215 -26.18 -7.62 10.11
C HIS F 215 -25.83 -6.57 11.16
N GLU F 216 -26.10 -6.92 12.42
CA GLU F 216 -25.78 -6.06 13.56
C GLU F 216 -24.68 -6.69 14.36
N ASP F 217 -23.67 -5.91 14.73
CA ASP F 217 -22.66 -6.28 15.71
C ASP F 217 -23.37 -6.90 16.93
N PRO F 218 -23.58 -6.11 17.99
CA PRO F 218 -24.72 -6.37 18.86
C PRO F 218 -26.04 -6.05 18.19
N ILE F 219 -26.86 -7.05 17.94
CA ILE F 219 -28.28 -6.86 17.67
C ILE F 219 -28.90 -6.08 18.83
N GLU F 220 -29.46 -4.91 18.54
CA GLU F 220 -30.07 -4.06 19.52
C GLU F 220 -31.58 -4.17 19.49
N PHE F 221 -32.17 -3.67 18.43
CA PHE F 221 -33.62 -3.73 18.23
C PHE F 221 -33.99 -5.04 17.55
N VAL F 222 -35.15 -5.55 17.90
CA VAL F 222 -35.71 -6.76 17.30
C VAL F 222 -37.06 -6.44 16.68
N TYR F 223 -37.44 -7.23 15.69
CA TYR F 223 -38.70 -7.01 14.96
C TYR F 223 -39.66 -8.18 15.12
N ASP F 224 -39.63 -8.82 16.29
CA ASP F 224 -40.56 -9.93 16.55
C ASP F 224 -41.97 -9.42 16.69
N ASN F 225 -42.16 -8.22 17.21
CA ASN F 225 -43.52 -7.67 17.42
C ASN F 225 -43.96 -6.73 16.28
N ILE F 226 -43.20 -6.67 15.20
CA ILE F 226 -43.55 -5.85 14.06
C ILE F 226 -44.23 -6.75 13.02
N LYS F 227 -45.53 -6.55 12.84
CA LYS F 227 -46.32 -7.31 11.90
C LYS F 227 -46.26 -6.63 10.54
N SER F 228 -45.87 -7.36 9.50
CA SER F 228 -45.72 -6.85 8.16
C SER F 228 -46.66 -7.60 7.22
N ALA F 229 -47.11 -6.88 6.18
CA ALA F 229 -47.99 -7.46 5.18
C ALA F 229 -47.26 -8.20 4.06
N HIS F 230 -45.99 -7.92 3.90
CA HIS F 230 -45.31 -8.16 2.61
C HIS F 230 -43.85 -8.53 2.80
N SER F 231 -43.35 -8.46 4.03
CA SER F 231 -41.93 -8.42 4.31
C SER F 231 -41.61 -9.42 5.43
N ILE F 232 -40.46 -10.08 5.31
CA ILE F 232 -39.90 -10.87 6.39
C ILE F 232 -38.50 -10.33 6.72
N ILE F 233 -38.17 -10.35 7.97
CA ILE F 233 -36.95 -9.72 8.50
C ILE F 233 -36.16 -10.79 9.26
N ALA F 234 -34.86 -10.86 8.98
CA ALA F 234 -33.96 -11.81 9.63
C ALA F 234 -32.75 -11.04 10.10
N GLN F 235 -32.47 -11.02 11.39
CA GLN F 235 -31.33 -10.37 11.98
C GLN F 235 -30.28 -11.36 12.37
N SER F 236 -29.02 -10.92 12.31
CA SER F 236 -27.86 -11.77 12.61
C SER F 236 -26.88 -10.98 13.45
N GLN F 237 -26.43 -11.57 14.55
CA GLN F 237 -25.31 -11.01 15.31
C GLN F 237 -23.99 -11.42 14.68
N ILE F 238 -23.00 -10.54 14.82
CA ILE F 238 -21.96 -10.37 13.82
C ILE F 238 -20.66 -10.94 14.30
N PRO F 239 -20.32 -10.68 15.56
CA PRO F 239 -19.46 -11.68 16.29
C PRO F 239 -20.10 -13.07 16.25
N GLU F 240 -21.33 -13.19 16.76
CA GLU F 240 -21.73 -14.39 17.45
C GLU F 240 -22.34 -15.43 16.53
N GLN F 241 -23.13 -15.01 15.54
CA GLN F 241 -23.74 -15.92 14.59
C GLN F 241 -23.01 -15.99 13.26
N PHE F 242 -22.58 -14.83 12.74
CA PHE F 242 -21.60 -14.78 11.66
C PHE F 242 -20.28 -14.25 12.20
N SER F 243 -19.17 -14.88 11.75
CA SER F 243 -17.86 -14.58 12.33
C SER F 243 -17.42 -13.17 12.02
N SER F 244 -17.66 -12.74 10.78
CA SER F 244 -17.32 -11.40 10.31
C SER F 244 -18.45 -10.84 9.50
N PHE F 245 -18.46 -9.53 9.34
CA PHE F 245 -19.34 -8.84 8.40
C PHE F 245 -19.02 -9.27 6.96
N ALA F 246 -17.76 -9.54 6.64
CA ALA F 246 -17.43 -10.08 5.34
C ALA F 246 -18.19 -11.39 5.08
N ILE F 247 -18.13 -12.32 6.01
CA ILE F 247 -18.81 -13.59 5.85
C ILE F 247 -20.31 -13.37 5.73
N ALA F 248 -20.86 -12.50 6.58
CA ALA F 248 -22.30 -12.22 6.53
C ALA F 248 -22.69 -11.67 5.16
N ASN F 249 -21.88 -10.82 4.56
CA ASN F 249 -22.23 -10.22 3.28
C ASN F 249 -22.08 -11.19 2.13
N GLN F 250 -20.98 -11.95 2.12
CA GLN F 250 -20.86 -13.05 1.18
C GLN F 250 -22.08 -13.97 1.21
N GLU F 251 -22.49 -14.36 2.42
CA GLU F 251 -23.66 -15.24 2.56
C GLU F 251 -24.96 -14.54 2.16
N ALA F 252 -25.01 -13.22 2.30
CA ALA F 252 -26.27 -12.50 2.14
C ALA F 252 -26.77 -12.63 0.71
N LEU F 253 -25.89 -12.53 -0.27
CA LEU F 253 -26.29 -12.66 -1.66
C LEU F 253 -26.81 -14.02 -2.00
N ARG F 254 -26.59 -15.02 -1.16
CA ARG F 254 -27.22 -16.33 -1.30
C ARG F 254 -28.59 -16.43 -0.68
N ARG F 255 -29.09 -15.36 -0.06
CA ARG F 255 -30.33 -15.40 0.70
C ARG F 255 -31.41 -14.53 0.12
N THR F 256 -31.28 -14.14 -1.15
CA THR F 256 -32.34 -13.43 -1.87
C THR F 256 -32.90 -12.27 -1.07
N PRO F 257 -32.07 -11.45 -0.46
CA PRO F 257 -32.56 -10.28 0.26
C PRO F 257 -33.17 -9.23 -0.67
N ASN F 258 -34.21 -8.58 -0.17
CA ASN F 258 -34.68 -7.32 -0.71
C ASN F 258 -34.19 -6.10 0.04
N LEU F 259 -33.55 -6.29 1.17
CA LEU F 259 -32.86 -5.21 1.87
C LEU F 259 -31.71 -5.80 2.68
N ILE F 260 -30.58 -5.10 2.68
CA ILE F 260 -29.40 -5.47 3.44
C ILE F 260 -28.99 -4.28 4.27
N MET F 261 -29.29 -4.32 5.57
CA MET F 261 -28.59 -3.49 6.55
C MET F 261 -27.19 -4.06 6.78
N ILE F 262 -26.21 -3.47 6.15
CA ILE F 262 -24.83 -3.99 6.17
C ILE F 262 -24.08 -3.62 7.44
N GLY F 263 -24.59 -2.73 8.25
CA GLY F 263 -23.80 -2.12 9.30
C GLY F 263 -22.87 -1.06 8.78
N GLU F 264 -21.76 -0.86 9.47
CA GLU F 264 -20.91 0.30 9.27
C GLU F 264 -19.98 0.09 8.09
N LEU F 265 -19.88 1.12 7.25
CA LEU F 265 -18.84 1.17 6.21
C LEU F 265 -17.59 1.78 6.82
N ARG F 266 -16.57 0.97 7.02
CA ARG F 266 -15.36 1.35 7.74
C ARG F 266 -14.11 1.27 6.87
N ASP F 267 -13.90 0.16 6.18
CA ASP F 267 -12.70 -0.07 5.41
C ASP F 267 -13.08 -0.38 3.96
N LYS F 268 -12.08 -0.62 3.14
CA LYS F 268 -12.29 -0.98 1.75
C LYS F 268 -13.22 -2.16 1.61
N GLN F 269 -13.05 -3.20 2.43
CA GLN F 269 -13.84 -4.42 2.31
C GLN F 269 -15.34 -4.13 2.46
N SER F 270 -15.68 -3.43 3.52
CA SER F 270 -17.09 -3.12 3.78
C SER F 270 -17.68 -2.26 2.66
N ILE F 271 -16.98 -1.24 2.24
CA ILE F 271 -17.50 -0.35 1.20
C ILE F 271 -17.68 -1.12 -0.12
N GLU F 272 -16.75 -2.01 -0.43
CA GLU F 272 -16.87 -2.81 -1.65
C GLU F 272 -18.03 -3.78 -1.56
N SER F 273 -18.23 -4.38 -0.39
CA SER F 273 -19.40 -5.24 -0.16
C SER F 273 -20.70 -4.46 -0.39
N ALA F 274 -20.77 -3.25 0.18
CA ALA F 274 -21.93 -2.40 -0.07
C ALA F 274 -22.08 -2.13 -1.58
N PHE F 275 -21.00 -1.86 -2.26
CA PHE F 275 -21.05 -1.68 -3.70
C PHE F 275 -21.67 -2.88 -4.39
N GLU F 276 -21.22 -4.09 -4.03
CA GLU F 276 -21.69 -5.29 -4.70
C GLU F 276 -23.16 -5.52 -4.42
N ALA F 277 -23.57 -5.42 -3.15
CA ALA F 277 -24.98 -5.59 -2.80
C ALA F 277 -25.83 -4.57 -3.55
N ALA F 278 -25.45 -3.31 -3.53
CA ALA F 278 -26.20 -2.29 -4.25
C ALA F 278 -26.30 -2.58 -5.74
N ASN F 279 -25.22 -3.08 -6.31
CA ASN F 279 -25.10 -3.22 -7.77
C ASN F 279 -25.72 -4.50 -8.26
N THR F 280 -25.95 -5.47 -7.40
CA THR F 280 -26.70 -6.67 -7.74
C THR F 280 -28.17 -6.58 -7.33
N GLY F 281 -28.63 -5.41 -6.96
CA GLY F 281 -30.05 -5.07 -7.12
C GLY F 281 -30.75 -4.89 -5.79
N HIS F 282 -30.03 -4.41 -4.78
CA HIS F 282 -30.50 -4.46 -3.41
C HIS F 282 -30.42 -3.08 -2.79
N PRO F 283 -31.46 -2.68 -2.02
CA PRO F 283 -31.28 -1.56 -1.11
C PRO F 283 -30.31 -1.96 0.05
N VAL F 284 -29.35 -1.08 0.32
CA VAL F 284 -28.35 -1.29 1.33
C VAL F 284 -28.38 -0.14 2.31
N PHE F 285 -28.66 -0.45 3.58
CA PHE F 285 -28.57 0.51 4.67
C PHE F 285 -27.22 0.35 5.35
N ALA F 286 -26.38 1.37 5.24
CA ALA F 286 -25.07 1.41 5.87
C ALA F 286 -24.99 2.58 6.82
N THR F 287 -24.23 2.39 7.90
CA THR F 287 -23.85 3.49 8.78
C THR F 287 -22.42 3.89 8.53
N VAL F 288 -22.14 5.17 8.73
CA VAL F 288 -20.79 5.70 8.65
C VAL F 288 -20.54 6.58 9.88
N HIS F 289 -19.31 6.54 10.38
CA HIS F 289 -18.90 7.33 11.52
C HIS F 289 -18.27 8.62 11.01
N SER F 290 -19.12 9.56 10.65
CA SER F 290 -18.68 10.84 10.08
C SER F 290 -19.57 11.96 10.56
N GLN F 291 -19.03 13.17 10.55
CA GLN F 291 -19.74 14.33 11.11
C GLN F 291 -20.90 14.79 10.21
N ASN F 292 -20.69 14.73 8.89
CA ASN F 292 -21.65 15.23 7.94
C ASN F 292 -21.50 14.48 6.63
N CYS F 293 -22.36 14.78 5.67
CA CYS F 293 -22.36 14.08 4.38
C CYS F 293 -21.04 14.27 3.63
N SER F 294 -20.62 15.51 3.48
CA SER F 294 -19.30 15.81 2.95
C SER F 294 -18.23 14.96 3.66
N ALA F 295 -18.28 14.90 4.98
CA ALA F 295 -17.35 14.07 5.74
C ALA F 295 -17.48 12.59 5.34
N VAL F 296 -18.72 12.14 5.14
CA VAL F 296 -18.97 10.76 4.77
C VAL F 296 -18.26 10.43 3.45
N MET F 297 -18.64 11.13 2.40
CA MET F 297 -17.99 10.95 1.10
C MET F 297 -16.45 11.02 1.25
N ARG F 298 -15.96 12.04 1.94
CA ARG F 298 -14.53 12.24 2.06
C ARG F 298 -13.85 11.00 2.66
N ARG F 299 -14.41 10.47 3.76
CA ARG F 299 -13.83 9.33 4.40
C ARG F 299 -13.92 8.10 3.50
N LEU F 300 -15.13 7.79 3.00
CA LEU F 300 -15.30 6.60 2.18
C LEU F 300 -14.33 6.58 0.98
N ILE F 301 -14.09 7.76 0.38
CA ILE F 301 -13.10 7.83 -0.66
C ILE F 301 -11.73 7.63 -0.09
N SER F 302 -11.41 8.27 1.02
CA SER F 302 -10.09 8.11 1.66
C SER F 302 -9.74 6.63 1.88
N ARG F 303 -10.77 5.79 2.05
CA ARG F 303 -10.51 4.39 2.35
C ARG F 303 -9.73 3.65 1.24
N PHE F 304 -9.76 4.19 0.03
CA PHE F 304 -9.25 3.51 -1.15
C PHE F 304 -7.90 4.07 -1.54
N ASP F 305 -7.01 3.18 -2.03
CA ASP F 305 -5.76 3.62 -2.57
C ASP F 305 -6.00 4.48 -3.84
N GLU F 306 -5.02 5.36 -4.09
CA GLU F 306 -5.18 6.33 -5.14
C GLU F 306 -5.16 5.66 -6.48
N SER F 307 -4.34 4.62 -6.65
CA SER F 307 -4.37 3.85 -7.92
C SER F 307 -5.82 3.47 -8.33
N VAL F 308 -6.59 3.00 -7.35
CA VAL F 308 -7.90 2.46 -7.64
C VAL F 308 -9.05 3.45 -7.34
N ARG F 309 -8.72 4.67 -6.99
CA ARG F 309 -9.65 5.53 -6.25
C ARG F 309 -10.68 6.22 -7.15
N GLY F 310 -10.39 6.36 -8.44
CA GLY F 310 -11.35 6.84 -9.38
C GLY F 310 -12.56 5.97 -9.58
N ALA F 311 -12.29 4.72 -9.95
CA ALA F 311 -13.32 3.65 -9.91
C ALA F 311 -14.12 3.70 -8.62
N ALA F 312 -13.47 3.86 -7.52
CA ALA F 312 -14.15 3.88 -6.22
C ALA F 312 -15.05 5.07 -6.10
N ILE F 313 -14.61 6.23 -6.56
CA ILE F 313 -15.43 7.44 -6.50
C ILE F 313 -16.69 7.25 -7.39
N TYR F 314 -16.50 6.71 -8.60
CA TYR F 314 -17.62 6.45 -9.47
C TYR F 314 -18.61 5.48 -8.85
N ASP F 315 -18.12 4.38 -8.35
CA ASP F 315 -18.98 3.40 -7.65
C ASP F 315 -19.74 4.08 -6.52
N LEU F 316 -19.05 4.87 -5.70
CA LEU F 316 -19.68 5.48 -4.54
C LEU F 316 -20.78 6.46 -4.94
N VAL F 317 -20.50 7.31 -5.91
CA VAL F 317 -21.51 8.26 -6.39
C VAL F 317 -22.70 7.53 -7.06
N GLU F 318 -22.41 6.47 -7.79
CA GLU F 318 -23.43 5.81 -8.59
C GLU F 318 -24.29 4.86 -7.80
N THR F 319 -23.79 4.35 -6.67
CA THR F 319 -24.57 3.48 -5.81
C THR F 319 -25.26 4.21 -4.67
N THR F 320 -24.75 5.38 -4.27
CA THR F 320 -25.38 6.16 -3.23
C THR F 320 -26.71 6.71 -3.70
N ARG F 321 -27.75 6.56 -2.86
CA ARG F 321 -29.03 7.18 -3.10
C ARG F 321 -29.38 8.25 -2.09
N PHE F 322 -28.77 8.24 -0.91
CA PHE F 322 -29.20 9.08 0.19
C PHE F 322 -28.19 9.02 1.33
N ILE F 323 -27.82 10.18 1.85
CA ILE F 323 -26.81 10.28 2.90
C ILE F 323 -27.39 11.13 4.01
N MET F 324 -27.49 10.53 5.21
CA MET F 324 -27.93 11.22 6.42
C MET F 324 -26.82 11.23 7.43
N ALA F 325 -26.37 12.39 7.83
CA ALA F 325 -25.65 12.59 9.09
C ALA F 325 -26.62 13.10 10.14
N GLN F 326 -26.50 12.56 11.36
CA GLN F 326 -27.41 12.84 12.46
C GLN F 326 -26.62 12.94 13.75
N THR F 327 -26.93 13.95 14.55
CA THR F 327 -26.30 14.13 15.86
C THR F 327 -27.39 14.43 16.88
N LEU F 328 -27.11 14.06 18.12
CA LEU F 328 -28.01 14.26 19.25
C LEU F 328 -27.60 15.48 20.01
N VAL F 329 -28.52 16.44 20.18
CA VAL F 329 -28.25 17.70 20.84
C VAL F 329 -29.25 17.88 21.97
N ARG F 330 -28.88 18.70 22.95
CA ARG F 330 -29.73 19.00 24.08
C ARG F 330 -30.86 19.93 23.65
N LYS F 331 -32.09 19.56 23.99
CA LYS F 331 -33.20 20.49 23.92
C LYS F 331 -33.14 21.52 25.03
N THR F 332 -33.97 22.53 24.93
CA THR F 332 -34.16 23.49 26.01
C THR F 332 -34.45 22.76 27.32
N ASP F 333 -35.36 21.78 27.27
CA ASP F 333 -35.79 21.12 28.50
C ASP F 333 -34.66 20.28 29.09
N GLY F 334 -33.85 19.65 28.24
CA GLY F 334 -32.73 18.89 28.69
C GLY F 334 -32.66 17.49 28.11
N ASN F 335 -33.74 17.00 27.50
CA ASN F 335 -33.70 15.81 26.72
C ASN F 335 -32.95 16.02 25.40
N LEU F 336 -32.66 14.90 24.74
CA LEU F 336 -31.94 14.92 23.48
C LEU F 336 -32.93 14.90 22.30
N VAL F 337 -32.59 15.63 21.25
CA VAL F 337 -33.27 15.51 19.96
C VAL F 337 -32.20 15.23 18.89
N ALA F 338 -32.61 14.48 17.86
CA ALA F 338 -31.76 14.22 16.73
C ALA F 338 -31.92 15.32 15.70
N ALA F 339 -30.88 16.13 15.52
CA ALA F 339 -30.74 16.97 14.34
C ALA F 339 -30.11 16.18 13.21
N ARG F 340 -30.67 16.31 12.01
CA ARG F 340 -30.25 15.57 10.85
C ARG F 340 -30.00 16.52 9.69
N GLU F 341 -28.87 16.34 9.02
CA GLU F 341 -28.64 16.83 7.68
C GLU F 341 -28.56 15.70 6.71
N TYR F 342 -29.21 15.82 5.55
CA TYR F 342 -29.30 14.75 4.59
C TYR F 342 -29.23 15.34 3.17
N LEU F 343 -28.67 14.56 2.25
CA LEU F 343 -28.81 14.80 0.83
C LEU F 343 -29.42 13.57 0.17
N ASN F 344 -30.43 13.82 -0.69
CA ASN F 344 -30.97 12.78 -1.54
C ASN F 344 -30.20 12.75 -2.86
N PHE F 345 -29.56 11.62 -3.15
CA PHE F 345 -28.74 11.48 -4.36
C PHE F 345 -29.64 11.11 -5.53
N THR F 346 -30.24 12.14 -6.11
CA THR F 346 -31.05 11.96 -7.30
C THR F 346 -30.18 11.71 -8.52
N THR F 347 -30.81 11.26 -9.60
CA THR F 347 -30.11 11.11 -10.87
C THR F 347 -29.42 12.42 -11.28
N ASP F 348 -30.05 13.54 -11.04
CA ASP F 348 -29.46 14.82 -11.39
C ASP F 348 -28.29 15.13 -10.49
N ILE F 349 -28.47 15.00 -9.18
CA ILE F 349 -27.36 15.14 -8.22
C ILE F 349 -26.17 14.25 -8.64
N ARG F 350 -26.46 12.97 -8.84
CA ARG F 350 -25.37 12.04 -9.13
C ARG F 350 -24.68 12.37 -10.42
N GLU F 351 -25.44 12.71 -11.45
CA GLU F 351 -24.83 13.09 -12.74
C GLU F 351 -23.98 14.32 -12.57
N GLN F 352 -24.43 15.29 -11.79
CA GLN F 352 -23.58 16.44 -11.46
C GLN F 352 -22.28 16.02 -10.78
N LEU F 353 -22.37 15.08 -9.85
CA LEU F 353 -21.17 14.59 -9.17
C LEU F 353 -20.23 13.85 -10.14
N LEU F 354 -20.78 13.24 -11.16
CA LEU F 354 -19.99 12.39 -12.05
C LEU F 354 -19.15 13.17 -13.02
N SER F 355 -19.64 14.31 -13.49
CA SER F 355 -18.94 15.11 -14.51
C SER F 355 -18.45 16.40 -13.84
N LEU F 356 -17.47 16.24 -12.98
CA LEU F 356 -16.66 17.38 -12.50
C LEU F 356 -15.35 17.43 -13.28
N SER F 357 -14.81 18.63 -13.40
CA SER F 357 -13.51 18.81 -14.06
C SER F 357 -12.43 17.89 -13.43
N ASP F 358 -12.50 17.66 -12.13
CA ASP F 358 -11.62 16.72 -11.48
C ASP F 358 -12.31 16.14 -10.26
N MET F 359 -12.24 14.83 -10.11
CA MET F 359 -13.10 14.11 -9.18
C MET F 359 -12.67 14.21 -7.72
N GLY F 360 -11.40 14.58 -7.49
CA GLY F 360 -10.93 14.82 -6.14
C GLY F 360 -11.85 15.73 -5.30
N LYS F 361 -12.54 16.64 -6.00
CA LYS F 361 -13.36 17.64 -5.33
C LYS F 361 -14.77 17.16 -4.99
N VAL F 362 -15.10 15.93 -5.34
CA VAL F 362 -16.44 15.40 -5.08
C VAL F 362 -16.94 15.75 -3.67
N ALA F 363 -16.15 15.41 -2.67
CA ALA F 363 -16.47 15.79 -1.29
C ALA F 363 -16.98 17.25 -1.20
N SER F 364 -16.12 18.17 -1.53
CA SER F 364 -16.51 19.58 -1.56
C SER F 364 -17.85 19.77 -2.29
N GLU F 365 -17.90 19.33 -3.55
CA GLU F 365 -19.14 19.37 -4.29
C GLU F 365 -20.34 18.94 -3.47
N VAL F 366 -20.25 17.75 -2.88
CA VAL F 366 -21.35 17.23 -2.07
C VAL F 366 -21.79 18.26 -1.06
N ARG F 367 -20.84 18.78 -0.28
CA ARG F 367 -21.12 19.89 0.61
C ARG F 367 -21.97 20.95 -0.08
N ARG F 368 -21.40 21.60 -1.10
CA ARG F 368 -22.16 22.51 -1.93
C ARG F 368 -23.57 22.00 -2.19
N LEU F 369 -23.68 20.81 -2.81
CA LEU F 369 -24.97 20.27 -3.17
C LEU F 369 -25.93 20.15 -1.97
N VAL F 370 -25.40 19.72 -0.84
CA VAL F 370 -26.21 19.64 0.37
C VAL F 370 -26.82 21.01 0.72
N ASP F 371 -25.98 22.04 0.64
CA ASP F 371 -26.47 23.40 0.88
C ASP F 371 -27.51 23.81 -0.15
N GLU F 372 -27.34 23.37 -1.40
CA GLU F 372 -28.21 23.83 -2.47
C GLU F 372 -29.53 23.09 -2.51
N PHE F 373 -29.45 21.76 -2.45
CA PHE F 373 -30.63 20.89 -2.67
C PHE F 373 -30.96 20.01 -1.50
N GLY F 374 -30.01 19.76 -0.59
CA GLY F 374 -30.25 18.93 0.58
C GLY F 374 -30.69 19.72 1.80
N HIS F 375 -30.61 19.08 2.95
CA HIS F 375 -31.01 19.66 4.23
C HIS F 375 -29.79 19.83 5.11
N PRO F 376 -29.08 20.94 5.01
CA PRO F 376 -27.87 21.13 5.82
C PRO F 376 -28.17 21.26 7.30
N PHE F 377 -27.13 21.21 8.09
CA PHE F 377 -27.27 21.32 9.56
C PHE F 377 -27.70 22.72 9.93
N SER F 378 -27.31 23.76 9.17
CA SER F 378 -27.74 25.11 9.46
C SER F 378 -29.27 25.25 9.34
N LEU F 379 -29.85 24.69 8.28
CA LEU F 379 -31.28 24.74 8.12
C LEU F 379 -32.01 24.00 9.26
N GLU F 380 -31.54 22.79 9.58
CA GLU F 380 -32.12 22.04 10.66
C GLU F 380 -32.05 22.76 12.01
N ALA F 381 -30.90 23.33 12.31
CA ALA F 381 -30.75 24.13 13.53
C ALA F 381 -31.68 25.33 13.52
N GLU F 382 -31.90 25.92 12.34
CA GLU F 382 -32.83 27.04 12.23
C GLU F 382 -34.24 26.61 12.57
N ARG F 383 -34.68 25.48 12.00
CA ARG F 383 -36.03 25.00 12.27
C ARG F 383 -36.24 24.63 13.76
N LEU F 384 -35.28 23.88 14.30
CA LEU F 384 -35.39 23.49 15.70
C LEU F 384 -35.32 24.70 16.63
N HIS F 385 -34.59 25.75 16.24
CA HIS F 385 -34.51 26.94 17.07
C HIS F 385 -35.81 27.74 17.00
N SER F 386 -36.39 27.84 15.80
CA SER F 386 -37.61 28.65 15.65
C SER F 386 -38.77 28.00 16.40
N ASP F 387 -38.89 26.68 16.30
CA ASP F 387 -39.90 25.94 17.05
C ASP F 387 -39.53 25.79 18.53
N GLY F 388 -38.48 26.44 18.99
CA GLY F 388 -38.21 26.51 20.41
C GLY F 388 -37.79 25.22 21.03
N ILE F 389 -37.37 24.25 20.23
CA ILE F 389 -36.93 22.96 20.78
C ILE F 389 -35.50 23.07 21.32
N ILE F 390 -34.65 23.81 20.61
CA ILE F 390 -33.25 23.96 20.97
C ILE F 390 -32.94 25.44 21.12
N ASP F 391 -32.15 25.79 22.11
CA ASP F 391 -31.82 27.17 22.39
C ASP F 391 -30.85 27.72 21.34
N GLY F 392 -30.67 29.03 21.34
CA GLY F 392 -29.87 29.69 20.34
C GLY F 392 -28.40 29.29 20.37
N HIS F 393 -27.87 28.97 21.56
CA HIS F 393 -26.54 28.44 21.67
C HIS F 393 -26.39 27.10 20.92
N VAL F 394 -27.20 26.12 21.28
CA VAL F 394 -27.18 24.84 20.61
C VAL F 394 -27.42 25.01 19.09
N ALA F 395 -28.28 25.95 18.73
CA ALA F 395 -28.59 26.17 17.33
C ALA F 395 -27.35 26.69 16.59
N LYS F 396 -26.70 27.69 17.13
CA LYS F 396 -25.53 28.27 16.46
C LYS F 396 -24.40 27.29 16.41
N ARG F 397 -24.10 26.62 17.53
CA ARG F 397 -23.21 25.45 17.49
C ARG F 397 -23.56 24.50 16.35
N LEU F 398 -24.86 24.29 16.13
CA LEU F 398 -25.30 23.21 15.24
C LEU F 398 -25.17 23.60 13.78
N SER F 399 -25.47 24.84 13.45
CA SER F 399 -25.14 25.36 12.13
C SER F 399 -23.64 25.48 11.91
N MET F 400 -22.82 25.38 12.95
CA MET F 400 -21.44 25.82 12.92
C MET F 400 -20.49 24.71 12.54
N MET F 401 -20.96 23.61 11.99
CA MET F 401 -20.10 22.46 11.72
C MET F 401 -18.85 22.89 10.94
N SER F 402 -19.05 23.57 9.82
CA SER F 402 -17.93 23.87 8.92
C SER F 402 -18.44 24.70 7.72
#